data_5XU6
#
_entry.id   5XU6
#
_cell.length_a   95.810
_cell.length_b   59.740
_cell.length_c   379.674
_cell.angle_alpha   90.000
_cell.angle_beta   96.360
_cell.angle_gamma   90.000
#
_symmetry.space_group_name_H-M   'I 1 2 1'
#
loop_
_entity.id
_entity.type
_entity.pdbx_description
1 polymer 'Inositol-pentakisphosphate 2-kinase'
2 non-polymer 'SULFATE ION'
3 water water
#
_entity_poly.entity_id   1
_entity_poly.type   'polypeptide(L)'
_entity_poly.pdbx_seq_one_letter_code
;GH(MSE)NDGNHYRTATSPNPSADTQPSDWAYIAEGGAHIVFSYQGQSKTYATRALRVRKPSATTESLAAAAANDVSGQW
RRNILPKLVPRQLLTTSREVTLEEGWYKELLA(MSE)VDVVRPAQRKSAIDLAAKGDRRGVLLEDLTSNVDDDGAITVAI
EIKPKWGFLPCAGHLQPPESVSIKSHVSRFRLHQHFRGRADDPPYDPLDLFSGDK(MSE)R(MSE)RTALDGLWT(MSE)
WEISRGKSNNWKVFIGSKEISPDDLQRGLLP(MSE)GGDDLVTNITQLTLSALQTSSALPLLKNLQQNLDPIDISSLAAL
FQAEHPNSPIFDPDLIAEVSAVELNSFVDIYISDPQAGQR(MSE)DSWSLRERIIAYALSAIFKDCSLFVRGVLKHAEDG
AWRLVSGGESVKVIDLDLKPVKNIQKWAETDEKVWKHWLKTKGTR
;
_entity_poly.pdbx_strand_id   A,B,C,D
#
loop_
_chem_comp.id
_chem_comp.type
_chem_comp.name
_chem_comp.formula
SO4 non-polymer 'SULFATE ION' 'O4 S -2'
#
# COMPACT_ATOMS: atom_id res chain seq x y z
N THR A 21 -15.17 11.57 -8.53
CA THR A 21 -14.14 10.87 -9.28
C THR A 21 -14.39 10.96 -10.79
N GLN A 22 -14.90 12.10 -11.25
CA GLN A 22 -15.19 12.30 -12.66
C GLN A 22 -14.15 13.20 -13.34
N PRO A 23 -13.91 12.97 -14.64
CA PRO A 23 -12.93 13.72 -15.44
C PRO A 23 -13.18 15.22 -15.56
N SER A 24 -14.43 15.65 -15.53
CA SER A 24 -14.75 17.07 -15.61
C SER A 24 -14.17 17.83 -14.42
N ASP A 25 -14.09 17.14 -13.28
CA ASP A 25 -13.66 17.73 -12.02
C ASP A 25 -12.15 18.02 -11.93
N TRP A 26 -11.36 17.49 -12.87
CA TRP A 26 -9.92 17.75 -12.85
C TRP A 26 -9.61 18.96 -13.72
N ALA A 27 -8.76 19.86 -13.21
CA ALA A 27 -8.46 21.08 -13.93
C ALA A 27 -7.01 21.10 -14.41
N TYR A 28 -6.83 21.50 -15.66
CA TYR A 28 -5.52 21.53 -16.27
C TYR A 28 -4.69 22.61 -15.58
N ILE A 29 -3.59 22.21 -14.95
CA ILE A 29 -2.71 23.13 -14.24
C ILE A 29 -1.27 23.06 -14.74
N ALA A 30 -1.05 23.40 -16.01
CA ALA A 30 0.26 23.25 -16.64
C ALA A 30 0.81 21.83 -16.47
N GLY A 33 7.95 16.58 -16.99
CA GLY A 33 8.75 16.71 -18.20
C GLY A 33 7.89 16.90 -19.43
N ALA A 34 7.48 15.79 -20.03
CA ALA A 34 6.58 15.81 -21.18
C ALA A 34 5.25 15.22 -20.76
N HIS A 35 4.86 15.51 -19.52
CA HIS A 35 3.59 15.06 -18.98
C HIS A 35 2.62 16.23 -18.84
N ILE A 36 1.43 15.95 -18.33
CA ILE A 36 0.46 16.99 -18.05
C ILE A 36 -0.04 16.78 -16.63
N VAL A 37 -0.20 17.87 -15.88
CA VAL A 37 -0.68 17.72 -14.52
C VAL A 37 -2.09 18.27 -14.42
N PHE A 38 -2.87 17.69 -13.52
CA PHE A 38 -4.22 18.15 -13.32
C PHE A 38 -4.43 18.38 -11.85
N SER A 39 -5.27 19.35 -11.53
CA SER A 39 -5.54 19.61 -10.13
C SER A 39 -6.98 19.32 -9.79
N TYR A 40 -7.19 18.70 -8.64
CA TYR A 40 -8.54 18.46 -8.16
C TYR A 40 -9.03 19.74 -7.49
N GLN A 41 -9.03 20.84 -8.24
CA GLN A 41 -9.33 22.17 -7.72
C GLN A 41 -10.70 22.62 -8.16
N GLY A 42 -11.57 21.65 -8.42
CA GLY A 42 -12.95 21.89 -8.79
C GLY A 42 -13.61 20.56 -8.47
N GLN A 43 -13.76 20.30 -7.17
CA GLN A 43 -14.19 18.99 -6.71
C GLN A 43 -14.71 19.03 -5.28
N SER A 44 -15.91 18.51 -5.09
CA SER A 44 -16.54 18.49 -3.79
C SER A 44 -16.38 17.13 -3.15
N LYS A 45 -15.56 16.29 -3.77
CA LYS A 45 -15.34 14.93 -3.27
C LYS A 45 -14.29 14.92 -2.18
N THR A 46 -14.03 13.74 -1.61
CA THR A 46 -12.97 13.60 -0.61
C THR A 46 -11.68 13.63 -1.44
N TYR A 47 -10.52 13.63 -0.80
CA TYR A 47 -9.25 13.61 -1.52
C TYR A 47 -9.08 14.89 -2.36
N ALA A 48 -9.61 15.96 -1.80
CA ALA A 48 -9.56 17.28 -2.41
C ALA A 48 -8.13 17.82 -2.59
N THR A 49 -7.25 17.49 -1.66
CA THR A 49 -5.93 18.10 -1.62
C THR A 49 -4.81 17.36 -2.34
N ARG A 50 -5.13 16.64 -3.41
CA ARG A 50 -4.12 15.94 -4.20
C ARG A 50 -4.21 16.34 -5.68
N ALA A 51 -3.15 16.06 -6.44
CA ALA A 51 -3.10 16.36 -7.87
C ALA A 51 -2.84 15.09 -8.69
N LEU A 52 -3.05 15.18 -10.00
CA LEU A 52 -2.87 14.05 -10.91
C LEU A 52 -2.01 14.38 -12.13
N ARG A 53 -0.97 13.59 -12.38
CA ARG A 53 -0.14 13.81 -13.56
C ARG A 53 -0.20 12.63 -14.53
N VAL A 54 -0.44 12.94 -15.81
CA VAL A 54 -0.54 11.92 -16.86
C VAL A 54 0.32 12.34 -18.06
N ARG A 55 0.79 11.38 -18.84
CA ARG A 55 1.74 11.64 -19.93
C ARG A 55 1.16 12.23 -21.23
N LYS A 56 0.36 11.46 -21.95
CA LYS A 56 -0.18 11.92 -23.23
C LYS A 56 -1.65 11.55 -23.43
N GLU A 62 7.44 4.42 -25.20
CA GLU A 62 8.04 3.72 -24.08
C GLU A 62 8.95 2.59 -24.54
N SER A 63 10.20 2.63 -24.11
CA SER A 63 11.15 1.57 -24.41
C SER A 63 11.36 0.69 -23.18
N LEU A 64 11.70 -0.57 -23.38
CA LEU A 64 11.97 -1.49 -22.29
C LEU A 64 13.11 -0.96 -21.40
N ALA A 65 14.16 -0.46 -22.04
CA ALA A 65 15.31 0.10 -21.33
C ALA A 65 14.89 1.32 -20.51
N ALA A 66 13.97 2.10 -21.07
CA ALA A 66 13.43 3.27 -20.39
C ALA A 66 12.57 2.87 -19.19
N ALA A 67 11.69 1.89 -19.38
CA ALA A 67 10.83 1.43 -18.30
C ALA A 67 11.67 0.85 -17.15
N ALA A 68 12.65 0.05 -17.52
CA ALA A 68 13.66 -0.48 -16.59
C ALA A 68 14.29 0.60 -15.71
N ALA A 69 14.85 1.63 -16.35
CA ALA A 69 15.50 2.71 -15.62
C ALA A 69 14.52 3.47 -14.74
N ASN A 70 13.32 3.73 -15.26
CA ASN A 70 12.31 4.41 -14.46
C ASN A 70 11.85 3.54 -13.29
N ASP A 71 11.98 2.21 -13.45
CA ASP A 71 11.65 1.30 -12.36
C ASP A 71 12.67 1.33 -11.25
N VAL A 72 13.94 1.48 -11.60
CA VAL A 72 14.99 1.55 -10.58
C VAL A 72 14.92 2.92 -9.92
N SER A 73 14.52 3.93 -10.69
CA SER A 73 14.39 5.27 -10.12
C SER A 73 13.27 5.28 -9.08
N GLY A 74 12.23 4.48 -9.34
CA GLY A 74 11.13 4.35 -8.40
C GLY A 74 11.59 3.69 -7.11
N GLN A 75 12.35 2.60 -7.28
CA GLN A 75 12.94 1.86 -6.17
C GLN A 75 13.82 2.81 -5.37
N TRP A 76 14.55 3.64 -6.11
CA TRP A 76 15.39 4.68 -5.54
C TRP A 76 14.57 5.69 -4.77
N ARG A 77 13.47 6.13 -5.36
CA ARG A 77 12.63 7.15 -4.77
C ARG A 77 11.92 6.65 -3.52
N ARG A 78 11.41 5.42 -3.57
CA ARG A 78 10.70 4.82 -2.45
C ARG A 78 11.61 4.29 -1.32
N ASN A 79 12.67 3.56 -1.68
CA ASN A 79 13.43 2.83 -0.66
C ASN A 79 14.81 3.42 -0.33
N ILE A 80 15.53 3.88 -1.33
CA ILE A 80 16.90 4.36 -1.13
C ILE A 80 17.00 5.84 -0.72
N LEU A 81 16.32 6.71 -1.47
CA LEU A 81 16.39 8.15 -1.25
C LEU A 81 15.96 8.60 0.16
N PRO A 82 14.94 7.95 0.76
CA PRO A 82 14.61 8.37 2.14
C PRO A 82 15.75 8.21 3.16
N LYS A 83 16.74 7.37 2.85
CA LYS A 83 17.91 7.22 3.71
C LYS A 83 18.81 8.47 3.72
N LEU A 84 18.91 9.12 2.55
CA LEU A 84 19.74 10.32 2.42
C LEU A 84 19.00 11.60 2.81
N VAL A 85 17.74 11.71 2.40
CA VAL A 85 16.95 12.90 2.70
C VAL A 85 15.77 12.47 3.57
N PRO A 86 15.54 13.20 4.68
CA PRO A 86 14.44 12.88 5.59
C PRO A 86 13.08 12.92 4.88
N ARG A 87 12.18 12.03 5.29
CA ARG A 87 10.89 11.87 4.62
C ARG A 87 10.04 13.13 4.70
N GLN A 88 10.25 13.94 5.74
CA GLN A 88 9.52 15.18 5.93
C GLN A 88 9.75 16.17 4.79
N LEU A 89 10.91 16.10 4.17
CA LEU A 89 11.26 17.01 3.09
C LEU A 89 10.96 16.41 1.73
N LEU A 90 10.38 15.22 1.71
CA LEU A 90 10.08 14.55 0.45
C LEU A 90 8.59 14.53 0.17
N THR A 91 8.23 14.58 -1.12
CA THR A 91 6.82 14.54 -1.51
C THR A 91 6.43 13.11 -1.81
N THR A 92 5.25 12.71 -1.32
CA THR A 92 4.77 11.36 -1.55
C THR A 92 3.98 11.28 -2.85
N SER A 93 4.07 10.14 -3.51
CA SER A 93 3.33 9.89 -4.74
C SER A 93 2.74 8.49 -4.72
N ARG A 94 1.55 8.32 -5.29
CA ARG A 94 0.92 7.02 -5.33
C ARG A 94 0.53 6.71 -6.77
N GLU A 95 0.99 5.57 -7.28
CA GLU A 95 0.67 5.18 -8.64
C GLU A 95 -0.78 4.72 -8.80
N VAL A 96 -1.41 5.15 -9.89
CA VAL A 96 -2.83 4.88 -10.11
C VAL A 96 -3.11 4.44 -11.56
N THR A 97 -4.13 3.59 -11.69
CA THR A 97 -4.61 3.06 -12.97
C THR A 97 -5.91 3.74 -13.43
N LEU A 98 -5.85 4.36 -14.60
CA LEU A 98 -7.00 5.06 -15.17
C LEU A 98 -7.55 4.33 -16.39
N GLU A 99 -8.88 4.21 -16.47
CA GLU A 99 -9.55 3.50 -17.57
C GLU A 99 -9.28 4.18 -18.91
N GLU A 100 -9.48 3.44 -19.99
CA GLU A 100 -9.12 3.93 -21.33
C GLU A 100 -9.97 5.13 -21.75
N GLY A 101 -11.28 5.00 -21.60
CA GLY A 101 -12.22 6.06 -21.91
C GLY A 101 -12.03 7.29 -21.07
N TRP A 102 -11.74 7.03 -19.80
CA TRP A 102 -11.59 8.04 -18.77
C TRP A 102 -10.49 9.02 -19.17
N TYR A 103 -9.38 8.48 -19.66
CA TYR A 103 -8.24 9.26 -20.12
C TYR A 103 -8.58 10.16 -21.31
N LYS A 104 -9.27 9.59 -22.28
CA LYS A 104 -9.58 10.31 -23.52
C LYS A 104 -10.46 11.53 -23.27
N GLU A 105 -11.36 11.43 -22.31
CA GLU A 105 -12.20 12.57 -21.94
C GLU A 105 -11.35 13.71 -21.35
N LEU A 106 -10.40 13.34 -20.50
CA LEU A 106 -9.53 14.30 -19.82
C LEU A 106 -8.57 15.09 -20.70
N LEU A 107 -8.33 14.62 -21.92
CA LEU A 107 -7.31 15.26 -22.76
C LEU A 107 -7.95 16.07 -23.87
N ALA A 108 -9.24 15.84 -24.08
CA ALA A 108 -10.01 16.63 -25.03
C ALA A 108 -10.04 18.09 -24.60
N MSE A 109 -10.45 18.30 -23.34
CA MSE A 109 -10.73 19.64 -22.81
C MSE A 109 -9.54 20.60 -22.83
O MSE A 109 -8.37 20.18 -22.82
CB MSE A 109 -11.27 19.50 -21.38
CG MSE A 109 -12.29 18.35 -21.25
SE MSE A 109 -13.14 18.20 -19.50
CE MSE A 109 -11.56 17.98 -18.38
N VAL A 110 -9.84 21.89 -22.85
CA VAL A 110 -8.81 22.94 -22.96
C VAL A 110 -8.79 23.85 -21.74
N ARG A 130 -4.33 5.24 -19.75
CA ARG A 130 -3.16 4.58 -19.18
C ARG A 130 -3.14 4.68 -17.67
N ARG A 131 -1.94 4.70 -17.11
CA ARG A 131 -1.77 4.78 -15.66
C ARG A 131 -0.99 6.04 -15.32
N GLY A 132 -1.42 6.73 -14.27
CA GLY A 132 -0.82 8.00 -13.88
C GLY A 132 -0.52 8.03 -12.40
N VAL A 133 0.01 9.15 -11.93
CA VAL A 133 0.40 9.27 -10.53
C VAL A 133 -0.34 10.38 -9.81
N LEU A 134 -0.73 10.10 -8.57
CA LEU A 134 -1.39 11.07 -7.71
C LEU A 134 -0.34 11.73 -6.83
N LEU A 135 -0.32 13.06 -6.86
CA LEU A 135 0.68 13.83 -6.15
C LEU A 135 0.03 14.67 -5.08
N GLU A 136 0.85 15.34 -4.27
CA GLU A 136 0.33 16.33 -3.35
C GLU A 136 0.05 17.59 -4.14
N ASP A 137 -1.15 18.14 -3.98
CA ASP A 137 -1.49 19.37 -4.67
C ASP A 137 -1.03 20.53 -3.81
N LEU A 138 0.19 21.00 -4.07
CA LEU A 138 0.81 22.02 -3.24
C LEU A 138 0.77 23.40 -3.88
N THR A 139 0.45 23.46 -5.18
CA THR A 139 0.47 24.72 -5.89
C THR A 139 -0.91 25.31 -6.16
N SER A 140 -1.95 24.48 -6.10
CA SER A 140 -3.31 24.92 -6.43
C SER A 140 -4.10 25.45 -5.24
N ASN A 141 -5.22 26.10 -5.54
CA ASN A 141 -6.14 26.57 -4.50
C ASN A 141 -6.98 25.41 -4.00
N VAL A 142 -6.74 24.98 -2.77
CA VAL A 142 -7.40 23.78 -2.24
C VAL A 142 -8.12 24.01 -0.91
N ASP A 143 -8.01 25.22 -0.36
CA ASP A 143 -8.56 25.56 0.95
C ASP A 143 -10.00 26.14 0.97
N ASP A 144 -10.83 25.69 1.92
CA ASP A 144 -12.21 26.15 2.05
C ASP A 144 -12.22 27.65 2.24
N ASP A 145 -11.23 28.09 3.01
CA ASP A 145 -10.99 29.47 3.41
C ASP A 145 -11.22 30.47 2.29
N GLY A 146 -10.82 30.05 1.09
CA GLY A 146 -10.78 30.93 -0.05
C GLY A 146 -9.41 31.54 0.06
N ALA A 147 -8.57 30.91 0.88
CA ALA A 147 -7.19 31.34 1.05
C ALA A 147 -6.42 31.12 -0.24
N ILE A 148 -5.57 32.09 -0.60
CA ILE A 148 -4.80 32.00 -1.82
C ILE A 148 -3.47 31.31 -1.59
N THR A 149 -3.19 30.27 -2.38
CA THR A 149 -1.95 29.51 -2.23
C THR A 149 -0.79 30.26 -2.87
N VAL A 150 0.30 30.38 -2.11
CA VAL A 150 1.50 31.04 -2.63
C VAL A 150 2.68 30.07 -2.57
N ALA A 151 3.26 29.77 -3.72
CA ALA A 151 4.36 28.79 -3.78
C ALA A 151 5.55 29.30 -4.56
N ILE A 152 6.75 28.92 -4.11
CA ILE A 152 7.98 29.32 -4.77
C ILE A 152 8.87 28.11 -5.07
N GLU A 153 9.41 28.08 -6.29
CA GLU A 153 10.34 27.04 -6.69
C GLU A 153 11.71 27.63 -7.02
N ILE A 154 12.73 27.13 -6.32
CA ILE A 154 14.09 27.62 -6.45
C ILE A 154 15.04 26.53 -6.93
N LYS A 155 15.94 26.88 -7.83
CA LYS A 155 17.04 25.99 -8.19
C LYS A 155 18.27 26.59 -7.52
N PRO A 156 18.63 26.05 -6.34
CA PRO A 156 19.69 26.59 -5.48
C PRO A 156 21.10 26.47 -6.06
N LYS A 157 21.30 25.53 -6.98
CA LYS A 157 22.60 25.24 -7.58
C LYS A 157 23.59 24.65 -6.58
N TRP A 158 24.87 24.67 -6.92
CA TRP A 158 25.90 24.07 -6.07
C TRP A 158 26.12 24.91 -4.83
N GLY A 159 26.16 24.27 -3.66
CA GLY A 159 26.34 24.99 -2.42
C GLY A 159 27.79 25.07 -1.97
N PHE A 160 28.71 24.75 -2.87
CA PHE A 160 30.12 24.71 -2.53
C PHE A 160 31.02 24.92 -3.74
N LEU A 161 32.29 25.14 -3.45
CA LEU A 161 33.32 25.24 -4.47
C LEU A 161 34.31 24.12 -4.21
N PRO A 162 34.79 23.46 -5.29
CA PRO A 162 35.79 22.40 -5.16
C PRO A 162 37.11 22.92 -4.60
N CYS A 163 37.79 22.10 -3.82
CA CYS A 163 39.07 22.49 -3.25
C CYS A 163 40.15 22.54 -4.34
N ALA A 164 41.09 23.46 -4.19
CA ALA A 164 42.18 23.60 -5.15
C ALA A 164 43.01 22.32 -5.18
N GLY A 165 43.11 21.65 -4.02
CA GLY A 165 43.90 20.45 -3.89
C GLY A 165 43.45 19.30 -4.76
N HIS A 166 42.20 19.33 -5.22
CA HIS A 166 41.67 18.25 -6.04
C HIS A 166 41.59 18.57 -7.53
N LEU A 167 41.85 19.81 -7.90
CA LEU A 167 41.66 20.19 -9.30
C LEU A 167 42.85 19.74 -10.16
N GLN A 168 42.54 19.06 -11.25
CA GLN A 168 43.57 18.36 -12.02
C GLN A 168 44.41 19.28 -12.93
N PRO A 169 43.81 19.87 -13.99
CA PRO A 169 44.73 20.70 -14.78
C PRO A 169 45.08 21.98 -14.02
N PRO A 170 46.37 22.28 -13.82
CA PRO A 170 46.79 23.45 -13.04
C PRO A 170 46.26 24.76 -13.59
N GLU A 171 46.08 24.81 -14.91
CA GLU A 171 45.53 25.96 -15.60
C GLU A 171 44.10 26.28 -15.16
N SER A 172 43.36 25.24 -14.75
CA SER A 172 41.96 25.40 -14.38
C SER A 172 41.74 25.59 -12.88
N VAL A 173 42.79 25.42 -12.08
CA VAL A 173 42.64 25.42 -10.62
C VAL A 173 42.07 26.72 -10.06
N SER A 174 42.64 27.86 -10.43
CA SER A 174 42.20 29.14 -9.88
C SER A 174 40.76 29.46 -10.28
N ILE A 175 40.38 29.10 -11.50
CA ILE A 175 39.03 29.34 -12.00
C ILE A 175 37.96 28.56 -11.22
N LYS A 176 38.08 27.23 -11.20
CA LYS A 176 37.08 26.38 -10.55
C LYS A 176 37.09 26.54 -9.03
N SER A 177 38.21 27.01 -8.48
CA SER A 177 38.30 27.22 -7.04
C SER A 177 37.66 28.53 -6.59
N HIS A 178 37.43 29.44 -7.53
CA HIS A 178 36.88 30.76 -7.17
C HIS A 178 35.61 31.12 -7.92
N VAL A 179 35.39 30.48 -9.07
CA VAL A 179 34.21 30.76 -9.86
C VAL A 179 33.24 29.57 -9.81
N SER A 180 32.02 29.84 -9.37
CA SER A 180 31.01 28.80 -9.23
C SER A 180 30.61 28.20 -10.57
N ARG A 181 30.09 26.98 -10.53
CA ARG A 181 29.59 26.31 -11.72
C ARG A 181 28.49 27.14 -12.38
N PHE A 182 27.68 27.79 -11.55
CA PHE A 182 26.59 28.62 -12.05
C PHE A 182 27.15 29.77 -12.88
N ARG A 183 28.13 30.50 -12.34
CA ARG A 183 28.73 31.59 -13.11
C ARG A 183 29.42 31.07 -14.38
N LEU A 184 30.09 29.92 -14.27
CA LEU A 184 30.74 29.33 -15.44
C LEU A 184 29.75 28.92 -16.52
N HIS A 185 28.64 28.29 -16.11
CA HIS A 185 27.64 27.84 -17.06
C HIS A 185 26.88 29.02 -17.66
N GLN A 186 26.59 30.03 -16.83
CA GLN A 186 25.93 31.23 -17.31
C GLN A 186 26.79 31.92 -18.38
N HIS A 187 28.08 32.00 -18.13
CA HIS A 187 28.99 32.65 -19.08
C HIS A 187 29.05 31.89 -20.39
N PHE A 188 29.10 30.56 -20.30
CA PHE A 188 29.20 29.73 -21.48
C PHE A 188 28.02 29.91 -22.44
N ARG A 189 26.83 30.17 -21.89
CA ARG A 189 25.66 30.30 -22.74
C ARG A 189 25.47 31.72 -23.27
N GLY A 190 26.42 32.61 -22.99
CA GLY A 190 26.35 33.96 -23.51
C GLY A 190 25.53 34.87 -22.64
N ARG A 191 25.19 34.39 -21.45
CA ARG A 191 24.42 35.17 -20.48
C ARG A 191 25.34 36.08 -19.70
N ALA A 192 24.78 36.85 -18.77
CA ALA A 192 25.60 37.75 -17.96
C ALA A 192 26.59 36.92 -17.13
N ASP A 193 27.87 37.27 -17.23
CA ASP A 193 28.92 36.51 -16.55
C ASP A 193 29.01 36.79 -15.06
N ASP A 194 28.22 37.77 -14.60
CA ASP A 194 28.18 38.11 -13.18
C ASP A 194 26.75 38.31 -12.71
N PRO A 195 26.02 37.20 -12.52
CA PRO A 195 24.61 37.30 -12.11
C PRO A 195 24.48 37.74 -10.66
N PRO A 196 23.42 38.50 -10.34
CA PRO A 196 23.16 39.01 -8.99
C PRO A 196 22.94 37.89 -7.97
N TYR A 197 22.52 36.72 -8.44
CA TYR A 197 22.36 35.58 -7.55
C TYR A 197 23.66 34.79 -7.45
N ASP A 198 24.10 34.56 -6.21
CA ASP A 198 25.27 33.72 -5.94
C ASP A 198 24.89 32.61 -4.98
N PRO A 199 25.02 31.36 -5.43
CA PRO A 199 24.60 30.20 -4.64
C PRO A 199 25.28 30.12 -3.27
N LEU A 200 26.53 30.56 -3.21
CA LEU A 200 27.28 30.56 -1.94
C LEU A 200 26.66 31.47 -0.90
N ASP A 201 26.01 32.54 -1.37
CA ASP A 201 25.27 33.43 -0.48
C ASP A 201 24.06 32.70 0.11
N LEU A 202 23.35 31.95 -0.72
CA LEU A 202 22.17 31.22 -0.28
C LEU A 202 22.52 30.10 0.69
N PHE A 203 23.66 29.43 0.44
CA PHE A 203 24.07 28.29 1.27
C PHE A 203 24.92 28.70 2.48
N SER A 204 25.19 29.99 2.62
CA SER A 204 26.08 30.49 3.67
C SER A 204 25.57 30.29 5.09
N GLY A 205 24.26 30.47 5.28
CA GLY A 205 23.67 30.43 6.60
C GLY A 205 23.62 31.82 7.22
N ASP A 206 24.08 32.82 6.47
CA ASP A 206 24.05 34.20 6.91
C ASP A 206 22.79 34.89 6.38
N LYS A 207 22.00 35.46 7.28
CA LYS A 207 20.69 36.01 6.95
C LYS A 207 20.74 37.11 5.89
N MSE A 208 21.73 37.99 5.97
CA MSE A 208 21.88 39.08 5.01
C MSE A 208 22.36 38.58 3.66
O MSE A 208 22.06 39.17 2.62
CB MSE A 208 22.85 40.14 5.55
N ARG A 209 23.12 37.49 3.66
CA ARG A 209 23.63 36.91 2.43
C ARG A 209 22.51 36.18 1.70
N MSE A 210 21.78 35.36 2.44
CA MSE A 210 20.64 34.62 1.91
C MSE A 210 19.61 35.58 1.35
O MSE A 210 18.94 35.29 0.36
CB MSE A 210 20.01 33.74 3.00
CG MSE A 210 20.91 32.63 3.51
SE MSE A 210 20.20 31.72 5.08
CE MSE A 210 18.85 30.60 4.22
N ARG A 211 19.50 36.75 1.98
CA ARG A 211 18.54 37.74 1.53
C ARG A 211 18.97 38.30 0.18
N THR A 212 20.26 38.57 0.03
CA THR A 212 20.83 39.09 -1.21
C THR A 212 20.66 38.10 -2.36
N ALA A 213 20.80 36.83 -2.04
CA ALA A 213 20.62 35.78 -3.03
C ALA A 213 19.18 35.75 -3.52
N LEU A 214 18.23 35.84 -2.59
CA LEU A 214 16.82 35.84 -2.94
C LEU A 214 16.48 37.06 -3.79
N ASP A 215 17.03 38.22 -3.43
CA ASP A 215 16.82 39.42 -4.21
C ASP A 215 17.39 39.27 -5.62
N GLY A 216 18.55 38.61 -5.71
CA GLY A 216 19.18 38.35 -6.99
C GLY A 216 18.31 37.45 -7.85
N LEU A 217 17.68 36.48 -7.21
CA LEU A 217 16.76 35.59 -7.91
C LEU A 217 15.57 36.38 -8.44
N TRP A 218 15.08 37.34 -7.65
CA TRP A 218 13.97 38.19 -8.09
C TRP A 218 14.38 39.03 -9.30
N THR A 219 15.60 39.56 -9.23
CA THR A 219 16.14 40.41 -10.29
C THR A 219 16.23 39.68 -11.62
N MSE A 220 16.80 38.49 -11.61
CA MSE A 220 16.93 37.69 -12.83
C MSE A 220 15.56 37.25 -13.35
O MSE A 220 15.34 37.18 -14.55
CB MSE A 220 17.84 36.49 -12.59
CG MSE A 220 19.27 36.86 -12.23
SE MSE A 220 20.39 35.33 -11.76
CE MSE A 220 20.78 34.68 -13.56
N TRP A 221 14.66 36.96 -12.41
CA TRP A 221 13.28 36.63 -12.77
C TRP A 221 12.61 37.79 -13.51
N GLU A 222 12.79 39.00 -12.98
CA GLU A 222 12.23 40.19 -13.60
C GLU A 222 12.85 40.49 -14.97
N ILE A 223 14.18 40.39 -15.04
CA ILE A 223 14.89 40.66 -16.30
C ILE A 223 14.49 39.65 -17.37
N SER A 224 14.29 38.40 -16.96
CA SER A 224 13.94 37.36 -17.91
C SER A 224 12.44 37.32 -18.13
N ARG A 225 11.75 38.27 -17.50
CA ARG A 225 10.30 38.40 -17.60
C ARG A 225 9.60 37.10 -17.17
N GLY A 226 10.13 36.49 -16.11
CA GLY A 226 9.54 35.30 -15.53
C GLY A 226 9.84 33.99 -16.25
N LYS A 227 10.77 34.03 -17.21
CA LYS A 227 11.12 32.84 -17.97
C LYS A 227 12.33 32.08 -17.42
N SER A 228 12.98 32.65 -16.41
CA SER A 228 14.12 31.97 -15.80
C SER A 228 13.64 30.78 -15.00
N ASN A 229 14.34 29.65 -15.14
CA ASN A 229 13.92 28.43 -14.47
C ASN A 229 14.37 28.37 -13.00
N ASN A 230 15.31 29.25 -12.65
CA ASN A 230 15.84 29.30 -11.29
C ASN A 230 14.86 29.79 -10.25
N TRP A 231 13.94 30.65 -10.66
CA TRP A 231 12.95 31.22 -9.76
C TRP A 231 11.55 31.18 -10.35
N LYS A 232 10.64 30.45 -9.71
CA LYS A 232 9.24 30.42 -10.16
C LYS A 232 8.30 30.68 -9.00
N VAL A 233 7.34 31.57 -9.23
CA VAL A 233 6.35 31.94 -8.23
C VAL A 233 4.96 31.52 -8.68
N PHE A 234 4.24 30.84 -7.79
CA PHE A 234 2.90 30.38 -8.11
C PHE A 234 1.87 31.06 -7.21
N ILE A 235 0.89 31.70 -7.84
CA ILE A 235 -0.23 32.32 -7.15
C ILE A 235 -1.55 31.79 -7.70
N GLY A 236 -2.35 31.16 -6.85
CA GLY A 236 -3.62 30.59 -7.27
C GLY A 236 -3.39 29.54 -8.34
N SER A 237 -2.24 28.88 -8.24
CA SER A 237 -1.79 27.81 -9.14
C SER A 237 -1.34 28.38 -10.49
N LYS A 238 -1.41 29.69 -10.65
CA LYS A 238 -0.99 30.31 -11.90
C LYS A 238 0.47 30.75 -11.77
N GLU A 239 1.26 30.42 -12.77
CA GLU A 239 2.67 30.83 -12.76
C GLU A 239 2.76 32.31 -13.09
N ILE A 240 3.17 33.10 -12.09
CA ILE A 240 3.17 34.54 -12.22
C ILE A 240 4.37 35.11 -12.99
N SER A 241 4.07 36.12 -13.80
CA SER A 241 5.06 36.89 -14.54
C SER A 241 5.17 38.27 -13.90
N PRO A 242 6.24 39.03 -14.23
CA PRO A 242 6.36 40.36 -13.64
C PRO A 242 5.19 41.32 -13.89
N ASP A 243 4.54 41.28 -15.05
CA ASP A 243 3.41 42.20 -15.30
C ASP A 243 2.14 41.77 -14.58
N ASP A 244 2.03 40.47 -14.27
CA ASP A 244 0.93 39.99 -13.45
C ASP A 244 1.01 40.60 -12.06
N LEU A 245 2.21 40.91 -11.61
CA LEU A 245 2.41 41.49 -10.27
C LEU A 245 1.76 42.86 -10.13
N GLN A 246 1.93 43.72 -11.13
CA GLN A 246 1.36 45.07 -11.10
C GLN A 246 -0.09 45.09 -11.59
N ARG A 247 -0.55 43.95 -12.10
CA ARG A 247 -1.98 43.82 -12.36
C ARG A 247 -2.56 43.60 -10.97
N GLY A 248 -3.49 44.45 -10.56
CA GLY A 248 -4.11 44.35 -9.26
C GLY A 248 -5.25 43.38 -9.14
N LEU A 249 -4.95 42.08 -9.11
CA LEU A 249 -6.00 41.08 -9.01
C LEU A 249 -6.10 40.44 -7.62
N LEU A 250 -5.26 40.86 -6.69
CA LEU A 250 -5.23 40.21 -5.38
C LEU A 250 -5.45 41.18 -4.22
N PRO A 251 -5.81 40.65 -3.04
CA PRO A 251 -5.99 41.50 -1.86
C PRO A 251 -4.69 42.17 -1.45
N MSE A 252 -3.58 41.62 -1.95
CA MSE A 252 -2.26 42.15 -1.68
C MSE A 252 -1.67 42.75 -2.95
O MSE A 252 -1.67 42.12 -4.01
CB MSE A 252 -1.35 41.06 -1.13
CG MSE A 252 0.04 41.52 -0.72
SE MSE A 252 0.82 40.33 0.62
CE MSE A 252 -0.46 40.61 2.06
N GLY A 253 -1.18 43.99 -2.83
CA GLY A 253 -0.54 44.66 -3.95
C GLY A 253 0.67 43.90 -4.46
N GLY A 254 1.08 44.24 -5.67
CA GLY A 254 2.25 43.63 -6.29
C GLY A 254 3.52 43.62 -5.46
N ASP A 255 4.08 44.79 -5.19
CA ASP A 255 5.36 44.86 -4.51
C ASP A 255 5.28 44.38 -3.04
N ASP A 256 4.15 44.60 -2.38
CA ASP A 256 3.98 44.10 -1.01
C ASP A 256 3.97 42.57 -0.99
N LEU A 257 3.51 41.97 -2.08
CA LEU A 257 3.53 40.52 -2.24
C LEU A 257 4.97 40.02 -2.35
N VAL A 258 5.78 40.73 -3.11
CA VAL A 258 7.19 40.37 -3.30
C VAL A 258 7.94 40.38 -1.98
N THR A 259 7.69 41.38 -1.16
CA THR A 259 8.37 41.51 0.13
C THR A 259 8.02 40.36 1.07
N ASN A 260 6.74 40.06 1.19
CA ASN A 260 6.31 38.96 2.05
C ASN A 260 6.77 37.61 1.54
N ILE A 261 6.79 37.43 0.22
CA ILE A 261 7.28 36.19 -0.36
C ILE A 261 8.76 35.98 -0.01
N THR A 262 9.55 37.04 -0.15
CA THR A 262 10.98 36.98 0.16
C THR A 262 11.21 36.66 1.63
N GLN A 263 10.49 37.36 2.49
CA GLN A 263 10.60 37.16 3.93
C GLN A 263 10.09 35.79 4.34
N LEU A 264 9.04 35.33 3.68
CA LEU A 264 8.45 34.04 4.00
C LEU A 264 9.42 32.92 3.63
N THR A 265 9.98 33.03 2.43
CA THR A 265 10.96 32.08 1.91
C THR A 265 12.24 32.11 2.74
N LEU A 266 12.68 33.31 3.09
CA LEU A 266 13.90 33.49 3.87
C LEU A 266 13.76 32.77 5.20
N SER A 267 12.63 32.98 5.87
CA SER A 267 12.36 32.35 7.16
C SER A 267 12.27 30.83 7.04
N ALA A 268 11.61 30.36 5.99
CA ALA A 268 11.44 28.93 5.76
C ALA A 268 12.78 28.24 5.52
N LEU A 269 13.62 28.86 4.69
CA LEU A 269 14.92 28.28 4.35
C LEU A 269 15.89 28.24 5.53
N GLN A 270 15.84 29.26 6.39
CA GLN A 270 16.73 29.28 7.55
C GLN A 270 16.37 28.18 8.54
N THR A 271 15.07 28.01 8.81
CA THR A 271 14.61 26.99 9.76
C THR A 271 14.82 25.56 9.27
N SER A 272 14.63 25.31 7.98
CA SER A 272 14.79 23.95 7.47
C SER A 272 16.26 23.60 7.31
N SER A 273 16.55 22.31 7.41
CA SER A 273 17.91 21.83 7.29
C SER A 273 18.21 21.48 5.85
N ALA A 274 17.30 21.85 4.94
CA ALA A 274 17.41 21.47 3.54
C ALA A 274 18.69 21.99 2.90
N LEU A 275 19.01 23.26 3.10
CA LEU A 275 20.21 23.84 2.50
C LEU A 275 21.52 23.26 3.04
N PRO A 276 21.70 23.18 4.38
CA PRO A 276 22.95 22.56 4.84
C PRO A 276 23.05 21.08 4.45
N LEU A 277 21.91 20.39 4.46
CA LEU A 277 21.87 18.98 4.08
C LEU A 277 22.20 18.80 2.59
N LEU A 278 21.68 19.69 1.76
CA LEU A 278 21.92 19.60 0.31
C LEU A 278 23.39 19.80 -0.03
N LYS A 279 24.01 20.76 0.65
CA LYS A 279 25.41 21.08 0.40
C LYS A 279 26.31 19.88 0.69
N ASN A 280 26.06 19.21 1.81
CA ASN A 280 26.84 18.03 2.19
C ASN A 280 26.68 16.87 1.23
N LEU A 281 25.46 16.64 0.73
CA LEU A 281 25.25 15.60 -0.28
C LEU A 281 25.93 15.97 -1.59
N GLN A 282 25.85 17.24 -1.97
CA GLN A 282 26.49 17.72 -3.19
C GLN A 282 27.99 17.49 -3.08
N GLN A 283 28.56 17.88 -1.94
CA GLN A 283 29.99 17.80 -1.68
C GLN A 283 30.53 16.38 -1.47
N ASN A 284 29.88 15.60 -0.60
CA ASN A 284 30.38 14.27 -0.27
C ASN A 284 30.35 13.30 -1.44
N LEU A 285 29.31 13.40 -2.27
CA LEU A 285 29.18 12.51 -3.42
C LEU A 285 30.07 12.92 -4.59
N ASP A 286 30.61 14.14 -4.50
CA ASP A 286 31.60 14.63 -5.47
C ASP A 286 32.78 15.20 -4.68
N PRO A 287 33.45 14.33 -3.89
CA PRO A 287 34.47 14.72 -2.92
C PRO A 287 35.78 15.27 -3.50
N ILE A 288 36.24 14.72 -4.62
CA ILE A 288 37.49 15.15 -5.24
C ILE A 288 37.36 15.73 -6.66
N ASP A 289 36.19 16.33 -6.94
CA ASP A 289 35.85 16.91 -8.25
C ASP A 289 35.83 15.90 -9.41
N ILE A 290 35.17 16.27 -10.49
CA ILE A 290 35.09 15.45 -11.69
C ILE A 290 36.44 15.30 -12.40
N SER A 291 37.30 16.30 -12.28
CA SER A 291 38.60 16.28 -12.96
C SER A 291 39.48 15.14 -12.43
N SER A 292 39.55 15.00 -11.11
CA SER A 292 40.32 13.92 -10.51
C SER A 292 39.65 12.56 -10.70
N LEU A 293 38.32 12.52 -10.71
CA LEU A 293 37.60 11.28 -10.91
C LEU A 293 37.90 10.79 -12.33
N ALA A 294 37.97 11.74 -13.26
CA ALA A 294 38.33 11.43 -14.63
C ALA A 294 39.76 10.91 -14.70
N ALA A 295 40.62 11.45 -13.85
CA ALA A 295 42.01 11.01 -13.79
C ALA A 295 42.08 9.57 -13.31
N LEU A 296 41.30 9.24 -12.28
CA LEU A 296 41.27 7.88 -11.73
C LEU A 296 40.83 6.88 -12.79
N PHE A 297 39.88 7.29 -13.62
CA PHE A 297 39.35 6.45 -14.68
C PHE A 297 40.46 6.12 -15.69
N GLN A 298 41.33 7.09 -15.96
CA GLN A 298 42.38 6.93 -16.97
C GLN A 298 43.47 5.92 -16.54
N ALA A 299 43.74 5.85 -15.24
CA ALA A 299 44.66 4.84 -14.70
C ALA A 299 44.13 3.44 -14.94
N GLU A 300 42.82 3.27 -14.74
CA GLU A 300 42.17 1.98 -14.88
C GLU A 300 41.93 1.57 -16.32
N HIS A 301 41.66 2.53 -17.19
CA HIS A 301 41.39 2.22 -18.60
C HIS A 301 42.16 3.13 -19.55
N PRO A 302 43.48 2.94 -19.63
CA PRO A 302 44.30 3.74 -20.55
C PRO A 302 43.89 3.36 -21.96
N ASN A 303 43.44 2.11 -22.04
CA ASN A 303 42.76 1.49 -23.17
C ASN A 303 41.85 2.40 -24.01
N SER A 304 40.94 3.06 -23.32
CA SER A 304 39.73 3.64 -23.92
C SER A 304 39.55 5.14 -23.71
N PRO A 305 38.63 5.76 -24.48
CA PRO A 305 38.35 7.17 -24.19
C PRO A 305 37.71 7.29 -22.80
N ILE A 306 37.88 8.42 -22.13
CA ILE A 306 37.40 8.58 -20.76
C ILE A 306 35.89 8.44 -20.66
N PHE A 307 35.45 7.68 -19.67
CA PHE A 307 34.03 7.48 -19.41
C PHE A 307 33.29 6.95 -20.63
N ASP A 308 33.90 5.99 -21.31
CA ASP A 308 33.30 5.38 -22.49
C ASP A 308 32.01 4.69 -22.04
N PRO A 309 30.87 5.01 -22.71
CA PRO A 309 29.57 4.47 -22.31
C PRO A 309 29.52 2.95 -22.28
N ASP A 310 30.23 2.30 -23.20
CA ASP A 310 30.30 0.84 -23.25
C ASP A 310 31.07 0.28 -22.05
N LEU A 311 31.83 1.13 -21.38
CA LEU A 311 32.61 0.72 -20.23
C LEU A 311 31.89 0.98 -18.91
N ILE A 312 30.77 1.69 -18.99
CA ILE A 312 30.02 2.03 -17.80
C ILE A 312 28.70 1.27 -17.78
N ALA A 313 28.60 0.28 -16.88
CA ALA A 313 27.42 -0.57 -16.80
C ALA A 313 26.27 0.17 -16.13
N GLU A 314 25.05 -0.22 -16.46
CA GLU A 314 23.87 0.37 -15.86
C GLU A 314 23.81 0.01 -14.38
N VAL A 315 23.24 0.87 -13.55
CA VAL A 315 23.20 0.64 -12.11
C VAL A 315 21.89 -0.04 -11.70
N SER A 316 22.00 -1.12 -10.95
CA SER A 316 20.80 -1.79 -10.44
C SER A 316 20.40 -1.15 -9.12
N ALA A 317 19.17 -1.42 -8.70
CA ALA A 317 18.68 -0.89 -7.43
C ALA A 317 19.51 -1.49 -6.29
N VAL A 318 19.89 -2.75 -6.45
CA VAL A 318 20.71 -3.42 -5.44
C VAL A 318 22.08 -2.76 -5.31
N GLU A 319 22.73 -2.51 -6.45
CA GLU A 319 24.03 -1.85 -6.44
C GLU A 319 23.95 -0.44 -5.88
N LEU A 320 22.91 0.28 -6.30
CA LEU A 320 22.71 1.65 -5.85
C LEU A 320 22.49 1.68 -4.35
N ASN A 321 21.61 0.82 -3.86
CA ASN A 321 21.32 0.77 -2.42
C ASN A 321 22.53 0.35 -1.61
N SER A 322 23.34 -0.53 -2.19
CA SER A 322 24.54 -1.00 -1.50
C SER A 322 25.49 0.16 -1.24
N PHE A 323 25.73 0.98 -2.26
CA PHE A 323 26.64 2.11 -2.09
C PHE A 323 26.14 3.14 -1.09
N VAL A 324 24.84 3.42 -1.12
CA VAL A 324 24.27 4.43 -0.22
C VAL A 324 24.49 4.03 1.25
N ASP A 325 24.40 2.73 1.52
CA ASP A 325 24.66 2.24 2.87
C ASP A 325 26.11 2.45 3.31
N ILE A 326 27.06 2.19 2.41
CA ILE A 326 28.47 2.46 2.73
C ILE A 326 28.64 3.97 2.90
N TYR A 327 27.94 4.76 2.08
CA TYR A 327 28.05 6.22 2.16
C TYR A 327 27.60 6.72 3.54
N ILE A 328 26.47 6.21 4.00
CA ILE A 328 25.90 6.63 5.28
C ILE A 328 26.84 6.27 6.43
N SER A 329 27.56 5.16 6.25
CA SER A 329 28.51 4.70 7.26
C SER A 329 29.63 5.73 7.46
N ASP A 330 30.13 6.28 6.36
CA ASP A 330 31.12 7.35 6.45
C ASP A 330 31.07 8.23 5.20
N PRO A 331 30.28 9.32 5.27
CA PRO A 331 30.04 10.20 4.11
C PRO A 331 31.30 10.88 3.59
N GLN A 332 32.23 11.19 4.48
CA GLN A 332 33.45 11.89 4.11
C GLN A 332 34.57 10.96 3.64
N ALA A 333 34.25 9.67 3.49
CA ALA A 333 35.23 8.69 3.06
C ALA A 333 35.73 8.97 1.64
N GLY A 334 34.91 9.62 0.83
CA GLY A 334 35.24 9.89 -0.56
C GLY A 334 36.51 10.71 -0.73
N GLN A 335 36.86 11.48 0.30
CA GLN A 335 38.07 12.29 0.25
C GLN A 335 39.33 11.42 0.19
N ARG A 336 39.35 10.35 0.97
CA ARG A 336 40.49 9.43 0.99
C ARG A 336 40.52 8.53 -0.25
N MSE A 337 41.64 7.85 -0.45
CA MSE A 337 41.81 7.00 -1.61
C MSE A 337 41.74 5.51 -1.28
O MSE A 337 41.85 4.66 -2.18
CB MSE A 337 43.13 7.30 -2.31
CG MSE A 337 43.17 8.64 -3.00
SE MSE A 337 41.89 8.74 -4.47
CE MSE A 337 40.56 9.87 -3.62
N ASP A 338 41.57 5.19 0.00
CA ASP A 338 41.48 3.80 0.40
C ASP A 338 40.03 3.41 0.71
N SER A 339 39.09 4.18 0.16
CA SER A 339 37.68 3.96 0.45
C SER A 339 36.88 3.47 -0.76
N TRP A 340 36.15 4.38 -1.39
CA TRP A 340 35.24 4.00 -2.47
C TRP A 340 35.96 3.52 -3.72
N SER A 341 35.35 2.56 -4.40
CA SER A 341 35.87 2.03 -5.65
C SER A 341 35.56 2.99 -6.78
N LEU A 342 36.16 2.74 -7.94
CA LEU A 342 35.92 3.58 -9.10
C LEU A 342 34.46 3.53 -9.52
N ARG A 343 33.91 2.31 -9.57
CA ARG A 343 32.52 2.09 -9.94
C ARG A 343 31.61 2.82 -8.95
N GLU A 344 31.96 2.74 -7.67
CA GLU A 344 31.22 3.43 -6.62
C GLU A 344 31.30 4.94 -6.77
N ARG A 345 32.46 5.43 -7.22
CA ARG A 345 32.65 6.86 -7.42
C ARG A 345 31.82 7.38 -8.59
N ILE A 346 31.71 6.56 -9.63
CA ILE A 346 30.89 6.92 -10.78
C ILE A 346 29.42 6.98 -10.37
N ILE A 347 29.01 6.03 -9.53
CA ILE A 347 27.67 6.00 -8.98
C ILE A 347 27.45 7.21 -8.08
N ALA A 348 28.43 7.49 -7.23
CA ALA A 348 28.35 8.61 -6.29
C ALA A 348 28.20 9.93 -7.02
N TYR A 349 28.96 10.09 -8.10
CA TYR A 349 28.94 11.32 -8.87
C TYR A 349 27.59 11.53 -9.56
N ALA A 350 26.99 10.44 -10.03
CA ALA A 350 25.66 10.49 -10.65
C ALA A 350 24.63 10.93 -9.62
N LEU A 351 24.79 10.45 -8.39
CA LEU A 351 23.91 10.86 -7.29
C LEU A 351 24.14 12.33 -6.97
N SER A 352 25.39 12.75 -7.04
CA SER A 352 25.75 14.15 -6.77
C SER A 352 25.04 15.08 -7.74
N ALA A 353 24.90 14.63 -8.98
CA ALA A 353 24.28 15.40 -10.03
C ALA A 353 22.82 15.70 -9.71
N ILE A 354 22.14 14.76 -9.06
CA ILE A 354 20.75 14.95 -8.67
C ILE A 354 20.59 16.10 -7.69
N PHE A 355 21.38 16.06 -6.61
CA PHE A 355 21.30 17.06 -5.56
C PHE A 355 21.84 18.42 -6.00
N LYS A 356 22.73 18.42 -6.99
CA LYS A 356 23.25 19.65 -7.56
C LYS A 356 22.18 20.37 -8.41
N ASP A 357 21.36 19.59 -9.10
CA ASP A 357 20.41 20.14 -10.05
C ASP A 357 18.96 20.14 -9.57
N CYS A 358 18.76 19.81 -8.30
CA CYS A 358 17.40 19.69 -7.75
C CYS A 358 16.77 21.03 -7.45
N SER A 359 15.51 21.03 -7.00
CA SER A 359 14.81 22.27 -6.69
C SER A 359 14.32 22.31 -5.26
N LEU A 360 14.09 23.52 -4.76
CA LEU A 360 13.57 23.71 -3.42
C LEU A 360 12.17 24.32 -3.56
N PHE A 361 11.22 23.84 -2.76
CA PHE A 361 9.84 24.31 -2.86
C PHE A 361 9.33 24.94 -1.56
N VAL A 362 8.91 26.20 -1.62
CA VAL A 362 8.37 26.87 -0.45
C VAL A 362 6.92 27.29 -0.64
N ARG A 363 6.04 26.79 0.22
CA ARG A 363 4.60 27.05 0.09
C ARG A 363 4.09 27.96 1.21
N GLY A 364 3.25 28.92 0.83
CA GLY A 364 2.66 29.83 1.77
C GLY A 364 1.18 30.06 1.47
N VAL A 365 0.48 30.71 2.40
CA VAL A 365 -0.94 30.97 2.20
C VAL A 365 -1.32 32.42 2.48
N LEU A 366 -1.99 33.05 1.52
CA LEU A 366 -2.56 34.37 1.71
C LEU A 366 -3.97 34.23 2.28
N LYS A 367 -4.16 34.60 3.55
CA LYS A 367 -5.41 34.33 4.23
C LYS A 367 -6.07 35.57 4.84
N HIS A 368 -7.38 35.45 5.09
CA HIS A 368 -8.19 36.51 5.70
C HIS A 368 -8.30 37.72 4.79
N ALA A 373 -7.93 42.05 7.25
CA ALA A 373 -6.58 42.25 6.72
C ALA A 373 -6.02 40.94 6.15
N TRP A 374 -5.25 41.06 5.08
CA TRP A 374 -4.67 39.89 4.43
C TRP A 374 -3.19 39.71 4.79
N ARG A 375 -2.82 38.48 5.14
CA ARG A 375 -1.44 38.17 5.55
C ARG A 375 -0.90 36.91 4.87
N LEU A 376 0.41 36.85 4.69
CA LEU A 376 1.08 35.67 4.15
C LEU A 376 1.60 34.75 5.25
N VAL A 377 1.11 33.51 5.28
CA VAL A 377 1.47 32.56 6.34
C VAL A 377 2.03 31.25 5.78
N SER A 378 2.90 30.63 6.55
CA SER A 378 3.49 29.33 6.18
C SER A 378 2.59 28.19 6.64
N GLY A 379 2.50 27.14 5.84
CA GLY A 379 1.65 26.03 6.22
C GLY A 379 2.51 24.79 6.22
N GLY A 380 2.38 24.02 7.30
CA GLY A 380 3.12 22.80 7.52
C GLY A 380 4.63 22.99 7.38
N GLU A 381 5.25 22.03 6.70
CA GLU A 381 6.67 22.08 6.38
C GLU A 381 6.78 22.78 5.04
N SER A 382 6.77 24.10 5.05
CA SER A 382 6.75 24.89 3.83
C SER A 382 7.84 24.55 2.83
N VAL A 383 8.93 23.93 3.25
CA VAL A 383 10.02 23.65 2.32
C VAL A 383 10.13 22.15 2.02
N LYS A 384 10.21 21.85 0.73
CA LYS A 384 10.33 20.49 0.21
C LYS A 384 11.48 20.44 -0.79
N VAL A 385 12.11 19.28 -0.91
CA VAL A 385 13.15 19.10 -1.93
C VAL A 385 12.58 18.22 -3.04
N ILE A 386 12.46 18.78 -4.23
CA ILE A 386 11.83 18.08 -5.35
C ILE A 386 12.78 17.84 -6.51
N ASP A 387 12.24 17.19 -7.55
CA ASP A 387 13.00 16.84 -8.76
C ASP A 387 14.19 15.96 -8.41
N LEU A 388 13.93 14.83 -7.75
CA LEU A 388 15.01 13.98 -7.27
C LEU A 388 15.10 12.63 -7.97
N ASP A 389 14.67 12.59 -9.24
CA ASP A 389 14.74 11.39 -10.04
C ASP A 389 16.20 11.03 -10.35
N LEU A 390 16.46 9.76 -10.65
CA LEU A 390 17.80 9.32 -11.01
C LEU A 390 18.22 9.87 -12.37
N LYS A 391 19.52 10.12 -12.50
CA LYS A 391 20.10 10.56 -13.77
C LYS A 391 20.91 9.40 -14.33
N PRO A 392 20.84 9.20 -15.66
CA PRO A 392 21.55 8.08 -16.29
C PRO A 392 23.05 8.16 -16.03
N VAL A 393 23.62 7.06 -15.54
CA VAL A 393 25.03 7.01 -15.16
C VAL A 393 25.99 7.20 -16.35
N LYS A 394 25.54 6.82 -17.55
CA LYS A 394 26.38 6.97 -18.74
C LYS A 394 26.57 8.42 -19.13
N ASN A 395 25.82 9.31 -18.48
CA ASN A 395 25.86 10.73 -18.84
C ASN A 395 27.06 11.42 -18.22
N ILE A 396 27.84 10.67 -17.45
CA ILE A 396 29.02 11.23 -16.78
C ILE A 396 30.05 11.69 -17.81
N GLN A 397 30.09 11.04 -18.98
CA GLN A 397 30.98 11.45 -20.05
C GLN A 397 30.57 12.84 -20.53
N LYS A 398 29.27 13.04 -20.68
CA LYS A 398 28.73 14.31 -21.11
C LYS A 398 29.00 15.37 -20.05
N TRP A 399 28.87 14.97 -18.79
CA TRP A 399 29.11 15.89 -17.67
C TRP A 399 30.55 16.33 -17.60
N ALA A 400 31.48 15.39 -17.80
CA ALA A 400 32.90 15.70 -17.79
C ALA A 400 33.26 16.62 -18.95
N GLU A 401 32.66 16.38 -20.11
CA GLU A 401 32.90 17.21 -21.29
C GLU A 401 32.34 18.61 -21.12
N THR A 402 31.17 18.70 -20.49
CA THR A 402 30.56 19.99 -20.19
C THR A 402 31.42 20.77 -19.21
N ASP A 403 31.96 20.06 -18.21
CA ASP A 403 32.81 20.68 -17.20
C ASP A 403 34.11 21.26 -17.75
N GLU A 404 34.82 20.48 -18.55
CA GLU A 404 36.08 20.96 -19.14
C GLU A 404 35.84 22.15 -20.04
N LYS A 405 34.79 22.03 -20.84
CA LYS A 405 34.41 23.04 -21.82
C LYS A 405 34.09 24.41 -21.16
N VAL A 406 33.42 24.42 -20.01
CA VAL A 406 33.04 25.67 -19.37
C VAL A 406 34.22 26.41 -18.73
N TRP A 407 35.15 25.67 -18.11
CA TRP A 407 36.32 26.34 -17.55
C TRP A 407 37.26 26.79 -18.68
N LYS A 408 37.37 26.00 -19.74
CA LYS A 408 38.21 26.38 -20.87
C LYS A 408 37.69 27.65 -21.54
N HIS A 409 36.38 27.75 -21.69
CA HIS A 409 35.77 28.95 -22.27
C HIS A 409 35.97 30.18 -21.39
N TRP A 410 35.94 29.96 -20.08
CA TRP A 410 36.17 31.04 -19.13
C TRP A 410 37.61 31.54 -19.22
N LEU A 411 38.56 30.61 -19.31
CA LEU A 411 39.97 30.94 -19.42
C LEU A 411 40.25 31.73 -20.69
N LYS A 412 39.67 31.27 -21.79
CA LYS A 412 39.87 31.85 -23.10
C LYS A 412 39.31 33.28 -23.21
N THR A 413 38.23 33.57 -22.49
CA THR A 413 37.56 34.85 -22.65
C THR A 413 37.61 35.79 -21.44
N LYS A 414 37.63 35.25 -20.24
CA LYS A 414 37.54 36.10 -19.04
C LYS A 414 38.77 36.09 -18.15
N GLY A 415 39.50 34.99 -18.11
CA GLY A 415 40.69 34.94 -17.31
C GLY A 415 40.76 33.79 -16.31
N THR A 416 41.42 34.05 -15.20
CA THR A 416 41.72 33.03 -14.19
C THR A 416 40.92 33.14 -12.90
N ARG A 417 40.01 34.12 -12.83
CA ARG A 417 39.19 34.31 -11.63
C ARG A 417 37.93 35.08 -11.98
N THR B 21 -66.82 42.97 -27.28
CA THR B 21 -66.68 43.60 -25.96
C THR B 21 -66.46 45.11 -26.07
N GLN B 22 -66.66 45.81 -24.96
CA GLN B 22 -66.50 47.25 -24.89
C GLN B 22 -65.20 47.65 -24.19
N PRO B 23 -64.65 48.83 -24.52
CA PRO B 23 -63.40 49.29 -23.90
C PRO B 23 -63.50 49.44 -22.38
N SER B 24 -64.70 49.75 -21.90
CA SER B 24 -64.97 49.90 -20.47
C SER B 24 -64.69 48.61 -19.72
N ASP B 25 -64.85 47.49 -20.42
CA ASP B 25 -64.74 46.16 -19.83
C ASP B 25 -63.31 45.77 -19.45
N TRP B 26 -62.34 46.50 -19.99
CA TRP B 26 -60.93 46.21 -19.75
C TRP B 26 -60.30 47.05 -18.63
N ALA B 27 -59.56 46.39 -17.75
CA ALA B 27 -58.90 47.07 -16.63
C ALA B 27 -57.37 47.00 -16.74
N TYR B 28 -56.72 48.12 -16.43
CA TYR B 28 -55.26 48.21 -16.46
C TYR B 28 -54.63 47.32 -15.38
N ILE B 29 -53.63 46.55 -15.78
CA ILE B 29 -52.96 45.64 -14.85
C ILE B 29 -51.54 46.08 -14.53
N ALA B 30 -50.79 46.50 -15.57
CA ALA B 30 -49.37 46.79 -15.39
C ALA B 30 -48.83 47.82 -16.38
N GLU B 31 -47.72 48.43 -16.00
CA GLU B 31 -47.00 49.43 -16.79
C GLU B 31 -47.91 50.41 -17.54
N HIS B 35 -47.51 49.44 -24.16
CA HIS B 35 -46.61 48.90 -23.16
C HIS B 35 -47.38 48.54 -21.90
N ILE B 36 -48.69 48.34 -22.05
CA ILE B 36 -49.56 47.99 -20.94
C ILE B 36 -50.44 46.79 -21.24
N VAL B 37 -50.70 45.98 -20.22
CA VAL B 37 -51.56 44.83 -20.40
C VAL B 37 -52.87 45.13 -19.69
N PHE B 38 -53.96 44.57 -20.19
CA PHE B 38 -55.29 44.83 -19.65
C PHE B 38 -56.03 43.55 -19.33
N SER B 39 -56.90 43.61 -18.33
CA SER B 39 -57.70 42.46 -17.94
C SER B 39 -59.17 42.68 -18.28
N TYR B 40 -59.77 41.65 -18.88
CA TYR B 40 -61.18 41.67 -19.26
C TYR B 40 -62.07 41.29 -18.08
N GLN B 41 -62.61 42.29 -17.40
CA GLN B 41 -63.46 42.04 -16.24
C GLN B 41 -64.94 42.24 -16.59
N GLY B 42 -65.28 42.03 -17.85
CA GLY B 42 -66.65 42.19 -18.32
C GLY B 42 -67.05 41.36 -19.52
N GLN B 43 -68.35 41.13 -19.65
CA GLN B 43 -68.98 40.34 -20.71
C GLN B 43 -68.67 38.84 -20.62
N SER B 44 -68.33 38.23 -21.76
CA SER B 44 -68.02 36.80 -21.81
C SER B 44 -67.08 36.45 -22.96
N LYS B 45 -66.81 35.15 -23.09
CA LYS B 45 -65.89 34.61 -24.11
C LYS B 45 -64.53 35.30 -24.07
N THR B 49 -61.45 35.62 -19.22
CA THR B 49 -60.20 34.92 -18.98
C THR B 49 -59.14 35.25 -20.04
N ARG B 50 -59.23 36.45 -20.62
CA ARG B 50 -58.32 36.88 -21.66
C ARG B 50 -57.64 38.21 -21.29
N ALA B 51 -56.46 38.45 -21.83
CA ALA B 51 -55.77 39.71 -21.59
C ALA B 51 -55.36 40.39 -22.90
N LEU B 52 -55.10 41.69 -22.84
CA LEU B 52 -54.71 42.45 -24.01
C LEU B 52 -53.49 43.33 -23.75
N ARG B 53 -52.45 43.17 -24.56
CA ARG B 53 -51.26 44.01 -24.43
C ARG B 53 -51.13 44.89 -25.67
N VAL B 54 -50.98 46.19 -25.44
CA VAL B 54 -50.89 47.16 -26.52
C VAL B 54 -49.73 48.13 -26.31
N ARG B 55 -49.19 48.66 -27.41
CA ARG B 55 -48.02 49.52 -27.34
C ARG B 55 -48.38 50.93 -26.86
N ASN B 70 -34.94 41.71 -32.57
CA ASN B 70 -35.94 40.93 -31.86
C ASN B 70 -37.33 40.88 -32.54
N ASP B 71 -37.46 41.42 -33.74
CA ASP B 71 -38.70 41.32 -34.50
C ASP B 71 -38.87 39.88 -35.10
N VAL B 72 -37.76 39.17 -35.33
CA VAL B 72 -37.79 37.78 -35.77
C VAL B 72 -38.27 36.87 -34.61
N SER B 73 -38.33 37.43 -33.39
CA SER B 73 -38.73 36.68 -32.19
C SER B 73 -40.12 36.05 -32.35
N GLY B 74 -40.95 36.64 -33.20
CA GLY B 74 -42.28 36.10 -33.42
C GLY B 74 -42.18 34.68 -33.94
N GLN B 75 -41.30 34.47 -34.92
CA GLN B 75 -41.04 33.13 -35.45
C GLN B 75 -40.51 32.24 -34.34
N TRP B 76 -39.66 32.82 -33.49
CA TRP B 76 -39.07 32.12 -32.35
C TRP B 76 -40.11 31.62 -31.34
N ARG B 77 -41.01 32.51 -30.95
CA ARG B 77 -42.03 32.17 -29.96
C ARG B 77 -43.09 31.23 -30.55
N ARG B 78 -43.47 31.47 -31.80
CA ARG B 78 -44.49 30.67 -32.48
C ARG B 78 -43.96 29.30 -32.91
N ASN B 79 -42.80 29.28 -33.58
CA ASN B 79 -42.31 28.02 -34.16
C ASN B 79 -41.05 27.40 -33.56
N ILE B 80 -40.08 28.23 -33.18
CA ILE B 80 -38.78 27.70 -32.74
C ILE B 80 -38.77 27.26 -31.28
N LEU B 81 -39.20 28.16 -30.39
CA LEU B 81 -39.22 27.88 -28.95
C LEU B 81 -40.08 26.66 -28.54
N PRO B 82 -41.23 26.43 -29.21
CA PRO B 82 -42.00 25.25 -28.80
C PRO B 82 -41.25 23.92 -28.93
N LYS B 83 -40.19 23.87 -29.72
CA LYS B 83 -39.35 22.67 -29.80
C LYS B 83 -38.53 22.46 -28.52
N LEU B 84 -38.08 23.56 -27.92
CA LEU B 84 -37.23 23.52 -26.74
C LEU B 84 -38.03 23.35 -25.45
N VAL B 85 -39.16 24.02 -25.35
CA VAL B 85 -40.00 23.93 -24.17
C VAL B 85 -41.36 23.35 -24.54
N PRO B 86 -41.82 22.35 -23.78
CA PRO B 86 -43.13 21.71 -24.02
C PRO B 86 -44.27 22.73 -23.94
N ARG B 87 -45.32 22.54 -24.73
CA ARG B 87 -46.41 23.51 -24.83
C ARG B 87 -47.12 23.72 -23.50
N GLN B 88 -47.08 22.70 -22.65
CA GLN B 88 -47.68 22.76 -21.33
C GLN B 88 -47.06 23.86 -20.45
N LEU B 89 -45.79 24.18 -20.67
CA LEU B 89 -45.09 25.21 -19.88
C LEU B 89 -45.06 26.58 -20.55
N LEU B 90 -45.67 26.69 -21.73
CA LEU B 90 -45.67 27.95 -22.47
C LEU B 90 -47.04 28.62 -22.55
N THR B 91 -47.01 29.94 -22.64
CA THR B 91 -48.22 30.76 -22.74
C THR B 91 -48.59 31.01 -24.19
N THR B 92 -49.87 30.99 -24.49
CA THR B 92 -50.36 31.23 -25.84
C THR B 92 -50.53 32.72 -26.10
N SER B 93 -50.30 33.14 -27.33
CA SER B 93 -50.47 34.55 -27.70
C SER B 93 -51.22 34.63 -29.02
N ARG B 94 -52.04 35.66 -29.12
CA ARG B 94 -52.89 35.90 -30.28
C ARG B 94 -52.73 37.27 -30.89
N GLU B 95 -52.49 37.32 -32.20
CA GLU B 95 -52.39 38.60 -32.88
C GLU B 95 -53.77 39.21 -32.95
N VAL B 96 -53.88 40.51 -32.71
CA VAL B 96 -55.20 41.12 -32.71
C VAL B 96 -55.17 42.40 -33.51
N THR B 97 -56.22 42.57 -34.32
CA THR B 97 -56.38 43.74 -35.15
C THR B 97 -57.50 44.61 -34.59
N LEU B 98 -57.24 45.26 -33.47
CA LEU B 98 -58.22 46.15 -32.87
C LEU B 98 -57.62 47.54 -33.00
N GLU B 99 -58.40 48.48 -33.52
CA GLU B 99 -57.86 49.79 -33.85
C GLU B 99 -58.92 50.85 -34.17
N GLU B 100 -58.45 52.10 -34.16
CA GLU B 100 -59.22 53.33 -34.42
C GLU B 100 -59.87 53.93 -33.18
N GLY B 101 -61.18 54.10 -33.24
CA GLY B 101 -61.93 54.68 -32.13
C GLY B 101 -61.85 53.87 -30.85
N TRP B 102 -61.93 52.54 -30.98
CA TRP B 102 -61.85 51.65 -29.84
C TRP B 102 -60.54 51.78 -29.08
N TYR B 103 -59.44 51.86 -29.82
CA TYR B 103 -58.10 51.93 -29.22
C TYR B 103 -57.90 53.19 -28.38
N LYS B 104 -58.31 54.35 -28.92
CA LYS B 104 -58.08 55.63 -28.25
C LYS B 104 -58.82 55.77 -26.92
N GLU B 105 -60.01 55.18 -26.83
CA GLU B 105 -60.78 55.20 -25.58
C GLU B 105 -60.09 54.50 -24.42
N LEU B 106 -59.47 53.35 -24.71
CA LEU B 106 -58.78 52.58 -23.67
C LEU B 106 -57.61 53.38 -23.08
N LEU B 107 -57.84 53.92 -21.88
CA LEU B 107 -56.83 54.75 -21.22
C LEU B 107 -57.16 54.92 -19.73
N ARG B 130 -51.70 50.58 -33.02
CA ARG B 130 -53.06 50.18 -33.36
C ARG B 130 -53.20 48.66 -33.45
N ARG B 131 -52.12 47.96 -33.09
CA ARG B 131 -52.13 46.49 -33.12
C ARG B 131 -51.79 45.94 -31.74
N GLY B 132 -52.52 44.92 -31.29
CA GLY B 132 -52.27 44.35 -29.97
C GLY B 132 -52.23 42.84 -29.96
N VAL B 133 -51.91 42.28 -28.79
CA VAL B 133 -51.81 40.83 -28.63
C VAL B 133 -52.73 40.33 -27.53
N LEU B 134 -53.36 39.18 -27.76
CA LEU B 134 -54.24 38.56 -26.77
C LEU B 134 -53.50 37.50 -25.97
N LEU B 135 -53.60 37.59 -24.64
CA LEU B 135 -52.86 36.72 -23.73
C LEU B 135 -53.81 35.86 -22.91
N GLU B 136 -53.25 34.89 -22.20
CA GLU B 136 -53.99 34.20 -21.15
C GLU B 136 -53.88 35.06 -19.90
N ASP B 137 -55.01 35.35 -19.26
CA ASP B 137 -55.00 36.17 -18.05
C ASP B 137 -54.80 35.29 -16.83
N LEU B 138 -53.54 35.16 -16.41
CA LEU B 138 -53.15 34.23 -15.35
C LEU B 138 -52.97 34.87 -13.98
N THR B 139 -52.92 36.19 -13.92
CA THR B 139 -52.69 36.87 -12.64
C THR B 139 -53.95 37.48 -12.06
N SER B 140 -54.96 37.66 -12.90
CA SER B 140 -56.20 38.31 -12.50
C SER B 140 -57.24 37.37 -11.92
N ASN B 141 -58.25 37.95 -11.28
CA ASN B 141 -59.38 37.21 -10.75
C ASN B 141 -60.33 36.87 -11.89
N VAL B 142 -60.44 35.59 -12.22
CA VAL B 142 -61.22 35.16 -13.37
C VAL B 142 -62.30 34.12 -13.05
N ASP B 143 -62.40 33.70 -11.80
CA ASP B 143 -63.34 32.63 -11.48
C ASP B 143 -64.76 33.14 -11.24
N ASP B 144 -65.70 32.39 -11.81
CA ASP B 144 -67.11 32.68 -11.75
C ASP B 144 -67.58 32.72 -10.31
N ASP B 145 -67.03 31.79 -9.53
CA ASP B 145 -67.38 31.59 -8.14
C ASP B 145 -66.79 32.63 -7.21
N GLY B 146 -65.90 33.48 -7.74
CA GLY B 146 -65.24 34.47 -6.92
C GLY B 146 -63.94 34.00 -6.29
N ALA B 147 -63.37 32.91 -6.81
CA ALA B 147 -62.10 32.40 -6.30
C ALA B 147 -60.97 33.40 -6.53
N ILE B 148 -60.07 33.51 -5.56
CA ILE B 148 -58.96 34.45 -5.62
C ILE B 148 -57.77 33.85 -6.33
N THR B 149 -57.26 34.55 -7.34
CA THR B 149 -56.12 34.08 -8.09
C THR B 149 -54.85 34.31 -7.28
N VAL B 150 -54.04 33.27 -7.15
CA VAL B 150 -52.78 33.37 -6.42
C VAL B 150 -51.62 33.03 -7.36
N ALA B 151 -50.70 33.96 -7.51
CA ALA B 151 -49.59 33.74 -8.43
C ALA B 151 -48.25 34.04 -7.78
N ILE B 152 -47.26 33.25 -8.16
CA ILE B 152 -45.90 33.43 -7.67
C ILE B 152 -44.98 33.53 -8.88
N GLU B 153 -44.10 34.51 -8.84
CA GLU B 153 -43.13 34.70 -9.90
C GLU B 153 -41.74 34.55 -9.30
N ILE B 154 -40.98 33.60 -9.81
CA ILE B 154 -39.66 33.27 -9.29
C ILE B 154 -38.55 33.38 -10.34
N LYS B 155 -37.42 33.95 -9.91
CA LYS B 155 -36.22 33.98 -10.74
C LYS B 155 -35.23 32.97 -10.18
N PRO B 156 -35.20 31.77 -10.79
CA PRO B 156 -34.45 30.59 -10.34
C PRO B 156 -32.92 30.71 -10.47
N LYS B 157 -32.46 31.55 -11.39
CA LYS B 157 -31.04 31.75 -11.69
C LYS B 157 -30.41 30.49 -12.28
N TRP B 158 -29.10 30.40 -12.23
CA TRP B 158 -28.36 29.27 -12.78
C TRP B 158 -28.58 28.01 -11.95
N GLY B 159 -28.91 26.91 -12.61
CA GLY B 159 -29.18 25.66 -11.94
C GLY B 159 -27.96 24.76 -11.89
N PHE B 160 -26.80 25.35 -12.17
CA PHE B 160 -25.56 24.60 -12.26
C PHE B 160 -24.30 25.42 -11.97
N LEU B 161 -23.18 24.70 -11.84
CA LEU B 161 -21.85 25.29 -11.74
C LEU B 161 -21.02 24.77 -12.91
N PRO B 162 -20.24 25.66 -13.56
CA PRO B 162 -19.37 25.21 -14.65
C PRO B 162 -18.32 24.24 -14.12
N CYS B 163 -17.97 23.23 -14.89
CA CYS B 163 -16.95 22.26 -14.46
C CYS B 163 -15.56 22.87 -14.49
N ALA B 164 -14.71 22.44 -13.57
CA ALA B 164 -13.35 22.96 -13.48
C ALA B 164 -12.57 22.71 -14.77
N GLY B 165 -12.88 21.61 -15.43
CA GLY B 165 -12.18 21.22 -16.64
C GLY B 165 -12.31 22.19 -17.81
N HIS B 166 -13.34 23.02 -17.82
CA HIS B 166 -13.54 23.97 -18.91
C HIS B 166 -13.17 25.42 -18.61
N LEU B 167 -12.83 25.73 -17.36
CA LEU B 167 -12.57 27.12 -16.97
C LEU B 167 -11.17 27.56 -17.39
N GLN B 168 -11.10 28.68 -18.11
CA GLN B 168 -9.87 29.09 -18.80
C GLN B 168 -8.80 29.66 -17.86
N PRO B 169 -9.05 30.83 -17.22
CA PRO B 169 -7.94 31.27 -16.37
C PRO B 169 -7.81 30.38 -15.14
N PRO B 170 -6.61 29.81 -14.90
CA PRO B 170 -6.41 28.88 -13.78
C PRO B 170 -6.77 29.52 -12.44
N GLU B 171 -6.56 30.82 -12.36
CA GLU B 171 -6.90 31.60 -11.18
C GLU B 171 -8.41 31.63 -10.91
N SER B 172 -9.20 31.51 -11.98
CA SER B 172 -10.66 31.62 -11.86
C SER B 172 -11.32 30.27 -11.67
N VAL B 173 -10.55 29.19 -11.83
CA VAL B 173 -11.11 27.85 -11.79
C VAL B 173 -11.76 27.55 -10.45
N SER B 174 -11.05 27.85 -9.37
CA SER B 174 -11.53 27.57 -8.03
C SER B 174 -12.81 28.35 -7.70
N ILE B 175 -12.88 29.59 -8.18
CA ILE B 175 -14.02 30.45 -7.91
C ILE B 175 -15.32 29.96 -8.58
N LYS B 176 -15.29 29.89 -9.90
CA LYS B 176 -16.45 29.59 -10.72
C LYS B 176 -16.95 28.15 -10.55
N SER B 177 -16.05 27.25 -10.15
CA SER B 177 -16.42 25.84 -9.93
C SER B 177 -17.08 25.61 -8.57
N HIS B 178 -16.98 26.59 -7.67
CA HIS B 178 -17.54 26.44 -6.32
C HIS B 178 -18.52 27.55 -5.92
N VAL B 179 -18.43 28.70 -6.57
CA VAL B 179 -19.33 29.81 -6.27
C VAL B 179 -20.30 30.05 -7.42
N SER B 180 -21.60 30.03 -7.12
CA SER B 180 -22.61 30.21 -8.15
C SER B 180 -22.55 31.63 -8.72
N ARG B 181 -23.04 31.78 -9.95
CA ARG B 181 -23.07 33.07 -10.61
C ARG B 181 -23.91 34.06 -9.80
N PHE B 182 -24.96 33.53 -9.17
CA PHE B 182 -25.85 34.33 -8.32
C PHE B 182 -25.10 34.92 -7.14
N ARG B 183 -24.34 34.07 -6.45
CA ARG B 183 -23.54 34.48 -5.31
C ARG B 183 -22.47 35.51 -5.66
N LEU B 184 -21.82 35.30 -6.80
CA LEU B 184 -20.78 36.20 -7.28
C LEU B 184 -21.33 37.59 -7.58
N HIS B 185 -22.48 37.60 -8.26
CA HIS B 185 -23.10 38.85 -8.70
C HIS B 185 -23.63 39.64 -7.50
N GLN B 186 -24.18 38.92 -6.52
CA GLN B 186 -24.68 39.56 -5.30
C GLN B 186 -23.54 40.23 -4.51
N HIS B 187 -22.43 39.52 -4.37
CA HIS B 187 -21.28 40.08 -3.68
C HIS B 187 -20.79 41.27 -4.45
N PHE B 188 -20.81 41.17 -5.77
CA PHE B 188 -20.37 42.28 -6.62
C PHE B 188 -21.16 43.56 -6.43
N ARG B 189 -22.47 43.43 -6.23
CA ARG B 189 -23.31 44.61 -6.11
C ARG B 189 -23.29 45.12 -4.69
N GLY B 190 -22.49 44.46 -3.85
CA GLY B 190 -22.32 44.87 -2.48
C GLY B 190 -23.35 44.29 -1.53
N ARG B 191 -24.14 43.33 -2.01
CA ARG B 191 -25.12 42.70 -1.14
C ARG B 191 -24.46 41.56 -0.38
N ALA B 192 -25.19 40.96 0.57
CA ALA B 192 -24.62 39.89 1.37
C ALA B 192 -24.29 38.67 0.54
N ASP B 193 -23.05 38.18 0.65
CA ASP B 193 -22.62 37.02 -0.12
C ASP B 193 -23.16 35.75 0.54
N ASP B 194 -23.89 35.92 1.64
CA ASP B 194 -24.53 34.81 2.34
C ASP B 194 -26.03 34.77 2.05
N PRO B 195 -26.43 34.50 0.80
CA PRO B 195 -27.89 34.52 0.62
C PRO B 195 -28.54 33.24 1.13
N PRO B 196 -29.72 33.34 1.74
CA PRO B 196 -30.43 32.15 2.19
C PRO B 196 -30.85 31.29 1.00
N TYR B 197 -31.03 31.92 -0.15
CA TYR B 197 -31.39 31.20 -1.37
C TYR B 197 -30.17 30.75 -2.17
N ASP B 198 -30.10 29.46 -2.44
CA ASP B 198 -29.08 28.91 -3.31
C ASP B 198 -29.79 28.14 -4.41
N PRO B 199 -29.59 28.57 -5.67
CA PRO B 199 -30.28 27.97 -6.82
C PRO B 199 -30.03 26.46 -6.93
N LEU B 200 -28.84 26.03 -6.53
CA LEU B 200 -28.49 24.62 -6.58
C LEU B 200 -29.38 23.81 -5.64
N ASP B 201 -29.80 24.41 -4.54
CA ASP B 201 -30.73 23.77 -3.62
C ASP B 201 -32.09 23.56 -4.31
N LEU B 202 -32.54 24.58 -5.03
CA LEU B 202 -33.81 24.50 -5.76
C LEU B 202 -33.74 23.52 -6.93
N PHE B 203 -32.61 23.49 -7.62
CA PHE B 203 -32.45 22.66 -8.80
C PHE B 203 -32.00 21.24 -8.45
N SER B 204 -31.85 20.97 -7.16
CA SER B 204 -31.35 19.69 -6.69
C SER B 204 -32.28 18.52 -6.99
N GLY B 205 -33.58 18.75 -6.91
CA GLY B 205 -34.55 17.68 -7.08
C GLY B 205 -34.88 17.05 -5.74
N ASP B 206 -34.27 17.58 -4.68
CA ASP B 206 -34.49 17.10 -3.33
C ASP B 206 -35.58 17.89 -2.63
N LYS B 207 -36.60 17.20 -2.11
CA LYS B 207 -37.75 17.86 -1.50
C LYS B 207 -37.36 18.77 -0.35
N MSE B 208 -36.50 18.27 0.53
CA MSE B 208 -36.13 19.01 1.72
C MSE B 208 -35.26 20.21 1.35
O MSE B 208 -35.34 21.25 2.00
CB MSE B 208 -35.38 18.11 2.71
N ARG B 209 -34.46 20.06 0.31
CA ARG B 209 -33.54 21.13 -0.09
C ARG B 209 -34.28 22.21 -0.86
N MSE B 210 -35.20 21.79 -1.72
CA MSE B 210 -36.08 22.72 -2.43
C MSE B 210 -36.88 23.57 -1.44
O MSE B 210 -37.09 24.76 -1.64
CB MSE B 210 -37.03 21.95 -3.35
CG MSE B 210 -36.46 21.66 -4.72
SE MSE B 210 -37.39 20.16 -5.56
CE MSE B 210 -36.80 20.40 -7.40
N ARG B 211 -37.29 22.92 -0.35
CA ARG B 211 -38.05 23.54 0.72
C ARG B 211 -37.17 24.63 1.35
N THR B 212 -35.89 24.31 1.51
CA THR B 212 -34.91 25.24 2.07
C THR B 212 -34.68 26.45 1.16
N ALA B 213 -34.61 26.20 -0.14
CA ALA B 213 -34.41 27.25 -1.12
C ALA B 213 -35.61 28.20 -1.19
N LEU B 214 -36.81 27.62 -1.18
CA LEU B 214 -38.03 28.41 -1.25
C LEU B 214 -38.17 29.32 -0.02
N ASP B 215 -37.83 28.79 1.16
CA ASP B 215 -37.84 29.59 2.37
C ASP B 215 -36.84 30.73 2.30
N GLY B 216 -35.71 30.46 1.67
CA GLY B 216 -34.66 31.46 1.50
C GLY B 216 -35.16 32.62 0.68
N LEU B 217 -35.96 32.30 -0.34
CA LEU B 217 -36.57 33.33 -1.18
C LEU B 217 -37.57 34.15 -0.37
N TRP B 218 -38.33 33.51 0.50
CA TRP B 218 -39.27 34.20 1.38
C TRP B 218 -38.52 35.12 2.33
N THR B 219 -37.41 34.61 2.86
CA THR B 219 -36.59 35.34 3.81
C THR B 219 -36.03 36.62 3.19
N MSE B 220 -35.42 36.48 2.01
CA MSE B 220 -34.85 37.63 1.31
C MSE B 220 -35.94 38.61 0.86
O MSE B 220 -35.70 39.80 0.73
CB MSE B 220 -34.04 37.17 0.10
CG MSE B 220 -32.77 36.42 0.46
SE MSE B 220 -31.81 35.75 -1.10
CE MSE B 220 -31.15 37.44 -1.82
N TRP B 221 -37.14 38.08 0.65
CA TRP B 221 -38.28 38.90 0.26
C TRP B 221 -38.69 39.82 1.40
N GLU B 222 -38.77 39.28 2.61
CA GLU B 222 -39.12 40.05 3.80
C GLU B 222 -38.09 41.12 4.13
N ILE B 223 -36.81 40.74 4.07
CA ILE B 223 -35.71 41.63 4.43
C ILE B 223 -35.68 42.85 3.51
N SER B 224 -35.99 42.60 2.24
CA SER B 224 -35.98 43.64 1.21
C SER B 224 -37.31 44.38 1.13
N ARG B 225 -38.20 44.07 2.08
CA ARG B 225 -39.55 44.64 2.13
C ARG B 225 -40.29 44.37 0.82
N GLY B 226 -40.06 43.20 0.24
CA GLY B 226 -40.78 42.81 -0.96
C GLY B 226 -40.31 43.53 -2.21
N LYS B 227 -39.20 44.25 -2.11
CA LYS B 227 -38.71 45.01 -3.25
C LYS B 227 -37.70 44.24 -4.08
N SER B 228 -37.24 43.10 -3.58
CA SER B 228 -36.32 42.25 -4.34
C SER B 228 -37.10 41.54 -5.44
N ASN B 229 -36.50 41.45 -6.62
CA ASN B 229 -37.17 40.90 -7.81
C ASN B 229 -37.20 39.38 -7.91
N ASN B 230 -36.41 38.71 -7.07
CA ASN B 230 -36.30 37.24 -7.10
C ASN B 230 -37.59 36.51 -6.71
N TRP B 231 -38.38 37.12 -5.84
CA TRP B 231 -39.61 36.52 -5.37
C TRP B 231 -40.76 37.52 -5.46
N LYS B 232 -41.78 37.15 -6.23
CA LYS B 232 -42.94 38.01 -6.41
C LYS B 232 -44.22 37.25 -6.08
N VAL B 233 -45.05 37.87 -5.26
CA VAL B 233 -46.32 37.27 -4.88
C VAL B 233 -47.47 38.13 -5.36
N PHE B 234 -48.40 37.52 -6.08
CA PHE B 234 -49.56 38.24 -6.58
C PHE B 234 -50.84 37.64 -6.02
N ILE B 235 -51.62 38.46 -5.33
CA ILE B 235 -52.92 38.03 -4.82
C ILE B 235 -54.01 38.95 -5.34
N GLY B 236 -54.95 38.40 -6.10
CA GLY B 236 -56.03 39.20 -6.64
C GLY B 236 -55.55 40.32 -7.55
N SER B 237 -54.45 40.06 -8.26
CA SER B 237 -53.79 41.00 -9.18
C SER B 237 -52.99 42.05 -8.43
N LYS B 238 -53.00 41.97 -7.10
CA LYS B 238 -52.23 42.89 -6.27
C LYS B 238 -50.89 42.24 -5.93
N GLU B 239 -49.80 42.96 -6.19
CA GLU B 239 -48.48 42.45 -5.81
C GLU B 239 -48.27 42.71 -4.33
N ILE B 240 -48.18 41.62 -3.57
CA ILE B 240 -48.18 41.69 -2.12
C ILE B 240 -46.82 42.10 -1.56
N SER B 241 -46.83 42.93 -0.52
CA SER B 241 -45.62 43.31 0.20
C SER B 241 -45.65 42.59 1.55
N PRO B 242 -44.49 42.49 2.24
CA PRO B 242 -44.43 41.78 3.53
C PRO B 242 -45.38 42.28 4.63
N ASP B 243 -45.61 43.59 4.71
CA ASP B 243 -46.47 44.16 5.75
C ASP B 243 -47.95 43.95 5.47
N ASP B 244 -48.29 43.74 4.20
CA ASP B 244 -49.66 43.42 3.82
C ASP B 244 -50.12 42.12 4.45
N LEU B 245 -49.17 41.21 4.63
CA LEU B 245 -49.44 39.89 5.17
C LEU B 245 -49.98 39.91 6.59
N GLN B 246 -49.46 40.83 7.41
CA GLN B 246 -49.87 40.89 8.80
C GLN B 246 -51.19 41.64 8.99
N ARG B 247 -51.54 42.42 7.98
CA ARG B 247 -52.83 43.11 7.91
C ARG B 247 -53.94 42.27 7.27
N GLY B 248 -54.42 41.28 8.01
CA GLY B 248 -55.55 40.44 7.61
C GLY B 248 -56.54 40.99 6.61
N LEU B 249 -56.17 41.00 5.33
CA LEU B 249 -57.09 41.48 4.29
C LEU B 249 -57.68 40.34 3.45
N LEU B 250 -57.30 39.11 3.78
CA LEU B 250 -57.71 37.96 2.98
C LEU B 250 -58.42 36.87 3.81
N PRO B 251 -59.14 35.96 3.12
CA PRO B 251 -59.83 34.86 3.82
C PRO B 251 -58.89 33.92 4.56
N MSE B 252 -57.75 33.62 3.95
CA MSE B 252 -56.74 32.78 4.57
C MSE B 252 -55.81 33.61 5.44
O MSE B 252 -55.85 33.54 6.67
CB MSE B 252 -55.96 32.02 3.51
CG MSE B 252 -54.85 31.13 4.06
SE MSE B 252 -54.23 29.89 2.70
CE MSE B 252 -55.74 28.67 2.66
N GLY B 253 -54.98 34.42 4.78
CA GLY B 253 -54.13 35.39 5.46
C GLY B 253 -53.00 34.87 6.33
N GLY B 254 -52.05 35.75 6.60
CA GLY B 254 -50.91 35.45 7.46
C GLY B 254 -49.99 34.32 7.07
N ASP B 255 -49.62 33.54 8.09
CA ASP B 255 -48.68 32.43 7.97
C ASP B 255 -49.21 31.28 7.14
N ASP B 256 -50.53 31.07 7.18
CA ASP B 256 -51.16 29.99 6.44
C ASP B 256 -50.97 30.19 4.93
N LEU B 257 -50.96 31.45 4.50
CA LEU B 257 -50.75 31.76 3.09
C LEU B 257 -49.33 31.42 2.66
N VAL B 258 -48.36 31.83 3.47
CA VAL B 258 -46.95 31.57 3.18
C VAL B 258 -46.68 30.06 3.13
N THR B 259 -47.21 29.35 4.13
CA THR B 259 -47.02 27.90 4.22
C THR B 259 -47.66 27.18 3.05
N ASN B 260 -48.89 27.54 2.73
CA ASN B 260 -49.62 26.92 1.63
C ASN B 260 -49.00 27.24 0.28
N ILE B 261 -48.48 28.47 0.14
CA ILE B 261 -47.79 28.87 -1.08
C ILE B 261 -46.52 28.06 -1.31
N THR B 262 -45.73 27.85 -0.26
CA THR B 262 -44.51 27.07 -0.40
C THR B 262 -44.85 25.65 -0.82
N GLN B 263 -45.83 25.06 -0.13
CA GLN B 263 -46.26 23.70 -0.43
C GLN B 263 -46.84 23.56 -1.83
N LEU B 264 -47.62 24.55 -2.25
CA LEU B 264 -48.19 24.51 -3.59
C LEU B 264 -47.08 24.70 -4.62
N THR B 265 -46.21 25.67 -4.38
CA THR B 265 -45.09 25.93 -5.27
C THR B 265 -44.15 24.73 -5.29
N LEU B 266 -43.85 24.21 -4.10
CA LEU B 266 -42.95 23.06 -3.97
C LEU B 266 -43.47 21.84 -4.72
N SER B 267 -44.75 21.52 -4.51
CA SER B 267 -45.34 20.37 -5.16
C SER B 267 -45.47 20.56 -6.69
N ALA B 268 -45.84 21.75 -7.12
CA ALA B 268 -46.00 22.05 -8.54
C ALA B 268 -44.70 21.97 -9.34
N LEU B 269 -43.61 22.48 -8.78
CA LEU B 269 -42.32 22.47 -9.45
C LEU B 269 -41.73 21.07 -9.65
N GLN B 270 -41.90 20.20 -8.67
CA GLN B 270 -41.44 18.82 -8.74
C GLN B 270 -42.27 17.99 -9.71
N THR B 271 -43.58 18.18 -9.63
CA THR B 271 -44.52 17.48 -10.49
C THR B 271 -44.20 17.88 -11.92
N SER B 272 -43.86 19.15 -12.06
CA SER B 272 -43.49 19.70 -13.34
C SER B 272 -42.05 19.32 -13.65
N SER B 273 -41.74 19.25 -14.94
CA SER B 273 -40.39 18.94 -15.36
C SER B 273 -39.60 20.23 -15.59
N ALA B 274 -40.18 21.36 -15.16
CA ALA B 274 -39.65 22.68 -15.48
C ALA B 274 -38.21 22.92 -15.03
N LEU B 275 -37.92 22.66 -13.76
CA LEU B 275 -36.58 22.91 -13.23
C LEU B 275 -35.53 21.99 -13.87
N PRO B 276 -35.77 20.67 -13.95
CA PRO B 276 -34.75 19.86 -14.63
C PRO B 276 -34.60 20.21 -16.11
N LEU B 277 -35.70 20.53 -16.80
CA LEU B 277 -35.62 20.91 -18.20
C LEU B 277 -34.85 22.22 -18.36
N LEU B 278 -35.08 23.15 -17.44
CA LEU B 278 -34.42 24.45 -17.50
C LEU B 278 -32.92 24.32 -17.25
N LYS B 279 -32.54 23.53 -16.25
CA LYS B 279 -31.14 23.35 -15.90
C LYS B 279 -30.38 22.72 -17.06
N ASN B 280 -31.00 21.73 -17.68
CA ASN B 280 -30.41 21.06 -18.83
C ASN B 280 -30.25 22.03 -20.00
N LEU B 281 -31.26 22.89 -20.19
CA LEU B 281 -31.21 23.90 -21.24
C LEU B 281 -30.13 24.96 -20.95
N GLN B 282 -30.00 25.34 -19.69
CA GLN B 282 -28.98 26.30 -19.27
C GLN B 282 -27.57 25.76 -19.53
N GLN B 283 -27.32 24.53 -19.10
CA GLN B 283 -25.99 23.94 -19.26
C GLN B 283 -25.63 23.52 -20.68
N ASN B 284 -26.55 22.84 -21.36
CA ASN B 284 -26.25 22.34 -22.71
C ASN B 284 -26.00 23.45 -23.72
N LEU B 285 -26.73 24.56 -23.59
CA LEU B 285 -26.56 25.69 -24.50
C LEU B 285 -25.31 26.49 -24.16
N ASP B 286 -24.75 26.22 -22.98
CA ASP B 286 -23.48 26.80 -22.55
C ASP B 286 -22.61 25.64 -22.08
N PRO B 287 -22.27 24.71 -23.00
CA PRO B 287 -21.66 23.42 -22.63
C PRO B 287 -20.29 23.60 -22.00
N ILE B 288 -19.54 24.55 -22.54
CA ILE B 288 -18.26 24.93 -21.98
C ILE B 288 -18.47 26.38 -21.58
N ASP B 289 -17.78 26.81 -20.53
CA ASP B 289 -17.96 28.17 -20.00
C ASP B 289 -17.77 29.24 -21.08
N ILE B 290 -18.18 30.47 -20.77
CA ILE B 290 -17.99 31.58 -21.70
C ILE B 290 -16.49 31.81 -21.90
N SER B 291 -15.70 31.44 -20.90
CA SER B 291 -14.26 31.62 -20.95
C SER B 291 -13.65 30.81 -22.09
N SER B 292 -14.04 29.55 -22.18
CA SER B 292 -13.54 28.68 -23.25
C SER B 292 -14.11 29.09 -24.60
N LEU B 293 -15.34 29.60 -24.62
CA LEU B 293 -15.94 30.08 -25.85
C LEU B 293 -15.17 31.29 -26.37
N ALA B 294 -14.72 32.12 -25.44
CA ALA B 294 -13.91 33.29 -25.76
C ALA B 294 -12.56 32.86 -26.35
N ALA B 295 -12.03 31.75 -25.85
CA ALA B 295 -10.77 31.20 -26.35
C ALA B 295 -10.94 30.78 -27.81
N LEU B 296 -12.08 30.17 -28.11
CA LEU B 296 -12.39 29.73 -29.46
C LEU B 296 -12.48 30.92 -30.41
N PHE B 297 -13.10 32.01 -29.95
CA PHE B 297 -13.25 33.21 -30.76
C PHE B 297 -11.89 33.83 -31.06
N GLN B 298 -11.03 33.89 -30.04
CA GLN B 298 -9.73 34.52 -30.16
C GLN B 298 -8.78 33.70 -31.03
N ALA B 299 -8.89 32.38 -30.94
CA ALA B 299 -8.07 31.48 -31.75
C ALA B 299 -8.34 31.66 -33.23
N GLU B 300 -9.61 31.70 -33.59
CA GLU B 300 -10.03 31.85 -34.98
C GLU B 300 -10.03 33.31 -35.42
N HIS B 301 -10.05 34.23 -34.46
CA HIS B 301 -10.04 35.64 -34.82
C HIS B 301 -9.01 36.46 -34.07
N PRO B 302 -7.72 36.28 -34.42
CA PRO B 302 -6.69 37.12 -33.80
C PRO B 302 -6.82 38.59 -34.26
N ASN B 303 -7.33 38.76 -35.47
CA ASN B 303 -7.87 40.05 -35.87
C ASN B 303 -9.09 40.38 -35.05
N SER B 304 -9.11 41.61 -34.53
CA SER B 304 -10.16 42.12 -33.66
C SER B 304 -10.19 41.60 -32.23
N PRO B 305 -10.81 42.40 -31.32
CA PRO B 305 -11.07 42.12 -29.90
C PRO B 305 -12.08 41.00 -29.70
N ILE B 306 -12.03 40.39 -28.52
CA ILE B 306 -12.88 39.25 -28.20
C ILE B 306 -14.36 39.62 -28.28
N PHE B 307 -15.11 38.79 -28.99
CA PHE B 307 -16.55 38.99 -29.19
C PHE B 307 -16.89 40.38 -29.71
N ASP B 308 -16.06 40.89 -30.62
CA ASP B 308 -16.32 42.20 -31.20
C ASP B 308 -17.60 42.13 -32.04
N PRO B 309 -18.56 43.00 -31.74
CA PRO B 309 -19.90 43.03 -32.37
C PRO B 309 -19.90 43.16 -33.90
N ASP B 310 -18.92 43.85 -34.47
CA ASP B 310 -18.82 44.07 -35.92
C ASP B 310 -18.59 42.78 -36.70
N LEU B 311 -18.13 41.74 -36.00
CA LEU B 311 -17.86 40.45 -36.62
C LEU B 311 -19.02 39.47 -36.42
N ILE B 312 -19.98 39.83 -35.59
CA ILE B 312 -21.09 38.93 -35.30
C ILE B 312 -22.34 39.42 -36.01
N ALA B 313 -22.73 38.69 -37.05
CA ALA B 313 -23.89 39.08 -37.84
C ALA B 313 -25.15 38.76 -37.07
N GLU B 314 -26.22 39.48 -37.35
CA GLU B 314 -27.50 39.18 -36.70
C GLU B 314 -27.98 37.82 -37.14
N VAL B 315 -28.72 37.16 -36.26
CA VAL B 315 -29.19 35.80 -36.51
C VAL B 315 -30.58 35.80 -37.13
N SER B 316 -30.75 35.10 -38.26
CA SER B 316 -32.05 34.98 -38.92
C SER B 316 -32.86 33.79 -38.38
N ALA B 317 -34.14 33.76 -38.72
CA ALA B 317 -35.04 32.69 -38.27
C ALA B 317 -34.61 31.33 -38.80
N VAL B 318 -34.19 31.28 -40.05
CA VAL B 318 -33.72 30.05 -40.67
C VAL B 318 -32.43 29.61 -39.99
N GLU B 319 -31.55 30.59 -39.75
CA GLU B 319 -30.27 30.33 -39.11
C GLU B 319 -30.50 29.82 -37.69
N LEU B 320 -31.43 30.44 -36.97
CA LEU B 320 -31.77 30.00 -35.61
C LEU B 320 -32.41 28.61 -35.58
N ASN B 321 -33.41 28.40 -36.44
CA ASN B 321 -34.14 27.14 -36.46
C ASN B 321 -33.26 25.96 -36.84
N SER B 322 -32.30 26.18 -37.73
CA SER B 322 -31.39 25.13 -38.16
C SER B 322 -30.58 24.60 -36.99
N PHE B 323 -30.04 25.52 -36.18
CA PHE B 323 -29.26 25.12 -35.01
C PHE B 323 -30.09 24.42 -33.95
N VAL B 324 -31.29 24.94 -33.70
CA VAL B 324 -32.18 24.37 -32.70
C VAL B 324 -32.51 22.94 -33.06
N ASP B 325 -32.65 22.70 -34.37
CA ASP B 325 -32.89 21.36 -34.88
C ASP B 325 -31.71 20.44 -34.56
N ILE B 326 -30.51 20.97 -34.74
CA ILE B 326 -29.28 20.26 -34.40
C ILE B 326 -29.19 19.96 -32.90
N TYR B 327 -29.57 20.94 -32.09
CA TYR B 327 -29.50 20.80 -30.63
C TYR B 327 -30.39 19.66 -30.14
N ILE B 328 -31.61 19.60 -30.66
CA ILE B 328 -32.57 18.57 -30.25
C ILE B 328 -32.09 17.17 -30.62
N SER B 329 -31.40 17.06 -31.74
CA SER B 329 -30.86 15.77 -32.15
C SER B 329 -29.84 15.26 -31.14
N ASP B 330 -28.98 16.15 -30.65
CA ASP B 330 -27.97 15.78 -29.67
C ASP B 330 -27.61 16.97 -28.78
N PRO B 331 -28.33 17.12 -27.65
CA PRO B 331 -28.22 18.26 -26.73
C PRO B 331 -26.87 18.40 -26.04
N GLN B 332 -26.25 17.29 -25.64
CA GLN B 332 -24.98 17.35 -24.93
C GLN B 332 -23.79 17.33 -25.87
N ALA B 333 -24.06 17.41 -27.18
CA ALA B 333 -22.98 17.36 -28.16
C ALA B 333 -22.02 18.52 -27.96
N GLY B 334 -22.54 19.61 -27.39
CA GLY B 334 -21.76 20.83 -27.24
C GLY B 334 -20.48 20.69 -26.43
N GLN B 335 -20.42 19.70 -25.56
CA GLN B 335 -19.22 19.46 -24.76
C GLN B 335 -18.01 19.09 -25.61
N ARG B 336 -18.27 18.32 -26.67
CA ARG B 336 -17.24 17.87 -27.59
C ARG B 336 -16.75 18.98 -28.52
N MSE B 337 -15.56 18.81 -29.09
CA MSE B 337 -15.06 19.76 -30.10
C MSE B 337 -15.35 19.23 -31.49
O MSE B 337 -14.96 19.84 -32.50
CB MSE B 337 -13.57 20.01 -29.92
CG MSE B 337 -13.17 20.52 -28.55
SE MSE B 337 -14.11 22.16 -28.04
CE MSE B 337 -14.53 21.66 -26.20
N ASP B 338 -16.02 18.09 -31.55
CA ASP B 338 -16.44 17.52 -32.83
C ASP B 338 -17.92 17.83 -33.07
N SER B 339 -18.41 18.88 -32.43
CA SER B 339 -19.83 19.21 -32.54
C SER B 339 -20.17 20.54 -33.23
N TRP B 340 -20.62 21.49 -32.42
CA TRP B 340 -21.11 22.78 -32.90
C TRP B 340 -20.00 23.70 -33.40
N SER B 341 -20.33 24.48 -34.42
CA SER B 341 -19.41 25.47 -34.99
C SER B 341 -19.34 26.72 -34.11
N LEU B 342 -18.43 27.63 -34.45
CA LEU B 342 -18.26 28.85 -33.68
C LEU B 342 -19.51 29.74 -33.64
N ARG B 343 -20.11 29.99 -34.80
CA ARG B 343 -21.32 30.80 -34.85
C ARG B 343 -22.48 30.11 -34.14
N GLU B 344 -22.59 28.80 -34.34
CA GLU B 344 -23.66 28.03 -33.73
C GLU B 344 -23.56 28.06 -32.21
N ARG B 345 -22.33 28.05 -31.70
CA ARG B 345 -22.09 28.10 -30.27
C ARG B 345 -22.44 29.46 -29.68
N ILE B 346 -22.16 30.53 -30.44
CA ILE B 346 -22.50 31.87 -30.01
C ILE B 346 -24.02 32.00 -29.96
N ILE B 347 -24.70 31.37 -30.92
CA ILE B 347 -26.15 31.35 -30.95
C ILE B 347 -26.67 30.61 -29.71
N ALA B 348 -26.05 29.48 -29.41
CA ALA B 348 -26.44 28.67 -28.26
C ALA B 348 -26.30 29.44 -26.96
N TYR B 349 -25.20 30.18 -26.84
CA TYR B 349 -24.93 30.98 -25.65
C TYR B 349 -25.95 32.08 -25.47
N ALA B 350 -26.36 32.69 -26.58
CA ALA B 350 -27.40 33.71 -26.55
C ALA B 350 -28.70 33.10 -26.06
N LEU B 351 -28.99 31.90 -26.54
CA LEU B 351 -30.18 31.17 -26.11
C LEU B 351 -30.05 30.82 -24.63
N SER B 352 -28.83 30.48 -24.22
CA SER B 352 -28.54 30.14 -22.83
C SER B 352 -28.86 31.30 -21.89
N ALA B 353 -28.57 32.51 -22.35
CA ALA B 353 -28.82 33.70 -21.55
C ALA B 353 -30.32 33.87 -21.27
N ILE B 354 -31.16 33.47 -22.22
CA ILE B 354 -32.61 33.55 -22.02
C ILE B 354 -33.07 32.65 -20.88
N PHE B 355 -32.69 31.38 -20.93
CA PHE B 355 -33.10 30.42 -19.91
C PHE B 355 -32.42 30.67 -18.55
N LYS B 356 -31.23 31.27 -18.58
CA LYS B 356 -30.55 31.64 -17.34
C LYS B 356 -31.23 32.78 -16.59
N ASP B 357 -31.77 33.75 -17.33
CA ASP B 357 -32.37 34.93 -16.72
C ASP B 357 -33.90 34.93 -16.77
N CYS B 358 -34.48 33.79 -17.15
CA CYS B 358 -35.92 33.70 -17.31
C CYS B 358 -36.61 33.58 -15.95
N SER B 359 -37.94 33.56 -15.98
CA SER B 359 -38.69 33.45 -14.73
C SER B 359 -39.60 32.25 -14.80
N LEU B 360 -40.00 31.74 -13.64
CA LEU B 360 -40.95 30.65 -13.56
C LEU B 360 -42.22 31.20 -12.93
N PHE B 361 -43.36 30.81 -13.48
CA PHE B 361 -44.64 31.30 -13.04
C PHE B 361 -45.48 30.17 -12.46
N VAL B 362 -45.87 30.32 -11.20
CA VAL B 362 -46.70 29.32 -10.56
C VAL B 362 -48.05 29.94 -10.17
N ARG B 363 -49.12 29.39 -10.71
CA ARG B 363 -50.46 29.95 -10.49
C ARG B 363 -51.30 29.03 -9.60
N GLY B 364 -51.99 29.64 -8.65
CA GLY B 364 -52.85 28.91 -7.74
C GLY B 364 -54.15 29.66 -7.57
N VAL B 365 -55.12 29.01 -6.94
CA VAL B 365 -56.41 29.62 -6.70
C VAL B 365 -56.80 29.46 -5.24
N LEU B 366 -57.15 30.56 -4.59
CA LEU B 366 -57.66 30.49 -3.23
C LEU B 366 -59.14 30.25 -3.37
N LYS B 367 -59.58 29.06 -2.97
CA LYS B 367 -60.95 28.64 -3.26
C LYS B 367 -61.75 28.36 -2.00
N HIS B 368 -63.07 28.52 -2.13
CA HIS B 368 -64.04 28.29 -1.06
C HIS B 368 -64.87 27.08 -1.47
N ALA B 369 -65.02 26.11 -0.56
CA ALA B 369 -65.65 24.85 -0.93
C ALA B 369 -66.98 24.61 -0.23
N GLU B 370 -66.97 24.10 1.00
CA GLU B 370 -68.25 23.82 1.67
C GLU B 370 -68.21 23.95 3.18
N ASP B 371 -67.15 23.43 3.79
CA ASP B 371 -67.03 23.41 5.25
C ASP B 371 -66.84 24.82 5.83
N GLY B 372 -66.56 25.78 4.96
CA GLY B 372 -66.30 27.14 5.37
C GLY B 372 -64.80 27.36 5.42
N ALA B 373 -64.06 26.40 4.87
CA ALA B 373 -62.61 26.50 4.81
C ALA B 373 -62.16 26.94 3.43
N TRP B 374 -61.09 27.73 3.41
CA TRP B 374 -60.48 28.21 2.17
C TRP B 374 -59.26 27.36 1.86
N ARG B 375 -59.09 26.95 0.62
CA ARG B 375 -58.00 26.05 0.28
C ARG B 375 -57.21 26.64 -0.87
N LEU B 376 -55.90 26.41 -0.88
CA LEU B 376 -55.08 26.86 -2.00
C LEU B 376 -54.87 25.67 -2.93
N VAL B 377 -55.38 25.77 -4.15
CA VAL B 377 -55.39 24.64 -5.07
C VAL B 377 -54.76 24.96 -6.42
N SER B 378 -54.27 23.92 -7.07
CA SER B 378 -53.66 24.01 -8.39
C SER B 378 -54.47 23.27 -9.43
N GLY B 379 -54.65 23.87 -10.59
CA GLY B 379 -55.43 23.23 -11.63
C GLY B 379 -54.71 23.29 -12.95
N GLY B 380 -54.73 22.18 -13.67
CA GLY B 380 -54.15 22.15 -15.00
C GLY B 380 -52.69 22.56 -15.03
N GLU B 381 -52.41 23.52 -15.89
CA GLU B 381 -51.08 24.04 -16.11
C GLU B 381 -50.71 25.13 -15.11
N SER B 382 -50.34 24.73 -13.90
CA SER B 382 -50.01 25.70 -12.86
C SER B 382 -48.63 26.34 -13.01
N VAL B 383 -47.74 25.67 -13.75
CA VAL B 383 -46.37 26.14 -13.89
C VAL B 383 -46.11 26.59 -15.32
N LYS B 384 -45.55 27.79 -15.47
CA LYS B 384 -45.25 28.33 -16.78
C LYS B 384 -43.83 28.89 -16.81
N VAL B 385 -43.19 28.88 -17.98
CA VAL B 385 -41.89 29.51 -18.13
C VAL B 385 -42.04 30.81 -18.93
N ILE B 386 -41.73 31.93 -18.30
CA ILE B 386 -41.95 33.23 -18.92
C ILE B 386 -40.66 34.03 -19.14
N ASP B 387 -40.80 35.22 -19.71
CA ASP B 387 -39.67 36.08 -20.06
C ASP B 387 -38.70 35.36 -21.01
N LEU B 388 -39.21 34.85 -22.12
CA LEU B 388 -38.40 34.06 -23.03
C LEU B 388 -38.16 34.70 -24.40
N ASP B 389 -38.14 36.03 -24.45
CA ASP B 389 -37.85 36.73 -25.70
C ASP B 389 -36.40 36.57 -26.11
N LEU B 390 -36.13 36.77 -27.40
CA LEU B 390 -34.77 36.66 -27.90
C LEU B 390 -33.90 37.75 -27.33
N LYS B 391 -32.63 37.42 -27.10
CA LYS B 391 -31.65 38.38 -26.64
C LYS B 391 -30.69 38.63 -27.79
N PRO B 392 -30.30 39.90 -27.99
CA PRO B 392 -29.43 40.24 -29.11
C PRO B 392 -28.09 39.52 -29.01
N VAL B 393 -27.72 38.86 -30.10
CA VAL B 393 -26.51 38.03 -30.14
C VAL B 393 -25.26 38.89 -29.95
N LYS B 394 -25.38 40.17 -30.29
CA LYS B 394 -24.27 41.12 -30.21
C LYS B 394 -23.88 41.42 -28.77
N ASN B 395 -24.72 41.01 -27.83
CA ASN B 395 -24.51 41.31 -26.41
C ASN B 395 -23.58 40.33 -25.72
N ILE B 396 -23.08 39.34 -26.46
CA ILE B 396 -22.19 38.34 -25.89
C ILE B 396 -20.91 38.99 -25.37
N GLN B 397 -20.50 40.09 -25.98
CA GLN B 397 -19.31 40.81 -25.51
C GLN B 397 -19.55 41.36 -24.10
N LYS B 398 -20.71 41.96 -23.89
CA LYS B 398 -21.05 42.52 -22.58
C LYS B 398 -21.19 41.42 -21.55
N TRP B 399 -21.74 40.27 -21.95
CA TRP B 399 -21.90 39.13 -21.06
C TRP B 399 -20.54 38.58 -20.65
N ALA B 400 -19.63 38.49 -21.62
CA ALA B 400 -18.27 38.01 -21.36
C ALA B 400 -17.53 38.95 -20.41
N GLU B 401 -17.72 40.25 -20.60
CA GLU B 401 -17.09 41.25 -19.76
C GLU B 401 -17.65 41.17 -18.34
N THR B 402 -18.95 40.92 -18.23
CA THR B 402 -19.60 40.79 -16.95
C THR B 402 -19.07 39.59 -16.19
N ASP B 403 -18.88 38.49 -16.93
CA ASP B 403 -18.42 37.25 -16.31
C ASP B 403 -17.02 37.36 -15.72
N GLU B 404 -16.07 37.89 -16.50
CA GLU B 404 -14.72 38.02 -15.98
C GLU B 404 -14.66 39.00 -14.81
N LYS B 405 -15.37 40.12 -14.96
CA LYS B 405 -15.42 41.16 -13.94
C LYS B 405 -15.94 40.66 -12.58
N VAL B 406 -16.98 39.82 -12.59
CA VAL B 406 -17.57 39.35 -11.33
C VAL B 406 -16.71 38.34 -10.53
N TRP B 407 -16.01 37.42 -11.20
CA TRP B 407 -15.13 36.48 -10.48
C TRP B 407 -13.85 37.14 -9.97
N LYS B 408 -13.30 38.09 -10.75
CA LYS B 408 -12.10 38.81 -10.34
C LYS B 408 -12.32 39.59 -9.06
N HIS B 409 -13.50 40.18 -8.95
CA HIS B 409 -13.87 40.92 -7.75
C HIS B 409 -13.93 40.01 -6.53
N TRP B 410 -14.37 38.77 -6.75
CA TRP B 410 -14.43 37.78 -5.68
C TRP B 410 -13.03 37.41 -5.20
N LEU B 411 -12.12 37.23 -6.16
CA LEU B 411 -10.73 36.88 -5.86
C LEU B 411 -10.04 37.99 -5.06
N LYS B 412 -10.26 39.22 -5.49
CA LYS B 412 -9.65 40.39 -4.84
C LYS B 412 -10.16 40.65 -3.43
N THR B 413 -11.42 40.34 -3.18
CA THR B 413 -12.04 40.73 -1.92
C THR B 413 -12.32 39.57 -0.96
N LYS B 414 -12.62 38.39 -1.51
CA LYS B 414 -12.98 37.26 -0.66
C LYS B 414 -11.98 36.11 -0.71
N GLY B 415 -11.37 35.89 -1.87
CA GLY B 415 -10.40 34.83 -1.97
C GLY B 415 -10.73 33.81 -3.04
N THR B 416 -10.39 32.56 -2.77
CA THR B 416 -10.58 31.48 -3.73
C THR B 416 -11.75 30.59 -3.32
N PRO C 15 24.19 -29.76 61.22
CA PRO C 15 25.10 -29.83 62.37
C PRO C 15 25.30 -28.47 63.04
N ASN C 16 26.46 -28.29 63.68
CA ASN C 16 26.72 -27.03 64.37
C ASN C 16 28.04 -26.37 63.99
N PRO C 17 28.09 -25.74 62.82
CA PRO C 17 29.29 -25.05 62.33
C PRO C 17 29.71 -23.94 63.29
N SER C 18 28.74 -23.22 63.82
CA SER C 18 29.02 -22.18 64.79
C SER C 18 29.64 -22.77 66.06
N ALA C 19 29.12 -23.90 66.52
CA ALA C 19 29.60 -24.54 67.73
C ALA C 19 30.81 -25.45 67.53
N ASP C 20 30.82 -26.19 66.43
CA ASP C 20 31.87 -27.19 66.18
C ASP C 20 33.06 -26.63 65.43
N THR C 21 32.92 -25.44 64.84
CA THR C 21 33.96 -24.88 64.00
C THR C 21 34.24 -23.41 64.30
N GLN C 22 35.46 -22.99 64.02
CA GLN C 22 35.85 -21.61 64.22
C GLN C 22 35.86 -20.91 62.88
N PRO C 23 35.60 -19.59 62.87
CA PRO C 23 35.60 -18.84 61.62
C PRO C 23 36.99 -18.90 60.98
N SER C 24 38.02 -19.08 61.81
CA SER C 24 39.39 -19.16 61.34
C SER C 24 39.59 -20.34 60.37
N ASP C 25 38.87 -21.43 60.59
CA ASP C 25 39.04 -22.63 59.79
C ASP C 25 38.46 -22.52 58.38
N TRP C 26 37.57 -21.55 58.18
CA TRP C 26 36.93 -21.39 56.88
C TRP C 26 37.62 -20.38 56.00
N ALA C 27 37.83 -20.75 54.75
CA ALA C 27 38.52 -19.89 53.79
C ALA C 27 37.60 -19.46 52.65
N TYR C 28 37.68 -18.19 52.27
CA TYR C 28 36.88 -17.59 51.22
C TYR C 28 37.22 -18.22 49.85
N ILE C 29 36.20 -18.66 49.12
CA ILE C 29 36.41 -19.38 47.84
C ILE C 29 35.96 -18.63 46.60
N ALA C 30 35.03 -17.69 46.77
CA ALA C 30 34.29 -17.14 45.64
C ALA C 30 33.09 -16.39 46.14
N GLU C 31 32.61 -15.49 45.29
CA GLU C 31 31.50 -14.64 45.65
C GLU C 31 30.78 -14.12 44.41
N GLY C 32 29.48 -13.88 44.56
CA GLY C 32 28.70 -13.27 43.51
C GLY C 32 27.53 -12.55 44.17
N GLY C 33 26.61 -12.06 43.35
CA GLY C 33 25.35 -11.56 43.89
C GLY C 33 24.66 -12.78 44.43
N ALA C 34 24.91 -13.90 43.78
CA ALA C 34 24.43 -15.21 44.20
C ALA C 34 25.27 -15.79 45.33
N HIS C 35 25.18 -15.16 46.51
CA HIS C 35 25.82 -15.66 47.75
C HIS C 35 27.34 -15.64 47.84
N ILE C 36 27.82 -16.01 49.02
CA ILE C 36 29.25 -16.16 49.30
C ILE C 36 29.45 -17.54 49.93
N VAL C 37 30.47 -18.26 49.46
CA VAL C 37 30.77 -19.62 49.92
C VAL C 37 32.11 -19.71 50.65
N PHE C 38 32.26 -20.73 51.50
CA PHE C 38 33.50 -20.94 52.26
C PHE C 38 34.01 -22.37 52.18
N SER C 39 35.32 -22.55 52.31
CA SER C 39 35.91 -23.90 52.29
C SER C 39 36.47 -24.19 53.66
N TYR C 40 36.19 -25.39 54.16
CA TYR C 40 36.69 -25.80 55.47
C TYR C 40 38.12 -26.34 55.44
N GLN C 41 39.09 -25.50 55.80
CA GLN C 41 40.48 -25.92 55.81
C GLN C 41 40.95 -26.16 57.25
N GLY C 42 40.02 -26.53 58.12
CA GLY C 42 40.32 -26.83 59.50
C GLY C 42 40.91 -28.21 59.70
N GLN C 43 41.08 -28.61 60.96
CA GLN C 43 41.73 -29.87 61.28
C GLN C 43 40.70 -30.92 61.69
N SER C 44 39.50 -30.80 61.14
CA SER C 44 38.44 -31.75 61.47
C SER C 44 38.32 -32.76 60.35
N LYS C 45 37.82 -33.94 60.69
CA LYS C 45 37.71 -35.02 59.73
C LYS C 45 36.29 -35.13 59.21
N THR C 46 35.33 -34.72 60.03
CA THR C 46 33.92 -34.75 59.65
C THR C 46 33.58 -33.57 58.74
N TYR C 47 34.36 -32.50 58.81
CA TYR C 47 34.12 -31.33 57.97
C TYR C 47 35.13 -31.13 56.84
N ALA C 48 35.95 -32.14 56.55
CA ALA C 48 37.02 -31.97 55.57
C ALA C 48 36.49 -31.70 54.16
N THR C 49 35.44 -32.41 53.79
CA THR C 49 34.88 -32.31 52.44
C THR C 49 33.63 -31.44 52.36
N ARG C 50 33.53 -30.44 53.22
CA ARG C 50 32.35 -29.59 53.22
C ARG C 50 32.66 -28.12 52.98
N ALA C 51 31.67 -27.44 52.41
CA ALA C 51 31.75 -26.02 52.13
C ALA C 51 30.55 -25.34 52.76
N LEU C 52 30.62 -24.03 52.92
CA LEU C 52 29.52 -23.29 53.51
C LEU C 52 29.15 -22.10 52.66
N ARG C 53 27.87 -22.04 52.26
CA ARG C 53 27.39 -20.95 51.43
C ARG C 53 26.36 -20.13 52.19
N VAL C 54 26.47 -18.80 52.13
CA VAL C 54 25.54 -17.96 52.86
C VAL C 54 24.85 -17.03 51.88
N ARG C 55 23.58 -16.73 52.15
CA ARG C 55 22.74 -16.03 51.20
C ARG C 55 23.04 -14.54 51.12
N LYS C 56 23.34 -13.92 52.26
CA LYS C 56 23.55 -12.48 52.25
C LYS C 56 25.02 -12.11 52.27
N PRO C 57 25.45 -11.27 51.32
CA PRO C 57 26.78 -10.66 51.19
C PRO C 57 26.96 -9.45 52.13
N SER C 58 27.85 -9.58 53.10
CA SER C 58 28.08 -8.54 54.11
C SER C 58 26.83 -8.32 54.96
N ALA C 68 9.04 -18.28 48.81
CA ALA C 68 7.76 -18.50 48.16
C ALA C 68 7.88 -19.72 47.26
N ALA C 69 8.77 -19.63 46.28
CA ALA C 69 8.99 -20.75 45.41
C ALA C 69 9.71 -21.89 46.14
N ASN C 70 10.72 -21.57 46.93
CA ASN C 70 11.49 -22.61 47.59
C ASN C 70 10.71 -23.33 48.71
N ASP C 71 9.39 -23.15 48.77
CA ASP C 71 8.61 -23.95 49.72
C ASP C 71 8.51 -25.38 49.16
N VAL C 72 8.35 -25.48 47.84
CA VAL C 72 8.33 -26.76 47.12
C VAL C 72 9.75 -27.29 46.90
N SER C 73 10.74 -26.43 47.03
CA SER C 73 12.13 -26.83 46.80
C SER C 73 12.65 -27.90 47.76
N GLY C 74 12.18 -27.91 49.00
CA GLY C 74 12.64 -28.91 49.95
C GLY C 74 12.21 -30.30 49.51
N GLN C 75 10.94 -30.39 49.15
CA GLN C 75 10.37 -31.61 48.61
C GLN C 75 10.99 -32.04 47.27
N TRP C 76 11.30 -31.08 46.41
CA TRP C 76 11.90 -31.41 45.12
C TRP C 76 13.30 -32.03 45.30
N ARG C 77 14.14 -31.41 46.15
CA ARG C 77 15.50 -31.92 46.38
C ARG C 77 15.60 -33.24 47.11
N ARG C 78 14.82 -33.42 48.18
CA ARG C 78 14.90 -34.68 48.92
C ARG C 78 14.15 -35.84 48.29
N ASN C 79 12.91 -35.61 47.88
CA ASN C 79 12.06 -36.72 47.49
C ASN C 79 11.75 -36.87 46.00
N ILE C 80 11.54 -35.77 45.29
CA ILE C 80 11.14 -35.86 43.88
C ILE C 80 12.28 -36.00 42.88
N LEU C 81 13.27 -35.12 42.97
CA LEU C 81 14.38 -35.13 42.02
C LEU C 81 15.19 -36.44 41.97
N PRO C 82 15.40 -37.11 43.13
CA PRO C 82 16.10 -38.41 43.06
C PRO C 82 15.37 -39.46 42.23
N LYS C 83 14.07 -39.27 41.98
CA LYS C 83 13.33 -40.15 41.08
C LYS C 83 13.75 -39.95 39.61
N LEU C 84 14.07 -38.72 39.25
CA LEU C 84 14.47 -38.40 37.88
C LEU C 84 15.96 -38.62 37.63
N VAL C 85 16.79 -38.21 38.60
CA VAL C 85 18.24 -38.32 38.46
C VAL C 85 18.85 -39.21 39.56
N PRO C 86 19.68 -40.18 39.17
CA PRO C 86 20.31 -41.10 40.13
C PRO C 86 21.16 -40.36 41.15
N ARG C 87 21.19 -40.88 42.38
CA ARG C 87 21.85 -40.21 43.50
C ARG C 87 23.37 -40.03 43.31
N GLN C 88 24.03 -40.91 42.56
CA GLN C 88 25.47 -40.78 42.32
C GLN C 88 25.78 -39.51 41.55
N LEU C 89 24.78 -39.02 40.81
CA LEU C 89 24.94 -37.81 40.01
C LEU C 89 24.48 -36.56 40.73
N LEU C 90 24.00 -36.72 41.96
CA LEU C 90 23.50 -35.56 42.72
C LEU C 90 24.41 -35.19 43.87
N THR C 91 24.43 -33.90 44.20
CA THR C 91 25.21 -33.37 45.29
C THR C 91 24.36 -33.24 46.55
N THR C 92 24.91 -33.57 47.70
CA THR C 92 24.19 -33.44 48.97
C THR C 92 24.32 -32.04 49.55
N SER C 93 23.24 -31.58 50.19
CA SER C 93 23.26 -30.30 50.86
C SER C 93 22.46 -30.34 52.17
N ARG C 94 22.93 -29.57 53.16
CA ARG C 94 22.23 -29.44 54.44
C ARG C 94 22.02 -27.96 54.77
N GLU C 95 20.77 -27.59 55.01
CA GLU C 95 20.43 -26.21 55.36
C GLU C 95 20.98 -26.02 56.77
N VAL C 96 21.58 -24.88 57.07
CA VAL C 96 22.28 -24.73 58.35
C VAL C 96 22.00 -23.41 59.08
N THR C 97 22.14 -23.48 60.40
CA THR C 97 21.91 -22.34 61.31
C THR C 97 23.22 -21.70 61.77
N LEU C 98 23.41 -20.42 61.42
CA LEU C 98 24.62 -19.69 61.79
C LEU C 98 24.29 -18.63 62.84
N GLU C 99 25.16 -18.51 63.84
CA GLU C 99 24.89 -17.58 64.94
C GLU C 99 25.43 -16.22 64.55
N GLU C 100 24.92 -15.17 65.19
CA GLU C 100 25.24 -13.82 64.77
C GLU C 100 26.69 -13.44 65.01
N GLY C 101 27.21 -13.74 66.20
CA GLY C 101 28.60 -13.45 66.52
C GLY C 101 29.56 -14.24 65.66
N TRP C 102 29.26 -15.53 65.50
CA TRP C 102 30.06 -16.44 64.68
C TRP C 102 30.09 -16.01 63.22
N TYR C 103 28.92 -15.65 62.71
CA TYR C 103 28.78 -15.23 61.32
C TYR C 103 29.59 -14.00 61.01
N LYS C 104 29.41 -12.94 61.80
CA LYS C 104 30.03 -11.66 61.54
C LYS C 104 31.55 -11.72 61.71
N GLU C 105 32.00 -12.55 62.65
CA GLU C 105 33.43 -12.79 62.88
C GLU C 105 34.03 -13.40 61.61
N LEU C 106 33.29 -14.28 60.96
CA LEU C 106 33.73 -14.88 59.71
C LEU C 106 33.88 -13.82 58.64
N LEU C 107 32.89 -12.93 58.54
CA LEU C 107 32.93 -11.88 57.53
C LEU C 107 33.98 -10.82 57.87
N ALA C 108 34.43 -10.82 59.13
CA ALA C 108 35.46 -9.91 59.60
C ALA C 108 36.78 -10.12 58.88
N MSE C 109 36.97 -11.31 58.32
CA MSE C 109 38.18 -11.60 57.57
C MSE C 109 38.03 -11.07 56.13
O MSE C 109 38.15 -11.79 55.15
CB MSE C 109 38.47 -13.10 57.65
CG MSE C 109 38.19 -13.58 59.07
SE MSE C 109 38.92 -15.29 59.69
CE MSE C 109 38.32 -15.20 61.55
N VAL C 110 37.76 -9.77 56.09
CA VAL C 110 37.62 -8.93 54.90
C VAL C 110 38.83 -9.00 53.98
N ASP C 111 39.99 -9.17 54.60
CA ASP C 111 41.29 -8.95 54.00
C ASP C 111 41.50 -9.58 52.61
N VAL C 112 41.08 -10.83 52.46
CA VAL C 112 41.27 -11.53 51.19
C VAL C 112 40.43 -10.92 50.05
N VAL C 113 39.17 -10.63 50.37
CA VAL C 113 38.20 -10.07 49.41
C VAL C 113 38.25 -10.75 48.04
N ASP C 129 22.32 -13.01 62.43
CA ASP C 129 21.56 -14.25 62.31
C ASP C 129 21.25 -14.56 60.86
N ARG C 130 22.06 -15.42 60.25
CA ARG C 130 21.86 -15.76 58.84
C ARG C 130 21.71 -17.27 58.64
N ARG C 131 21.25 -17.65 57.46
CA ARG C 131 21.03 -19.06 57.15
C ARG C 131 21.91 -19.46 55.97
N GLY C 132 22.56 -20.61 56.10
CA GLY C 132 23.47 -21.08 55.09
C GLY C 132 23.30 -22.54 54.74
N VAL C 133 24.07 -23.00 53.76
CA VAL C 133 24.01 -24.38 53.32
C VAL C 133 25.38 -25.05 53.41
N LEU C 134 25.38 -26.32 53.83
CA LEU C 134 26.61 -27.09 53.82
C LEU C 134 26.63 -27.94 52.56
N LEU C 135 27.70 -27.80 51.78
CA LEU C 135 27.76 -28.42 50.47
C LEU C 135 28.87 -29.44 50.40
N GLU C 136 28.91 -30.19 49.31
CA GLU C 136 30.07 -31.04 49.06
C GLU C 136 31.16 -30.13 48.53
N ASP C 137 32.34 -30.22 49.11
CA ASP C 137 33.44 -29.39 48.65
C ASP C 137 34.10 -30.13 47.50
N LEU C 138 33.69 -29.79 46.28
CA LEU C 138 34.10 -30.53 45.09
C LEU C 138 35.24 -29.85 44.35
N THR C 139 35.48 -28.58 44.66
CA THR C 139 36.48 -27.80 43.94
C THR C 139 37.77 -27.53 44.72
N SER C 140 37.72 -27.66 46.05
CA SER C 140 38.88 -27.31 46.86
C SER C 140 39.84 -28.47 47.02
N ASN C 141 41.05 -28.17 47.48
CA ASN C 141 42.03 -29.20 47.74
C ASN C 141 41.67 -29.84 49.07
N VAL C 142 41.18 -31.07 49.02
CA VAL C 142 40.68 -31.75 50.21
C VAL C 142 41.33 -33.11 50.46
N ASP C 143 42.22 -33.55 49.58
CA ASP C 143 42.79 -34.89 49.73
C ASP C 143 43.90 -34.86 50.76
N ASP C 144 43.85 -35.87 51.63
CA ASP C 144 44.75 -36.00 52.75
C ASP C 144 46.22 -36.04 52.35
N ASP C 145 46.50 -36.77 51.26
CA ASP C 145 47.87 -36.96 50.76
C ASP C 145 48.41 -35.76 49.97
N GLY C 146 47.58 -34.73 49.76
CA GLY C 146 48.01 -33.57 49.01
C GLY C 146 47.78 -33.56 47.50
N ALA C 147 46.89 -34.43 47.03
CA ALA C 147 46.53 -34.45 45.62
C ALA C 147 45.86 -33.13 45.27
N ILE C 148 46.16 -32.62 44.08
CA ILE C 148 45.58 -31.36 43.62
C ILE C 148 44.26 -31.63 42.89
N THR C 149 43.20 -30.97 43.32
CA THR C 149 41.89 -31.18 42.70
C THR C 149 41.81 -30.44 41.38
N VAL C 150 41.38 -31.17 40.35
CA VAL C 150 41.16 -30.57 39.04
C VAL C 150 39.71 -30.81 38.66
N ALA C 151 38.97 -29.73 38.41
CA ALA C 151 37.55 -29.85 38.10
C ALA C 151 37.13 -29.04 36.89
N ILE C 152 36.12 -29.55 36.18
CA ILE C 152 35.56 -28.90 35.01
C ILE C 152 34.06 -28.72 35.14
N GLU C 153 33.57 -27.53 34.79
CA GLU C 153 32.14 -27.26 34.79
C GLU C 153 31.68 -26.95 33.39
N ILE C 154 30.69 -27.71 32.92
CA ILE C 154 30.21 -27.59 31.55
C ILE C 154 28.72 -27.25 31.51
N LYS C 155 28.34 -26.35 30.61
CA LYS C 155 26.93 -26.13 30.26
C LYS C 155 26.67 -26.74 28.90
N PRO C 156 26.16 -27.98 28.88
CA PRO C 156 25.98 -28.76 27.66
C PRO C 156 24.87 -28.24 26.74
N LYS C 157 23.90 -27.50 27.29
CA LYS C 157 22.76 -26.98 26.53
C LYS C 157 21.86 -28.11 26.03
N TRP C 158 21.02 -27.85 25.04
CA TRP C 158 20.06 -28.84 24.55
C TRP C 158 20.73 -29.98 23.81
N GLY C 159 20.36 -31.21 24.16
CA GLY C 159 20.95 -32.39 23.54
C GLY C 159 20.14 -32.96 22.39
N PHE C 160 19.17 -32.21 21.89
CA PHE C 160 18.28 -32.72 20.87
C PHE C 160 17.74 -31.60 20.00
N LEU C 161 17.11 -32.00 18.90
CA LEU C 161 16.42 -31.06 18.02
C LEU C 161 14.95 -31.45 18.02
N PRO C 162 14.05 -30.46 18.10
CA PRO C 162 12.63 -30.82 18.04
C PRO C 162 12.26 -31.42 16.69
N CYS C 163 11.35 -32.39 16.69
CA CYS C 163 10.92 -33.00 15.43
C CYS C 163 10.08 -32.04 14.62
N ALA C 164 10.21 -32.11 13.31
CA ALA C 164 9.48 -31.23 12.40
C ALA C 164 7.97 -31.41 12.52
N GLY C 165 7.53 -32.63 12.83
CA GLY C 165 6.11 -32.93 12.95
C GLY C 165 5.36 -32.18 14.04
N HIS C 166 6.09 -31.68 15.04
CA HIS C 166 5.49 -30.98 16.19
C HIS C 166 5.62 -29.46 16.11
N LEU C 167 6.36 -28.96 15.13
CA LEU C 167 6.57 -27.50 14.99
C LEU C 167 5.38 -26.82 14.32
N GLN C 168 4.87 -25.78 14.98
CA GLN C 168 3.59 -25.19 14.62
C GLN C 168 3.65 -24.27 13.40
N PRO C 169 4.31 -23.10 13.51
CA PRO C 169 4.23 -22.28 12.30
C PRO C 169 5.08 -22.93 11.22
N PRO C 170 4.50 -23.15 10.03
CA PRO C 170 5.22 -23.81 8.94
C PRO C 170 6.48 -23.04 8.53
N GLU C 171 6.46 -21.71 8.67
CA GLU C 171 7.62 -20.90 8.33
C GLU C 171 8.82 -21.23 9.22
N SER C 172 8.55 -21.69 10.45
CA SER C 172 9.62 -21.92 11.42
C SER C 172 10.12 -23.36 11.46
N VAL C 173 9.44 -24.25 10.76
CA VAL C 173 9.75 -25.68 10.88
C VAL C 173 11.16 -26.07 10.46
N SER C 174 11.58 -25.65 9.27
CA SER C 174 12.89 -26.05 8.74
C SER C 174 14.02 -25.55 9.63
N ILE C 175 13.87 -24.35 10.18
CA ILE C 175 14.90 -23.77 11.06
C ILE C 175 15.08 -24.56 12.37
N LYS C 176 14.01 -24.67 13.15
CA LYS C 176 14.08 -25.31 14.47
C LYS C 176 14.36 -26.82 14.40
N SER C 177 14.03 -27.44 13.27
CA SER C 177 14.32 -28.86 13.11
C SER C 177 15.80 -29.10 12.71
N HIS C 178 16.51 -28.05 12.29
CA HIS C 178 17.89 -28.24 11.85
C HIS C 178 18.94 -27.39 12.58
N VAL C 179 18.53 -26.28 13.16
CA VAL C 179 19.47 -25.41 13.87
C VAL C 179 19.25 -25.50 15.37
N SER C 180 20.29 -25.85 16.12
CA SER C 180 20.15 -26.04 17.56
C SER C 180 19.78 -24.72 18.22
N ARG C 181 19.16 -24.82 19.39
CA ARG C 181 18.75 -23.66 20.16
C ARG C 181 19.97 -22.80 20.52
N PHE C 182 21.10 -23.44 20.77
CA PHE C 182 22.34 -22.76 21.13
C PHE C 182 22.83 -21.85 19.99
N ARG C 183 22.82 -22.37 18.77
CA ARG C 183 23.16 -21.60 17.57
C ARG C 183 22.17 -20.45 17.37
N LEU C 184 20.88 -20.73 17.59
CA LEU C 184 19.85 -19.72 17.44
C LEU C 184 20.04 -18.60 18.46
N HIS C 185 20.32 -18.97 19.70
CA HIS C 185 20.49 -17.99 20.77
C HIS C 185 21.78 -17.18 20.66
N GLN C 186 22.87 -17.85 20.28
CA GLN C 186 24.14 -17.18 20.07
C GLN C 186 24.02 -16.14 18.97
N HIS C 187 23.31 -16.50 17.89
CA HIS C 187 23.10 -15.57 16.79
C HIS C 187 22.28 -14.37 17.24
N PHE C 188 21.25 -14.65 18.04
CA PHE C 188 20.33 -13.63 18.51
C PHE C 188 21.03 -12.55 19.36
N ARG C 189 22.03 -12.97 20.12
CA ARG C 189 22.78 -12.07 21.00
C ARG C 189 23.93 -11.40 20.26
N GLY C 190 24.02 -11.68 18.95
CA GLY C 190 25.01 -11.04 18.09
C GLY C 190 26.35 -11.73 18.06
N ARG C 191 26.42 -12.91 18.67
CA ARG C 191 27.65 -13.69 18.66
C ARG C 191 27.71 -14.55 17.39
N ALA C 192 28.78 -15.32 17.23
CA ALA C 192 28.94 -16.15 16.04
C ALA C 192 27.84 -17.20 15.96
N ASP C 193 27.19 -17.29 14.80
CA ASP C 193 26.07 -18.21 14.60
C ASP C 193 26.55 -19.64 14.39
N ASP C 194 27.87 -19.79 14.26
CA ASP C 194 28.46 -21.10 14.04
C ASP C 194 29.67 -21.35 14.96
N PRO C 195 29.40 -21.60 16.25
CA PRO C 195 30.46 -21.83 17.24
C PRO C 195 31.10 -23.22 17.05
N PRO C 196 32.39 -23.36 17.37
CA PRO C 196 33.09 -24.65 17.28
C PRO C 196 32.46 -25.69 18.21
N TYR C 197 31.76 -25.22 19.25
CA TYR C 197 31.05 -26.15 20.12
C TYR C 197 29.64 -26.37 19.60
N ASP C 198 29.29 -27.64 19.38
CA ASP C 198 27.93 -27.99 18.99
C ASP C 198 27.43 -29.03 19.98
N PRO C 199 26.36 -28.71 20.73
CA PRO C 199 25.84 -29.62 21.76
C PRO C 199 25.48 -31.00 21.21
N LEU C 200 25.02 -31.07 19.97
CA LEU C 200 24.66 -32.36 19.38
C LEU C 200 25.87 -33.30 19.27
N ASP C 201 27.05 -32.71 19.11
CA ASP C 201 28.29 -33.49 19.11
C ASP C 201 28.56 -34.12 20.48
N LEU C 202 28.38 -33.35 21.54
CA LEU C 202 28.62 -33.83 22.89
C LEU C 202 27.61 -34.91 23.30
N PHE C 203 26.36 -34.74 22.89
CA PHE C 203 25.30 -35.66 23.27
C PHE C 203 25.18 -36.85 22.31
N SER C 204 26.03 -36.86 21.28
CA SER C 204 25.97 -37.87 20.22
C SER C 204 26.26 -39.28 20.67
N GLY C 205 27.17 -39.43 21.61
CA GLY C 205 27.60 -40.74 22.08
C GLY C 205 28.75 -41.26 21.23
N ASP C 206 29.14 -40.45 20.26
CA ASP C 206 30.24 -40.80 19.37
C ASP C 206 31.52 -40.19 19.92
N LYS C 207 32.54 -41.02 20.12
CA LYS C 207 33.76 -40.60 20.79
C LYS C 207 34.41 -39.36 20.17
N MSE C 208 34.57 -39.38 18.85
CA MSE C 208 35.27 -38.29 18.19
C MSE C 208 34.44 -37.01 18.09
O MSE C 208 34.99 -35.91 18.18
CB MSE C 208 35.72 -38.74 16.80
CG MSE C 208 36.85 -39.75 16.86
SE MSE C 208 38.47 -38.94 17.60
CE MSE C 208 38.96 -40.34 18.85
N ARG C 209 33.12 -37.14 17.89
CA ARG C 209 32.25 -35.98 17.92
C ARG C 209 32.26 -35.32 19.30
N MSE C 210 32.41 -36.13 20.34
CA MSE C 210 32.47 -35.60 21.69
C MSE C 210 33.78 -34.83 21.90
O MSE C 210 33.76 -33.71 22.41
CB MSE C 210 32.30 -36.71 22.71
CG MSE C 210 30.89 -37.27 22.75
SE MSE C 210 30.72 -38.88 23.84
CE MSE C 210 31.27 -38.14 25.56
N ARG C 211 34.90 -35.43 21.51
CA ARG C 211 36.19 -34.74 21.57
C ARG C 211 36.14 -33.43 20.78
N THR C 212 35.47 -33.46 19.62
CA THR C 212 35.33 -32.26 18.80
C THR C 212 34.56 -31.21 19.57
N ALA C 213 33.53 -31.64 20.29
CA ALA C 213 32.74 -30.74 21.13
C ALA C 213 33.56 -30.18 22.27
N LEU C 214 34.33 -31.06 22.93
CA LEU C 214 35.16 -30.62 24.04
C LEU C 214 36.24 -29.66 23.57
N ASP C 215 36.87 -29.94 22.42
CA ASP C 215 37.89 -29.04 21.91
C ASP C 215 37.28 -27.68 21.60
N GLY C 216 36.07 -27.70 21.07
CA GLY C 216 35.36 -26.48 20.73
C GLY C 216 35.11 -25.64 21.96
N LEU C 217 34.78 -26.30 23.07
CA LEU C 217 34.59 -25.60 24.34
C LEU C 217 35.90 -24.99 24.81
N TRP C 218 37.02 -25.69 24.57
CA TRP C 218 38.33 -25.16 24.92
C TRP C 218 38.61 -23.90 24.10
N THR C 219 38.28 -23.97 22.81
CA THR C 219 38.53 -22.87 21.89
C THR C 219 37.79 -21.61 22.29
N MSE C 220 36.50 -21.76 22.60
CA MSE C 220 35.68 -20.61 22.98
C MSE C 220 36.13 -20.06 24.35
O MSE C 220 35.96 -18.88 24.63
CB MSE C 220 34.21 -20.98 23.02
CG MSE C 220 33.65 -21.38 21.66
SE MSE C 220 31.81 -22.02 21.74
CE MSE C 220 30.91 -20.32 22.01
N TRP C 221 36.69 -20.94 25.17
CA TRP C 221 37.22 -20.54 26.46
C TRP C 221 38.47 -19.67 26.27
N GLU C 222 39.35 -20.08 25.34
CA GLU C 222 40.55 -19.31 25.05
C GLU C 222 40.26 -17.94 24.46
N ILE C 223 39.39 -17.89 23.47
CA ILE C 223 39.04 -16.65 22.77
C ILE C 223 38.37 -15.65 23.71
N SER C 224 37.57 -16.17 24.64
CA SER C 224 36.86 -15.31 25.58
C SER C 224 37.70 -15.02 26.82
N ARG C 225 38.94 -15.50 26.81
CA ARG C 225 39.89 -15.31 27.91
C ARG C 225 39.34 -15.81 29.24
N GLY C 226 38.70 -16.98 29.20
CA GLY C 226 38.21 -17.65 30.39
C GLY C 226 36.91 -17.10 30.98
N LYS C 227 36.24 -16.22 30.24
CA LYS C 227 35.01 -15.62 30.74
C LYS C 227 33.74 -16.30 30.24
N SER C 228 33.88 -17.25 29.32
CA SER C 228 32.69 -17.94 28.82
C SER C 228 32.11 -18.84 29.91
N ASN C 229 30.80 -18.81 30.05
CA ASN C 229 30.12 -19.53 31.11
C ASN C 229 29.88 -21.01 30.77
N ASN C 230 30.05 -21.37 29.51
CA ASN C 230 29.89 -22.75 29.06
C ASN C 230 30.97 -23.70 29.56
N TRP C 231 32.17 -23.16 29.76
CA TRP C 231 33.33 -23.95 30.18
C TRP C 231 34.10 -23.27 31.32
N LYS C 232 34.25 -23.97 32.44
CA LYS C 232 34.98 -23.45 33.59
C LYS C 232 36.02 -24.45 34.07
N VAL C 233 37.24 -23.98 34.31
CA VAL C 233 38.30 -24.85 34.80
C VAL C 233 38.76 -24.46 36.21
N PHE C 234 38.80 -25.44 37.10
CA PHE C 234 39.19 -25.22 38.48
C PHE C 234 40.41 -26.02 38.91
N ILE C 235 41.41 -25.31 39.41
CA ILE C 235 42.56 -25.95 40.02
C ILE C 235 42.76 -25.35 41.42
N GLY C 236 42.71 -26.20 42.45
CA GLY C 236 42.86 -25.72 43.82
C GLY C 236 41.76 -24.77 44.26
N SER C 237 40.55 -25.00 43.73
CA SER C 237 39.33 -24.24 44.03
C SER C 237 39.34 -22.87 43.34
N LYS C 238 40.43 -22.61 42.62
CA LYS C 238 40.59 -21.38 41.87
C LYS C 238 40.11 -21.51 40.42
N GLU C 239 39.27 -20.58 39.98
CA GLU C 239 38.83 -20.62 38.59
C GLU C 239 39.95 -20.11 37.71
N ILE C 240 40.46 -21.01 36.88
CA ILE C 240 41.64 -20.76 36.07
C ILE C 240 41.32 -19.94 34.83
N SER C 241 42.24 -19.05 34.46
CA SER C 241 42.12 -18.28 33.24
C SER C 241 43.12 -18.81 32.24
N PRO C 242 42.98 -18.45 30.96
CA PRO C 242 43.97 -18.91 29.96
C PRO C 242 45.41 -18.51 30.30
N ASP C 243 45.61 -17.36 30.94
CA ASP C 243 46.96 -16.93 31.28
C ASP C 243 47.51 -17.73 32.46
N ASP C 244 46.62 -18.23 33.32
CA ASP C 244 47.04 -19.08 34.43
C ASP C 244 47.64 -20.41 33.97
N LEU C 245 47.18 -20.94 32.83
CA LEU C 245 47.66 -22.23 32.34
C LEU C 245 49.15 -22.26 31.98
N GLN C 246 49.60 -21.21 31.32
CA GLN C 246 51.00 -21.10 30.88
C GLN C 246 51.97 -20.54 31.91
N ARG C 247 51.47 -20.09 33.06
CA ARG C 247 52.38 -19.59 34.09
C ARG C 247 53.10 -20.74 34.81
N GLY C 248 52.73 -21.97 34.49
CA GLY C 248 53.35 -23.18 35.02
C GLY C 248 53.65 -23.24 36.51
N LEU C 249 52.59 -23.33 37.31
CA LEU C 249 52.71 -23.46 38.75
C LEU C 249 52.35 -24.87 39.22
N LEU C 250 52.13 -25.78 38.28
CA LEU C 250 51.72 -27.14 38.62
C LEU C 250 52.72 -28.14 38.08
N PRO C 251 52.69 -29.38 38.61
CA PRO C 251 53.62 -30.41 38.16
C PRO C 251 53.42 -30.80 36.69
N MSE C 252 52.30 -30.40 36.12
CA MSE C 252 51.96 -30.77 34.76
C MSE C 252 52.02 -29.56 33.85
O MSE C 252 52.92 -29.42 33.01
CB MSE C 252 50.58 -31.43 34.72
CG MSE C 252 50.19 -32.04 33.39
SE MSE C 252 48.68 -33.27 33.57
CE MSE C 252 49.63 -34.88 34.14
N GLY C 253 51.05 -28.67 34.01
CA GLY C 253 51.03 -27.41 33.29
C GLY C 253 50.84 -27.44 31.78
N GLY C 254 50.44 -26.29 31.25
CA GLY C 254 50.27 -26.07 29.83
C GLY C 254 49.44 -27.05 29.02
N ASP C 255 50.03 -27.49 27.91
CA ASP C 255 49.35 -28.35 26.96
C ASP C 255 49.07 -29.74 27.51
N ASP C 256 49.95 -30.24 28.36
CA ASP C 256 49.71 -31.53 28.98
C ASP C 256 48.48 -31.49 29.86
N LEU C 257 48.26 -30.34 30.49
CA LEU C 257 47.11 -30.19 31.37
C LEU C 257 45.82 -30.18 30.55
N VAL C 258 45.82 -29.42 29.46
CA VAL C 258 44.64 -29.32 28.60
C VAL C 258 44.30 -30.68 28.00
N THR C 259 45.34 -31.37 27.52
CA THR C 259 45.20 -32.67 26.90
C THR C 259 44.69 -33.72 27.87
N ASN C 260 45.27 -33.77 29.07
CA ASN C 260 44.85 -34.73 30.07
C ASN C 260 43.45 -34.46 30.61
N ILE C 261 43.11 -33.18 30.76
CA ILE C 261 41.77 -32.79 31.22
C ILE C 261 40.71 -33.25 30.23
N THR C 262 41.00 -33.05 28.95
CA THR C 262 40.08 -33.45 27.88
C THR C 262 39.83 -34.94 27.88
N GLN C 263 40.89 -35.74 27.99
CA GLN C 263 40.76 -37.18 28.02
C GLN C 263 40.01 -37.70 29.25
N LEU C 264 40.28 -37.13 30.41
CA LEU C 264 39.60 -37.55 31.62
C LEU C 264 38.12 -37.20 31.53
N THR C 265 37.84 -35.98 31.07
CA THR C 265 36.48 -35.51 30.90
C THR C 265 35.72 -36.36 29.89
N LEU C 266 36.38 -36.65 28.79
CA LEU C 266 35.77 -37.47 27.75
C LEU C 266 35.43 -38.85 28.30
N SER C 267 36.37 -39.45 29.00
CA SER C 267 36.19 -40.79 29.57
C SER C 267 35.12 -40.80 30.65
N ALA C 268 35.13 -39.78 31.50
CA ALA C 268 34.13 -39.69 32.57
C ALA C 268 32.73 -39.55 31.99
N LEU C 269 32.58 -38.73 30.96
CA LEU C 269 31.30 -38.53 30.30
C LEU C 269 30.80 -39.75 29.54
N GLN C 270 31.71 -40.52 28.93
CA GLN C 270 31.31 -41.73 28.22
C GLN C 270 30.85 -42.79 29.21
N THR C 271 31.60 -42.93 30.29
CA THR C 271 31.27 -43.89 31.33
C THR C 271 30.01 -43.51 32.10
N SER C 272 29.82 -42.22 32.35
CA SER C 272 28.67 -41.75 33.12
C SER C 272 27.39 -41.76 32.30
N SER C 273 26.25 -41.90 32.96
CA SER C 273 24.99 -41.94 32.23
C SER C 273 24.40 -40.55 32.09
N ALA C 274 25.17 -39.55 32.51
CA ALA C 274 24.69 -38.19 32.64
C ALA C 274 24.17 -37.58 31.33
N LEU C 275 24.97 -37.64 30.27
CA LEU C 275 24.56 -37.02 29.02
C LEU C 275 23.35 -37.70 28.36
N PRO C 276 23.37 -39.04 28.20
CA PRO C 276 22.16 -39.63 27.60
C PRO C 276 20.92 -39.46 28.46
N LEU C 277 21.10 -39.53 29.77
CA LEU C 277 19.99 -39.35 30.70
C LEU C 277 19.43 -37.94 30.60
N LEU C 278 20.32 -36.96 30.50
CA LEU C 278 19.91 -35.55 30.41
C LEU C 278 19.14 -35.30 29.13
N LYS C 279 19.62 -35.86 28.02
CA LYS C 279 18.97 -35.67 26.73
C LYS C 279 17.55 -36.24 26.77
N ASN C 280 17.40 -37.42 27.36
CA ASN C 280 16.08 -38.03 27.50
C ASN C 280 15.16 -37.17 28.35
N LEU C 281 15.68 -36.61 29.44
CA LEU C 281 14.89 -35.74 30.30
C LEU C 281 14.49 -34.46 29.59
N GLN C 282 15.43 -33.87 28.86
CA GLN C 282 15.17 -32.65 28.14
C GLN C 282 14.08 -32.85 27.09
N GLN C 283 14.24 -33.90 26.28
CA GLN C 283 13.33 -34.14 25.18
C GLN C 283 11.97 -34.69 25.64
N ASN C 284 11.95 -35.68 26.54
CA ASN C 284 10.67 -36.25 26.97
C ASN C 284 9.78 -35.26 27.71
N LEU C 285 10.39 -34.38 28.49
CA LEU C 285 9.65 -33.37 29.23
C LEU C 285 9.21 -32.22 28.34
N ASP C 286 9.80 -32.16 27.14
CA ASP C 286 9.40 -31.21 26.09
C ASP C 286 9.18 -31.95 24.78
N PRO C 287 8.22 -32.90 24.76
CA PRO C 287 8.00 -33.83 23.66
C PRO C 287 7.48 -33.23 22.35
N ILE C 288 6.63 -32.23 22.42
CA ILE C 288 6.05 -31.64 21.21
C ILE C 288 6.41 -30.18 20.95
N ASP C 289 7.56 -29.74 21.46
CA ASP C 289 8.03 -28.35 21.39
C ASP C 289 7.09 -27.35 22.06
N ILE C 290 7.60 -26.15 22.37
CA ILE C 290 6.80 -25.10 23.00
C ILE C 290 5.72 -24.57 22.06
N SER C 291 5.96 -24.65 20.76
CA SER C 291 5.02 -24.13 19.77
C SER C 291 3.69 -24.90 19.76
N SER C 292 3.75 -26.23 19.80
CA SER C 292 2.52 -27.01 19.89
C SER C 292 1.89 -26.88 21.27
N LEU C 293 2.71 -26.73 22.30
CA LEU C 293 2.18 -26.53 23.63
C LEU C 293 1.40 -25.23 23.70
N ALA C 294 1.88 -24.20 23.01
CA ALA C 294 1.16 -22.93 22.95
C ALA C 294 -0.16 -23.08 22.23
N ALA C 295 -0.18 -23.92 21.19
CA ALA C 295 -1.39 -24.18 20.43
C ALA C 295 -2.44 -24.88 21.31
N LEU C 296 -2.00 -25.83 22.11
CA LEU C 296 -2.91 -26.53 23.01
C LEU C 296 -3.49 -25.53 24.01
N PHE C 297 -2.64 -24.62 24.48
CA PHE C 297 -3.06 -23.63 25.46
C PHE C 297 -4.11 -22.69 24.92
N GLN C 298 -3.88 -22.17 23.71
CA GLN C 298 -4.81 -21.19 23.15
C GLN C 298 -6.11 -21.87 22.74
N ALA C 299 -6.02 -23.13 22.36
CA ALA C 299 -7.20 -23.91 22.02
C ALA C 299 -8.14 -23.97 23.23
N GLU C 300 -7.57 -24.21 24.42
CA GLU C 300 -8.37 -24.23 25.64
C GLU C 300 -8.62 -22.84 26.24
N HIS C 301 -7.82 -21.85 25.86
CA HIS C 301 -8.05 -20.48 26.34
C HIS C 301 -8.04 -19.51 25.16
N PRO C 302 -9.08 -19.57 24.31
CA PRO C 302 -9.14 -18.79 23.06
C PRO C 302 -9.25 -17.28 23.22
N ASN C 303 -9.82 -16.80 24.32
CA ASN C 303 -9.90 -15.37 24.56
C ASN C 303 -8.85 -14.76 25.48
N SER C 304 -7.72 -15.44 25.65
CA SER C 304 -6.69 -14.95 26.56
C SER C 304 -5.34 -14.93 25.85
N PRO C 305 -4.39 -14.13 26.34
CA PRO C 305 -3.09 -14.20 25.69
C PRO C 305 -2.43 -15.54 25.98
N ILE C 306 -1.58 -16.01 25.07
CA ILE C 306 -0.96 -17.32 25.22
C ILE C 306 -0.09 -17.33 26.45
N PHE C 307 -0.23 -18.40 27.24
CA PHE C 307 0.52 -18.59 28.46
C PHE C 307 0.39 -17.41 29.41
N ASP C 308 -0.82 -16.86 29.49
CA ASP C 308 -1.06 -15.75 30.40
C ASP C 308 -0.79 -16.23 31.81
N PRO C 309 0.14 -15.54 32.52
CA PRO C 309 0.56 -15.96 33.86
C PRO C 309 -0.59 -16.06 34.87
N ASP C 310 -1.58 -15.18 34.75
CA ASP C 310 -2.72 -15.19 35.65
C ASP C 310 -3.57 -16.45 35.51
N LEU C 311 -3.38 -17.17 34.40
CA LEU C 311 -4.15 -18.37 34.15
C LEU C 311 -3.40 -19.61 34.60
N ILE C 312 -2.13 -19.44 34.95
CA ILE C 312 -1.28 -20.56 35.31
C ILE C 312 -0.93 -20.55 36.79
N ALA C 313 -1.45 -21.53 37.54
CA ALA C 313 -1.20 -21.57 38.97
C ALA C 313 0.21 -22.09 39.28
N GLU C 314 0.74 -21.65 40.42
CA GLU C 314 2.02 -22.17 40.90
C GLU C 314 1.84 -23.64 41.27
N VAL C 315 2.94 -24.39 41.22
CA VAL C 315 2.92 -25.83 41.42
C VAL C 315 3.14 -26.23 42.88
N SER C 316 2.28 -27.09 43.38
CA SER C 316 2.44 -27.61 44.74
C SER C 316 3.34 -28.84 44.70
N ALA C 317 3.90 -29.19 45.85
CA ALA C 317 4.80 -30.34 45.96
C ALA C 317 4.08 -31.63 45.61
N VAL C 318 2.85 -31.75 46.07
CA VAL C 318 2.02 -32.92 45.79
C VAL C 318 1.73 -33.04 44.29
N GLU C 319 1.40 -31.90 43.67
CA GLU C 319 1.11 -31.90 42.24
C GLU C 319 2.32 -32.28 41.40
N LEU C 320 3.48 -31.73 41.74
CA LEU C 320 4.73 -32.02 41.03
C LEU C 320 5.10 -33.49 41.10
N ASN C 321 5.04 -34.02 42.33
CA ASN C 321 5.38 -35.41 42.56
C ASN C 321 4.43 -36.35 41.84
N SER C 322 3.17 -35.95 41.75
CA SER C 322 2.16 -36.75 41.07
C SER C 322 2.54 -36.91 39.60
N PHE C 323 2.91 -35.82 38.95
CA PHE C 323 3.28 -35.91 37.54
C PHE C 323 4.56 -36.72 37.33
N VAL C 324 5.52 -36.52 38.22
CA VAL C 324 6.80 -37.22 38.07
C VAL C 324 6.60 -38.74 38.12
N ASP C 325 5.69 -39.21 38.98
CA ASP C 325 5.37 -40.63 39.02
C ASP C 325 4.70 -41.04 37.71
N ILE C 326 3.82 -40.19 37.19
CA ILE C 326 3.21 -40.46 35.90
C ILE C 326 4.30 -40.51 34.83
N TYR C 327 5.24 -39.58 34.88
CA TYR C 327 6.32 -39.51 33.90
C TYR C 327 7.17 -40.79 33.90
N ILE C 328 7.54 -41.22 35.09
CA ILE C 328 8.39 -42.39 35.26
C ILE C 328 7.73 -43.67 34.74
N SER C 329 6.42 -43.76 34.88
CA SER C 329 5.67 -44.92 34.39
C SER C 329 5.73 -45.05 32.86
N ASP C 330 5.66 -43.92 32.16
CA ASP C 330 5.77 -43.92 30.70
C ASP C 330 6.34 -42.58 30.23
N PRO C 331 7.67 -42.48 30.17
CA PRO C 331 8.40 -41.23 29.86
C PRO C 331 8.11 -40.67 28.47
N GLN C 332 7.90 -41.52 27.47
CA GLN C 332 7.67 -41.05 26.11
C GLN C 332 6.19 -40.81 25.83
N ALA C 333 5.35 -40.92 26.85
CA ALA C 333 3.91 -40.78 26.66
C ALA C 333 3.55 -39.38 26.18
N GLY C 334 4.41 -38.42 26.48
CA GLY C 334 4.19 -37.03 26.12
C GLY C 334 4.03 -36.80 24.63
N GLN C 335 4.59 -37.70 23.82
CA GLN C 335 4.49 -37.60 22.36
C GLN C 335 3.07 -37.76 21.86
N ARG C 336 2.30 -38.64 22.49
CA ARG C 336 0.91 -38.86 22.12
C ARG C 336 0.02 -37.71 22.61
N MSE C 337 -1.07 -37.48 21.89
CA MSE C 337 -1.89 -36.29 22.09
C MSE C 337 -3.04 -36.47 23.08
O MSE C 337 -3.82 -35.55 23.29
CB MSE C 337 -2.46 -35.84 20.75
CG MSE C 337 -1.66 -34.74 20.09
SE MSE C 337 -1.20 -33.36 21.38
CE MSE C 337 0.63 -33.88 21.72
N ASP C 338 -3.12 -37.63 23.69
CA ASP C 338 -4.22 -37.95 24.59
C ASP C 338 -3.72 -38.59 25.88
N SER C 339 -2.50 -38.22 26.25
CA SER C 339 -1.83 -38.75 27.43
C SER C 339 -1.84 -37.63 28.48
N TRP C 340 -0.76 -36.87 28.58
CA TRP C 340 -0.66 -35.82 29.59
C TRP C 340 -1.64 -34.69 29.31
N SER C 341 -2.17 -34.11 30.38
CA SER C 341 -3.07 -32.96 30.27
C SER C 341 -2.27 -31.68 30.03
N LEU C 342 -2.97 -30.60 29.71
CA LEU C 342 -2.30 -29.32 29.45
C LEU C 342 -1.51 -28.88 30.67
N ARG C 343 -2.13 -28.98 31.83
CA ARG C 343 -1.48 -28.62 33.07
C ARG C 343 -0.24 -29.48 33.32
N GLU C 344 -0.36 -30.78 33.06
CA GLU C 344 0.76 -31.69 33.22
C GLU C 344 1.89 -31.35 32.25
N ARG C 345 1.53 -30.91 31.05
CA ARG C 345 2.51 -30.54 30.04
C ARG C 345 3.25 -29.24 30.43
N ILE C 346 2.51 -28.32 31.01
CA ILE C 346 3.12 -27.07 31.46
C ILE C 346 4.09 -27.33 32.61
N ILE C 347 3.74 -28.26 33.49
CA ILE C 347 4.63 -28.65 34.57
C ILE C 347 5.87 -29.31 34.00
N ALA C 348 5.65 -30.22 33.06
CA ALA C 348 6.73 -30.94 32.40
C ALA C 348 7.69 -29.98 31.68
N TYR C 349 7.12 -28.97 31.03
CA TYR C 349 7.96 -28.02 30.31
C TYR C 349 8.85 -27.21 31.27
N ALA C 350 8.35 -26.89 32.46
CA ALA C 350 9.16 -26.21 33.47
C ALA C 350 10.31 -27.10 33.94
N LEU C 351 10.04 -28.39 34.10
CA LEU C 351 11.07 -29.34 34.48
C LEU C 351 12.11 -29.46 33.38
N SER C 352 11.63 -29.43 32.13
CA SER C 352 12.50 -29.52 30.97
C SER C 352 13.49 -28.38 30.95
N ALA C 353 13.02 -27.20 31.37
CA ALA C 353 13.87 -26.03 31.41
C ALA C 353 15.03 -26.22 32.38
N ILE C 354 14.78 -26.96 33.47
CA ILE C 354 15.85 -27.19 34.43
C ILE C 354 16.99 -27.99 33.80
N PHE C 355 16.63 -29.13 33.21
CA PHE C 355 17.62 -30.01 32.62
C PHE C 355 18.23 -29.41 31.35
N LYS C 356 17.53 -28.49 30.71
CA LYS C 356 18.06 -27.75 29.57
C LYS C 356 19.16 -26.76 29.97
N ASP C 357 19.00 -26.13 31.13
CA ASP C 357 19.93 -25.07 31.53
C ASP C 357 20.89 -25.50 32.64
N CYS C 358 20.90 -26.80 32.95
CA CYS C 358 21.73 -27.27 34.05
C CYS C 358 23.20 -27.40 33.64
N SER C 359 24.04 -27.75 34.61
CA SER C 359 25.48 -27.84 34.40
C SER C 359 26.01 -29.22 34.76
N LEU C 360 27.15 -29.57 34.19
CA LEU C 360 27.83 -30.81 34.51
C LEU C 360 29.13 -30.49 35.23
N PHE C 361 29.44 -31.26 36.27
CA PHE C 361 30.68 -31.01 37.03
C PHE C 361 31.52 -32.29 36.94
N VAL C 362 32.74 -32.18 36.42
CA VAL C 362 33.60 -33.34 36.30
C VAL C 362 34.85 -33.13 37.13
N ARG C 363 35.07 -34.02 38.09
CA ARG C 363 36.15 -33.85 39.03
C ARG C 363 37.28 -34.88 38.91
N GLY C 364 38.51 -34.40 39.01
CA GLY C 364 39.68 -35.24 38.98
C GLY C 364 40.70 -34.77 40.01
N VAL C 365 41.75 -35.56 40.19
CA VAL C 365 42.85 -35.16 41.08
C VAL C 365 44.18 -35.37 40.41
N LEU C 366 45.05 -34.38 40.50
CA LEU C 366 46.39 -34.51 40.00
C LEU C 366 47.15 -35.20 41.13
N LYS C 367 47.61 -36.42 40.86
CA LYS C 367 48.15 -37.26 41.92
C LYS C 367 49.61 -37.55 41.66
N HIS C 368 50.35 -37.77 42.73
CA HIS C 368 51.77 -38.09 42.64
C HIS C 368 51.91 -39.58 42.91
N ALA C 369 52.49 -40.31 41.97
CA ALA C 369 52.52 -41.76 42.10
C ALA C 369 53.88 -42.22 42.57
N GLU C 370 53.95 -43.47 43.00
CA GLU C 370 55.18 -44.06 43.53
C GLU C 370 56.34 -43.93 42.54
N ASP C 371 56.06 -44.07 41.23
CA ASP C 371 57.11 -44.02 40.22
C ASP C 371 57.69 -42.60 40.05
N GLY C 372 57.01 -41.61 40.63
CA GLY C 372 57.46 -40.23 40.59
C GLY C 372 56.85 -39.38 39.50
N ALA C 373 55.85 -39.93 38.81
CA ALA C 373 55.17 -39.22 37.75
C ALA C 373 53.85 -38.65 38.26
N TRP C 374 53.46 -37.52 37.71
CA TRP C 374 52.18 -36.93 38.09
C TRP C 374 51.13 -37.30 37.06
N ARG C 375 49.99 -37.75 37.56
CA ARG C 375 48.91 -38.22 36.72
C ARG C 375 47.58 -37.61 37.12
N LEU C 376 46.70 -37.49 36.13
CA LEU C 376 45.35 -37.01 36.36
C LEU C 376 44.46 -38.24 36.54
N VAL C 377 43.82 -38.32 37.69
CA VAL C 377 43.09 -39.53 38.05
C VAL C 377 41.61 -39.26 38.37
N SER C 378 40.76 -40.22 38.06
CA SER C 378 39.34 -40.09 38.39
C SER C 378 38.90 -41.21 39.31
N GLY C 379 38.14 -40.88 40.35
CA GLY C 379 37.68 -41.87 41.31
C GLY C 379 36.21 -41.78 41.67
N GLY C 380 35.55 -42.93 41.79
CA GLY C 380 34.18 -42.97 42.25
C GLY C 380 33.22 -42.11 41.44
N GLU C 381 32.45 -41.29 42.14
CA GLU C 381 31.47 -40.43 41.51
C GLU C 381 32.12 -39.13 41.04
N SER C 382 32.83 -39.21 39.93
CA SER C 382 33.55 -38.08 39.35
C SER C 382 32.65 -37.07 38.62
N VAL C 383 31.45 -37.50 38.22
CA VAL C 383 30.55 -36.65 37.45
C VAL C 383 29.31 -36.28 38.27
N LYS C 384 28.98 -35.00 38.27
CA LYS C 384 27.82 -34.55 39.03
C LYS C 384 26.96 -33.68 38.14
N VAL C 385 25.66 -33.67 38.37
CA VAL C 385 24.76 -32.76 37.67
C VAL C 385 24.29 -31.69 38.66
N ILE C 386 24.64 -30.43 38.40
CA ILE C 386 24.31 -29.33 39.30
C ILE C 386 23.42 -28.27 38.65
N ASP C 387 23.07 -27.24 39.41
CA ASP C 387 22.13 -26.18 38.98
C ASP C 387 20.76 -26.75 38.63
N LEU C 388 20.17 -27.46 39.61
CA LEU C 388 18.90 -28.14 39.42
C LEU C 388 17.74 -27.55 40.22
N ASP C 389 17.79 -26.23 40.45
CA ASP C 389 16.71 -25.57 41.19
C ASP C 389 15.44 -25.58 40.37
N LEU C 390 14.30 -25.50 41.04
CA LEU C 390 13.02 -25.46 40.35
C LEU C 390 12.89 -24.14 39.61
N LYS C 391 12.22 -24.17 38.47
CA LYS C 391 11.96 -22.94 37.73
C LYS C 391 10.48 -22.61 37.80
N PRO C 392 10.15 -21.32 38.00
CA PRO C 392 8.75 -20.91 38.10
C PRO C 392 7.97 -21.22 36.83
N VAL C 393 6.86 -21.93 37.00
CA VAL C 393 6.04 -22.37 35.88
C VAL C 393 5.41 -21.17 35.15
N LYS C 394 5.25 -20.05 35.85
CA LYS C 394 4.68 -18.83 35.26
C LYS C 394 5.59 -18.17 34.22
N ASN C 395 6.84 -18.64 34.14
CA ASN C 395 7.81 -18.09 33.22
C ASN C 395 7.68 -18.66 31.81
N ILE C 396 6.72 -19.57 31.60
CA ILE C 396 6.59 -20.22 30.30
C ILE C 396 6.25 -19.23 29.20
N GLN C 397 5.54 -18.16 29.54
CA GLN C 397 5.22 -17.13 28.56
C GLN C 397 6.50 -16.47 28.06
N LYS C 398 7.43 -16.20 29.00
CA LYS C 398 8.71 -15.59 28.66
C LYS C 398 9.55 -16.54 27.79
N TRP C 399 9.48 -17.83 28.10
CA TRP C 399 10.22 -18.84 27.33
C TRP C 399 9.67 -18.95 25.92
N ALA C 400 8.35 -18.92 25.81
CA ALA C 400 7.70 -18.98 24.50
C ALA C 400 8.08 -17.75 23.69
N GLU C 401 8.14 -16.59 24.35
CA GLU C 401 8.53 -15.36 23.68
C GLU C 401 9.97 -15.42 23.24
N THR C 402 10.82 -16.01 24.09
CA THR C 402 12.22 -16.17 23.76
C THR C 402 12.39 -17.09 22.55
N ASP C 403 11.62 -18.18 22.51
CA ASP C 403 11.73 -19.15 21.43
C ASP C 403 11.33 -18.53 20.10
N GLU C 404 10.24 -17.79 20.13
CA GLU C 404 9.75 -17.13 18.93
C GLU C 404 10.73 -16.10 18.38
N LYS C 405 11.30 -15.29 19.27
CA LYS C 405 12.25 -14.24 18.86
C LYS C 405 13.49 -14.79 18.16
N VAL C 406 14.05 -15.89 18.67
CA VAL C 406 15.30 -16.43 18.11
C VAL C 406 15.13 -17.07 16.73
N TRP C 407 14.02 -17.78 16.48
CA TRP C 407 13.81 -18.35 15.14
C TRP C 407 13.38 -17.27 14.14
N LYS C 408 12.60 -16.29 14.58
CA LYS C 408 12.20 -15.20 13.70
C LYS C 408 13.41 -14.37 13.28
N HIS C 409 14.30 -14.10 14.22
CA HIS C 409 15.51 -13.35 13.96
C HIS C 409 16.45 -14.10 13.01
N TRP C 410 16.50 -15.42 13.13
CA TRP C 410 17.30 -16.25 12.24
C TRP C 410 16.72 -16.20 10.83
N LEU C 411 15.39 -16.27 10.73
CA LEU C 411 14.72 -16.21 9.44
C LEU C 411 14.99 -14.89 8.72
N LYS C 412 14.93 -13.81 9.49
CA LYS C 412 15.14 -12.48 8.95
C LYS C 412 16.56 -12.24 8.44
N THR C 413 17.54 -12.84 9.11
CA THR C 413 18.94 -12.55 8.84
C THR C 413 19.74 -13.67 8.19
N LYS C 414 19.39 -14.92 8.48
CA LYS C 414 20.21 -16.03 8.00
C LYS C 414 19.49 -16.98 7.06
N GLY C 415 18.17 -17.09 7.19
CA GLY C 415 17.44 -17.96 6.28
C GLY C 415 16.60 -19.00 6.99
N THR C 416 16.45 -20.14 6.32
CA THR C 416 15.56 -21.19 6.76
C THR C 416 16.30 -22.40 7.32
N ARG C 417 17.62 -22.31 7.38
CA ARG C 417 18.46 -23.39 7.91
C ARG C 417 19.81 -22.82 8.35
N PRO D 15 11.55 -46.72 -2.77
CA PRO D 15 10.50 -45.86 -2.23
C PRO D 15 9.74 -46.51 -1.09
N ASN D 16 10.31 -46.49 0.11
CA ASN D 16 9.66 -47.08 1.29
C ASN D 16 9.64 -46.10 2.47
N PRO D 17 8.74 -45.11 2.42
CA PRO D 17 8.61 -44.03 3.41
C PRO D 17 8.29 -44.53 4.82
N SER D 18 7.37 -45.48 4.92
CA SER D 18 7.04 -46.09 6.20
C SER D 18 8.27 -46.81 6.74
N ALA D 19 8.98 -47.47 5.83
CA ALA D 19 10.16 -48.24 6.19
C ALA D 19 11.44 -47.42 6.34
N ASP D 20 11.62 -46.40 5.50
CA ASP D 20 12.86 -45.64 5.53
C ASP D 20 12.86 -44.41 6.46
N THR D 21 11.69 -43.94 6.88
CA THR D 21 11.61 -42.70 7.70
C THR D 21 10.61 -42.78 8.84
N GLN D 22 10.67 -41.81 9.75
CA GLN D 22 9.71 -41.74 10.85
C GLN D 22 8.67 -40.66 10.63
N PRO D 23 7.46 -40.85 11.20
CA PRO D 23 6.37 -39.89 11.06
C PRO D 23 6.74 -38.51 11.60
N SER D 24 7.62 -38.48 12.59
CA SER D 24 8.10 -37.24 13.19
C SER D 24 8.81 -36.34 12.18
N ASP D 25 9.43 -36.96 11.19
CA ASP D 25 10.19 -36.25 10.18
C ASP D 25 9.31 -35.51 9.18
N TRP D 26 8.03 -35.84 9.15
CA TRP D 26 7.10 -35.22 8.20
C TRP D 26 6.34 -34.06 8.85
N ALA D 27 6.30 -32.94 8.13
CA ALA D 27 5.65 -31.72 8.63
C ALA D 27 4.43 -31.33 7.80
N TYR D 28 3.39 -30.89 8.48
CA TYR D 28 2.14 -30.49 7.86
C TYR D 28 2.31 -29.27 6.94
N ILE D 29 1.80 -29.37 5.71
CA ILE D 29 1.95 -28.30 4.73
C ILE D 29 0.63 -27.61 4.49
N ALA D 30 -0.35 -28.39 4.04
CA ALA D 30 -1.61 -27.83 3.61
C ALA D 30 -2.71 -28.86 3.70
N GLU D 31 -3.95 -28.37 3.77
CA GLU D 31 -5.11 -29.24 3.80
C GLU D 31 -6.09 -28.85 2.70
N GLY D 32 -6.89 -29.83 2.30
CA GLY D 32 -7.93 -29.63 1.31
C GLY D 32 -9.05 -30.58 1.67
N GLY D 33 -10.04 -30.70 0.78
CA GLY D 33 -11.09 -31.66 1.00
C GLY D 33 -10.59 -33.09 0.99
N ALA D 34 -10.55 -33.69 2.17
CA ALA D 34 -10.22 -35.11 2.39
C ALA D 34 -8.76 -35.54 2.14
N HIS D 35 -7.85 -34.59 1.92
CA HIS D 35 -6.44 -34.93 1.75
C HIS D 35 -5.51 -33.97 2.48
N ILE D 36 -4.45 -34.52 3.06
CA ILE D 36 -3.46 -33.72 3.77
C ILE D 36 -2.08 -33.95 3.18
N VAL D 37 -1.31 -32.88 3.02
CA VAL D 37 0.04 -33.03 2.47
C VAL D 37 1.08 -32.72 3.54
N PHE D 38 2.22 -33.41 3.46
CA PHE D 38 3.30 -33.25 4.41
C PHE D 38 4.62 -32.99 3.72
N SER D 39 5.51 -32.28 4.41
CA SER D 39 6.84 -32.00 3.91
C SER D 39 7.85 -32.78 4.73
N TYR D 40 8.76 -33.45 4.03
CA TYR D 40 9.80 -34.22 4.68
C TYR D 40 10.94 -33.33 5.11
N GLN D 41 11.02 -33.08 6.42
CA GLN D 41 12.08 -32.26 6.97
C GLN D 41 13.12 -33.10 7.73
N GLY D 42 13.25 -34.36 7.35
CA GLY D 42 14.22 -35.24 7.99
C GLY D 42 15.59 -35.11 7.36
N GLN D 43 16.35 -36.20 7.35
CA GLN D 43 17.72 -36.17 6.83
C GLN D 43 17.98 -37.25 5.79
N SER D 44 16.97 -38.08 5.49
CA SER D 44 17.19 -39.07 4.46
C SER D 44 17.30 -38.29 3.17
N LYS D 45 18.54 -38.14 2.69
CA LYS D 45 18.86 -37.34 1.51
C LYS D 45 18.00 -37.65 0.29
N THR D 46 17.47 -38.88 0.26
CA THR D 46 16.62 -39.31 -0.85
C THR D 46 15.21 -38.76 -0.72
N TYR D 47 14.87 -38.18 0.42
CA TYR D 47 13.54 -37.62 0.62
C TYR D 47 13.56 -36.12 0.85
N ALA D 48 14.69 -35.47 0.56
CA ALA D 48 14.83 -34.04 0.83
C ALA D 48 13.84 -33.21 0.03
N THR D 49 13.63 -33.58 -1.23
CA THR D 49 12.76 -32.83 -2.11
C THR D 49 11.39 -33.49 -2.26
N ARG D 50 10.96 -34.26 -1.26
CA ARG D 50 9.71 -34.98 -1.45
C ARG D 50 8.66 -34.64 -0.41
N ALA D 51 7.40 -34.75 -0.83
CA ALA D 51 6.28 -34.47 0.03
C ALA D 51 5.36 -35.68 0.02
N LEU D 52 4.48 -35.77 1.00
CA LEU D 52 3.58 -36.91 1.06
C LEU D 52 2.14 -36.45 1.27
N ARG D 53 1.25 -36.90 0.39
CA ARG D 53 -0.16 -36.58 0.53
C ARG D 53 -0.89 -37.87 0.92
N VAL D 54 -1.70 -37.76 1.97
CA VAL D 54 -2.42 -38.90 2.51
C VAL D 54 -3.89 -38.59 2.71
N ARG D 55 -4.71 -39.64 2.69
CA ARG D 55 -6.15 -39.46 2.79
C ARG D 55 -6.59 -39.18 4.22
N LYS D 56 -7.40 -38.13 4.37
CA LYS D 56 -7.92 -37.70 5.66
C LYS D 56 -8.79 -38.80 6.25
N PRO D 57 -8.72 -39.00 7.58
CA PRO D 57 -9.63 -40.03 8.09
C PRO D 57 -11.06 -39.49 8.05
N SER D 58 -11.84 -40.04 7.13
CA SER D 58 -13.20 -39.59 6.87
C SER D 58 -13.88 -40.47 5.82
N ASN D 70 -10.67 -40.55 -7.43
CA ASN D 70 -11.92 -40.16 -8.08
C ASN D 70 -12.15 -40.85 -9.42
N ASP D 71 -11.87 -42.16 -9.44
CA ASP D 71 -12.13 -43.03 -10.58
C ASP D 71 -11.35 -42.73 -11.88
N VAL D 72 -11.97 -41.95 -12.77
CA VAL D 72 -11.40 -41.61 -14.07
C VAL D 72 -10.21 -40.64 -13.97
N SER D 73 -10.06 -40.02 -12.80
CA SER D 73 -8.98 -39.07 -12.56
C SER D 73 -7.60 -39.70 -12.72
N GLY D 74 -7.47 -40.99 -12.40
CA GLY D 74 -6.21 -41.68 -12.52
C GLY D 74 -5.69 -41.85 -13.94
N GLN D 75 -6.54 -42.32 -14.85
CA GLN D 75 -6.15 -42.45 -16.26
C GLN D 75 -5.85 -41.10 -16.87
N TRP D 76 -6.64 -40.09 -16.50
CA TRP D 76 -6.49 -38.74 -17.03
C TRP D 76 -5.11 -38.16 -16.65
N ARG D 77 -4.71 -38.30 -15.40
CA ARG D 77 -3.40 -37.81 -14.94
C ARG D 77 -2.21 -38.57 -15.51
N ARG D 78 -2.27 -39.89 -15.51
CA ARG D 78 -1.14 -40.70 -15.98
C ARG D 78 -0.99 -40.76 -17.50
N ASN D 79 -2.07 -41.02 -18.22
CA ASN D 79 -1.95 -41.27 -19.66
C ASN D 79 -2.53 -40.19 -20.58
N ILE D 80 -3.65 -39.60 -20.21
CA ILE D 80 -4.31 -38.67 -21.11
C ILE D 80 -3.78 -37.23 -21.03
N LEU D 81 -3.72 -36.64 -19.84
CA LEU D 81 -3.29 -35.25 -19.72
C LEU D 81 -1.86 -34.97 -20.22
N PRO D 82 -0.90 -35.89 -19.98
CA PRO D 82 0.45 -35.63 -20.52
C PRO D 82 0.53 -35.49 -22.03
N LYS D 83 -0.48 -35.98 -22.75
CA LYS D 83 -0.54 -35.78 -24.19
C LYS D 83 -0.83 -34.32 -24.55
N LEU D 84 -1.67 -33.67 -23.73
CA LEU D 84 -2.06 -32.29 -23.94
C LEU D 84 -1.05 -31.28 -23.37
N VAL D 85 -0.53 -31.57 -22.19
CA VAL D 85 0.40 -30.68 -21.53
C VAL D 85 1.76 -31.38 -21.35
N PRO D 86 2.85 -30.69 -21.74
CA PRO D 86 4.22 -31.22 -21.63
C PRO D 86 4.60 -31.57 -20.19
N ARG D 87 5.43 -32.61 -20.02
CA ARG D 87 5.76 -33.12 -18.69
C ARG D 87 6.50 -32.14 -17.80
N GLN D 88 7.25 -31.23 -18.40
CA GLN D 88 7.97 -30.23 -17.63
C GLN D 88 7.01 -29.33 -16.86
N LEU D 89 5.79 -29.15 -17.39
CA LEU D 89 4.81 -28.28 -16.74
C LEU D 89 3.86 -29.03 -15.81
N LEU D 90 4.05 -30.34 -15.72
CA LEU D 90 3.20 -31.19 -14.89
C LEU D 90 3.93 -31.72 -13.66
N THR D 91 3.20 -31.98 -12.61
CA THR D 91 3.79 -32.47 -11.37
C THR D 91 3.84 -34.00 -11.34
N THR D 92 4.95 -34.54 -10.84
CA THR D 92 5.14 -35.98 -10.75
C THR D 92 4.54 -36.56 -9.47
N SER D 93 4.02 -37.79 -9.56
CA SER D 93 3.47 -38.48 -8.41
C SER D 93 3.87 -39.95 -8.40
N ARG D 94 4.07 -40.49 -7.19
CA ARG D 94 4.40 -41.90 -7.00
C ARG D 94 3.48 -42.55 -5.99
N GLU D 95 2.79 -43.63 -6.36
CA GLU D 95 1.95 -44.33 -5.39
C GLU D 95 2.76 -45.14 -4.39
N VAL D 96 2.38 -45.05 -3.13
CA VAL D 96 3.13 -45.72 -2.08
C VAL D 96 2.21 -46.36 -1.03
N THR D 97 2.68 -47.47 -0.45
CA THR D 97 1.96 -48.21 0.58
C THR D 97 2.61 -47.97 1.94
N LEU D 98 1.84 -47.47 2.90
CA LEU D 98 2.34 -47.14 4.23
C LEU D 98 1.82 -48.09 5.32
N GLU D 99 2.70 -48.51 6.22
CA GLU D 99 2.31 -49.41 7.30
C GLU D 99 1.22 -48.72 8.10
N GLU D 100 0.36 -49.49 8.77
CA GLU D 100 -0.78 -48.89 9.45
C GLU D 100 -0.43 -48.03 10.67
N GLY D 101 0.46 -48.53 11.52
CA GLY D 101 0.89 -47.78 12.70
C GLY D 101 1.59 -46.50 12.29
N TRP D 102 2.42 -46.61 11.26
CA TRP D 102 3.16 -45.48 10.72
C TRP D 102 2.18 -44.40 10.27
N TYR D 103 1.15 -44.83 9.56
CA TYR D 103 0.11 -43.93 9.06
C TYR D 103 -0.62 -43.22 10.19
N LYS D 104 -1.08 -44.00 11.18
CA LYS D 104 -1.83 -43.42 12.28
C LYS D 104 -0.95 -42.52 13.16
N GLU D 105 0.32 -42.89 13.32
CA GLU D 105 1.27 -42.05 14.05
C GLU D 105 1.45 -40.73 13.28
N LEU D 106 1.52 -40.84 11.95
CA LEU D 106 1.67 -39.68 11.08
C LEU D 106 0.52 -38.71 11.18
N LEU D 107 -0.62 -39.21 11.63
CA LEU D 107 -1.82 -38.39 11.66
C LEU D 107 -2.12 -38.06 13.11
N ALA D 108 -1.45 -38.77 14.01
CA ALA D 108 -1.57 -38.50 15.43
C ALA D 108 -1.09 -37.07 15.70
N MSE D 109 -0.12 -36.64 14.90
CA MSE D 109 0.27 -35.23 14.89
C MSE D 109 -0.87 -34.43 14.27
O MSE D 109 -0.94 -34.25 13.05
CB MSE D 109 1.58 -35.05 14.13
CG MSE D 109 2.80 -35.55 14.92
SE MSE D 109 4.22 -36.36 13.85
CE MSE D 109 4.55 -37.95 14.95
N VAL D 110 -1.76 -33.97 15.15
CA VAL D 110 -2.99 -33.26 14.78
C VAL D 110 -2.83 -31.78 15.12
N ASP D 111 -2.06 -31.56 16.19
CA ASP D 111 -1.90 -30.29 16.92
C ASP D 111 -1.72 -29.02 16.09
N VAL D 112 -1.00 -29.13 14.97
CA VAL D 112 -0.59 -27.97 14.19
C VAL D 112 -1.73 -27.07 13.70
N VAL D 113 -2.81 -27.67 13.23
CA VAL D 113 -3.94 -26.88 12.73
C VAL D 113 -5.23 -27.25 13.45
N ASP D 129 -6.24 -45.38 6.28
CA ASP D 129 -5.84 -46.15 5.11
C ASP D 129 -4.36 -46.54 5.18
N ARG D 130 -3.86 -47.14 4.11
CA ARG D 130 -2.46 -47.56 4.05
C ARG D 130 -1.77 -47.01 2.81
N ARG D 131 -2.46 -46.17 2.05
CA ARG D 131 -1.89 -45.64 0.82
C ARG D 131 -1.78 -44.11 0.78
N GLY D 132 -0.61 -43.64 0.36
CA GLY D 132 -0.34 -42.22 0.20
C GLY D 132 0.41 -42.02 -1.11
N VAL D 133 0.66 -40.77 -1.47
CA VAL D 133 1.38 -40.46 -2.70
C VAL D 133 2.59 -39.57 -2.42
N LEU D 134 3.70 -39.84 -3.10
CA LEU D 134 4.88 -39.01 -2.98
C LEU D 134 4.94 -37.97 -4.10
N LEU D 135 5.06 -36.71 -3.71
CA LEU D 135 5.09 -35.59 -4.65
C LEU D 135 6.41 -34.84 -4.57
N GLU D 136 6.59 -33.91 -5.48
CA GLU D 136 7.69 -32.96 -5.38
C GLU D 136 7.28 -31.90 -4.37
N ASP D 137 8.15 -31.63 -3.41
CA ASP D 137 7.88 -30.60 -2.40
C ASP D 137 8.31 -29.25 -2.96
N LEU D 138 7.35 -28.53 -3.54
CA LEU D 138 7.67 -27.31 -4.28
C LEU D 138 7.43 -26.00 -3.53
N THR D 139 6.70 -26.06 -2.42
CA THR D 139 6.38 -24.83 -1.68
C THR D 139 7.18 -24.69 -0.39
N SER D 140 7.78 -25.78 0.07
CA SER D 140 8.49 -25.80 1.35
C SER D 140 9.97 -25.40 1.29
N ASN D 141 10.54 -25.10 2.45
CA ASN D 141 11.95 -24.81 2.56
C ASN D 141 12.71 -26.13 2.52
N VAL D 142 13.48 -26.32 1.46
CA VAL D 142 14.19 -27.58 1.20
C VAL D 142 15.70 -27.37 1.00
N ASP D 143 16.14 -26.12 0.98
CA ASP D 143 17.53 -25.85 0.63
C ASP D 143 18.50 -26.02 1.80
N ASP D 144 19.60 -26.72 1.55
CA ASP D 144 20.65 -26.95 2.55
C ASP D 144 21.29 -25.67 3.05
N ASP D 145 21.46 -24.71 2.16
CA ASP D 145 22.11 -23.45 2.51
C ASP D 145 21.18 -22.50 3.28
N GLY D 146 19.91 -22.86 3.42
CA GLY D 146 18.94 -22.01 4.09
C GLY D 146 18.17 -21.04 3.21
N ALA D 147 18.14 -21.29 1.92
CA ALA D 147 17.38 -20.45 1.00
C ALA D 147 15.88 -20.52 1.28
N ILE D 148 15.20 -19.37 1.18
CA ILE D 148 13.77 -19.29 1.42
C ILE D 148 12.96 -19.56 0.15
N THR D 149 12.06 -20.53 0.22
CA THR D 149 11.25 -20.87 -0.94
C THR D 149 10.12 -19.87 -1.15
N VAL D 150 10.00 -19.41 -2.39
CA VAL D 150 8.95 -18.48 -2.79
C VAL D 150 8.10 -19.11 -3.87
N ALA D 151 6.79 -19.19 -3.65
CA ALA D 151 5.89 -19.79 -4.61
C ALA D 151 4.74 -18.84 -4.87
N ILE D 152 4.30 -18.80 -6.13
CA ILE D 152 3.21 -17.93 -6.52
C ILE D 152 2.17 -18.72 -7.27
N GLU D 153 0.91 -18.49 -6.94
CA GLU D 153 -0.18 -19.15 -7.64
C GLU D 153 -1.04 -18.11 -8.33
N ILE D 154 -1.19 -18.26 -9.64
CA ILE D 154 -1.94 -17.31 -10.44
C ILE D 154 -3.06 -18.01 -11.20
N LYS D 155 -4.23 -17.37 -11.26
CA LYS D 155 -5.34 -17.82 -12.10
C LYS D 155 -5.46 -16.90 -13.29
N PRO D 156 -4.89 -17.31 -14.44
CA PRO D 156 -4.78 -16.50 -15.65
C PRO D 156 -6.10 -16.18 -16.36
N LYS D 157 -7.14 -17.01 -16.17
CA LYS D 157 -8.43 -16.86 -16.83
C LYS D 157 -8.29 -17.11 -18.34
N TRP D 158 -9.28 -16.65 -19.11
CA TRP D 158 -9.31 -16.88 -20.55
C TRP D 158 -8.28 -16.05 -21.31
N GLY D 159 -7.52 -16.70 -22.18
CA GLY D 159 -6.49 -16.03 -22.94
C GLY D 159 -6.94 -15.61 -24.34
N PHE D 160 -8.25 -15.60 -24.55
CA PHE D 160 -8.78 -15.31 -25.88
C PHE D 160 -10.17 -14.71 -25.83
N LEU D 161 -10.60 -14.21 -26.99
CA LEU D 161 -11.95 -13.72 -27.18
C LEU D 161 -12.60 -14.55 -28.28
N PRO D 162 -13.88 -14.88 -28.12
CA PRO D 162 -14.57 -15.65 -29.17
C PRO D 162 -14.62 -14.85 -30.46
N CYS D 163 -14.51 -15.51 -31.62
CA CYS D 163 -14.60 -14.78 -32.88
C CYS D 163 -16.04 -14.32 -33.08
N ALA D 164 -16.20 -13.14 -33.68
CA ALA D 164 -17.54 -12.57 -33.88
C ALA D 164 -18.36 -13.46 -34.81
N GLY D 165 -17.68 -14.09 -35.76
CA GLY D 165 -18.31 -14.95 -36.73
C GLY D 165 -18.98 -16.18 -36.16
N HIS D 166 -18.57 -16.59 -34.96
CA HIS D 166 -19.11 -17.81 -34.36
C HIS D 166 -20.17 -17.53 -33.30
N LEU D 167 -20.35 -16.27 -32.93
CA LEU D 167 -21.33 -15.94 -31.91
C LEU D 167 -22.71 -15.85 -32.54
N GLN D 168 -23.67 -16.59 -32.00
CA GLN D 168 -24.97 -16.74 -32.67
C GLN D 168 -25.86 -15.50 -32.53
N PRO D 169 -26.30 -15.19 -31.29
CA PRO D 169 -27.23 -14.06 -31.28
C PRO D 169 -26.51 -12.75 -31.61
N PRO D 170 -26.99 -12.02 -32.63
CA PRO D 170 -26.40 -10.76 -33.09
C PRO D 170 -26.36 -9.76 -31.94
N GLU D 171 -27.33 -9.91 -31.05
CA GLU D 171 -27.49 -9.09 -29.86
C GLU D 171 -26.29 -9.19 -28.94
N SER D 172 -25.68 -10.37 -28.89
CA SER D 172 -24.56 -10.64 -27.99
C SER D 172 -23.20 -10.52 -28.66
N VAL D 173 -23.18 -10.38 -29.98
CA VAL D 173 -21.92 -10.42 -30.72
C VAL D 173 -20.94 -9.32 -30.32
N SER D 174 -21.41 -8.07 -30.28
CA SER D 174 -20.53 -6.94 -29.98
C SER D 174 -19.91 -7.04 -28.58
N ILE D 175 -20.70 -7.49 -27.62
CA ILE D 175 -20.24 -7.64 -26.24
C ILE D 175 -19.19 -8.74 -26.06
N LYS D 176 -19.55 -9.98 -26.40
CA LYS D 176 -18.67 -11.12 -26.15
C LYS D 176 -17.41 -11.10 -27.01
N SER D 177 -17.46 -10.40 -28.13
CA SER D 177 -16.31 -10.32 -29.00
C SER D 177 -15.30 -9.29 -28.49
N HIS D 178 -15.71 -8.42 -27.58
CA HIS D 178 -14.83 -7.36 -27.09
C HIS D 178 -14.61 -7.37 -25.58
N VAL D 179 -15.53 -7.97 -24.83
CA VAL D 179 -15.41 -8.01 -23.38
C VAL D 179 -15.09 -9.44 -22.91
N SER D 180 -13.99 -9.59 -22.18
CA SER D 180 -13.57 -10.91 -21.71
C SER D 180 -14.57 -11.47 -20.70
N ARG D 181 -14.62 -12.79 -20.58
CA ARG D 181 -15.51 -13.44 -19.63
C ARG D 181 -15.20 -12.99 -18.20
N PHE D 182 -13.93 -12.73 -17.93
CA PHE D 182 -13.53 -12.26 -16.63
C PHE D 182 -14.18 -10.91 -16.30
N ARG D 183 -14.10 -9.96 -17.24
CA ARG D 183 -14.75 -8.66 -17.04
C ARG D 183 -16.27 -8.83 -16.91
N LEU D 184 -16.84 -9.70 -17.75
CA LEU D 184 -18.26 -9.96 -17.72
C LEU D 184 -18.70 -10.62 -16.41
N HIS D 185 -17.91 -11.58 -15.94
CA HIS D 185 -18.24 -12.28 -14.71
C HIS D 185 -18.06 -11.41 -13.48
N GLN D 186 -17.02 -10.57 -13.48
CA GLN D 186 -16.80 -9.64 -12.37
C GLN D 186 -17.96 -8.67 -12.23
N HIS D 187 -18.45 -8.17 -13.37
CA HIS D 187 -19.58 -7.25 -13.35
C HIS D 187 -20.84 -7.96 -12.87
N PHE D 188 -21.05 -9.19 -13.33
CA PHE D 188 -22.25 -9.93 -12.94
C PHE D 188 -22.33 -10.14 -11.43
N ARG D 189 -21.19 -10.35 -10.78
CA ARG D 189 -21.20 -10.64 -9.35
C ARG D 189 -21.15 -9.37 -8.48
N GLY D 190 -21.24 -8.21 -9.11
CA GLY D 190 -21.34 -6.95 -8.39
C GLY D 190 -20.03 -6.32 -7.98
N ARG D 191 -18.93 -6.86 -8.48
CA ARG D 191 -17.61 -6.31 -8.19
C ARG D 191 -17.30 -5.18 -9.15
N ALA D 192 -16.13 -4.57 -9.01
CA ALA D 192 -15.76 -3.44 -9.86
C ALA D 192 -15.75 -3.88 -11.32
N ASP D 193 -16.42 -3.08 -12.15
CA ASP D 193 -16.61 -3.41 -13.56
C ASP D 193 -15.37 -3.19 -14.42
N ASP D 194 -14.32 -2.63 -13.81
CA ASP D 194 -13.08 -2.42 -14.53
C ASP D 194 -11.87 -2.83 -13.68
N PRO D 195 -11.63 -4.13 -13.59
CA PRO D 195 -10.51 -4.60 -12.75
C PRO D 195 -9.17 -4.31 -13.39
N PRO D 196 -8.15 -4.00 -12.56
CA PRO D 196 -6.81 -3.71 -13.09
C PRO D 196 -6.18 -4.90 -13.81
N TYR D 197 -6.62 -6.12 -13.54
CA TYR D 197 -6.08 -7.26 -14.26
C TYR D 197 -6.90 -7.58 -15.52
N ASP D 198 -6.21 -7.64 -16.66
CA ASP D 198 -6.81 -8.07 -17.91
C ASP D 198 -6.02 -9.23 -18.48
N PRO D 199 -6.65 -10.40 -18.62
CA PRO D 199 -6.01 -11.62 -19.08
C PRO D 199 -5.33 -11.46 -20.43
N LEU D 200 -5.92 -10.65 -21.29
CA LEU D 200 -5.39 -10.45 -22.63
C LEU D 200 -4.01 -9.81 -22.57
N ASP D 201 -3.78 -8.99 -21.56
CA ASP D 201 -2.45 -8.41 -21.32
C ASP D 201 -1.45 -9.50 -20.93
N LEU D 202 -1.87 -10.37 -20.03
CA LEU D 202 -0.98 -11.43 -19.56
C LEU D 202 -0.66 -12.40 -20.69
N PHE D 203 -1.65 -12.68 -21.53
CA PHE D 203 -1.49 -13.63 -22.63
C PHE D 203 -0.95 -12.99 -23.90
N SER D 204 -0.70 -11.68 -23.85
CA SER D 204 -0.28 -10.93 -25.03
C SER D 204 1.07 -11.37 -25.56
N GLY D 205 1.97 -11.73 -24.66
CA GLY D 205 3.32 -12.10 -25.06
C GLY D 205 4.19 -10.86 -25.12
N ASP D 206 3.58 -9.72 -24.82
CA ASP D 206 4.30 -8.45 -24.80
C ASP D 206 4.74 -8.16 -23.36
N LYS D 207 6.04 -7.97 -23.18
CA LYS D 207 6.65 -7.86 -21.86
C LYS D 207 6.03 -6.75 -21.02
N MSE D 208 5.77 -5.61 -21.66
CA MSE D 208 5.21 -4.47 -20.97
C MSE D 208 3.74 -4.70 -20.60
O MSE D 208 3.29 -4.29 -19.52
CB MSE D 208 5.33 -3.21 -21.84
CG MSE D 208 6.45 -2.28 -21.42
SE MSE D 208 6.78 -0.85 -22.73
CE MSE D 208 7.09 -1.95 -24.30
N ARG D 209 2.99 -5.35 -21.48
CA ARG D 209 1.59 -5.64 -21.20
C ARG D 209 1.46 -6.67 -20.08
N MSE D 210 2.35 -7.66 -20.09
CA MSE D 210 2.38 -8.69 -19.05
C MSE D 210 2.73 -8.09 -17.70
O MSE D 210 2.15 -8.46 -16.67
CB MSE D 210 3.38 -9.78 -19.41
CG MSE D 210 3.05 -10.52 -20.69
SE MSE D 210 4.46 -11.75 -21.18
CE MSE D 210 4.56 -12.74 -19.50
N ARG D 211 3.69 -7.17 -17.70
CA ARG D 211 4.05 -6.45 -16.49
C ARG D 211 2.83 -5.70 -15.93
N THR D 212 2.06 -5.08 -16.80
CA THR D 212 0.85 -4.38 -16.40
C THR D 212 -0.17 -5.34 -15.81
N ALA D 213 -0.27 -6.52 -16.41
CA ALA D 213 -1.21 -7.52 -15.93
C ALA D 213 -0.84 -7.97 -14.52
N LEU D 214 0.44 -8.22 -14.29
CA LEU D 214 0.91 -8.65 -12.97
C LEU D 214 0.69 -7.59 -11.90
N ASP D 215 0.93 -6.32 -12.25
CA ASP D 215 0.69 -5.22 -11.32
C ASP D 215 -0.79 -5.16 -10.96
N GLY D 216 -1.64 -5.47 -11.93
CA GLY D 216 -3.07 -5.48 -11.73
C GLY D 216 -3.48 -6.55 -10.73
N LEU D 217 -2.87 -7.73 -10.84
CA LEU D 217 -3.14 -8.81 -9.90
C LEU D 217 -2.70 -8.45 -8.49
N TRP D 218 -1.56 -7.76 -8.38
CA TRP D 218 -1.08 -7.29 -7.08
C TRP D 218 -2.08 -6.31 -6.48
N THR D 219 -2.63 -5.45 -7.34
CA THR D 219 -3.60 -4.45 -6.90
C THR D 219 -4.87 -5.08 -6.32
N MSE D 220 -5.45 -6.03 -7.06
CA MSE D 220 -6.66 -6.71 -6.59
C MSE D 220 -6.39 -7.51 -5.34
O MSE D 220 -7.27 -7.66 -4.48
CB MSE D 220 -7.22 -7.60 -7.69
CG MSE D 220 -7.58 -6.84 -8.95
SE MSE D 220 -8.34 -7.97 -10.33
CE MSE D 220 -10.02 -8.44 -9.45
N TRP D 221 -5.18 -8.02 -5.21
CA TRP D 221 -4.76 -8.73 -4.01
C TRP D 221 -4.76 -7.81 -2.81
N GLU D 222 -4.23 -6.60 -3.00
CA GLU D 222 -4.18 -5.60 -1.94
C GLU D 222 -5.58 -5.18 -1.49
N ILE D 223 -6.44 -4.90 -2.46
CA ILE D 223 -7.81 -4.44 -2.19
C ILE D 223 -8.63 -5.49 -1.46
N SER D 224 -8.42 -6.75 -1.79
CA SER D 224 -9.18 -7.84 -1.18
C SER D 224 -8.54 -8.30 0.12
N ARG D 225 -7.49 -7.58 0.53
CA ARG D 225 -6.74 -7.90 1.74
C ARG D 225 -6.20 -9.32 1.68
N GLY D 226 -5.76 -9.70 0.48
CA GLY D 226 -5.11 -10.98 0.25
C GLY D 226 -6.03 -12.19 0.18
N LYS D 227 -7.33 -11.95 0.13
CA LYS D 227 -8.30 -13.04 0.08
C LYS D 227 -8.75 -13.42 -1.33
N SER D 228 -8.34 -12.64 -2.33
CA SER D 228 -8.73 -12.95 -3.70
C SER D 228 -7.98 -14.20 -4.16
N ASN D 229 -8.69 -15.09 -4.84
CA ASN D 229 -8.14 -16.39 -5.21
C ASN D 229 -7.24 -16.36 -6.45
N ASN D 230 -7.31 -15.27 -7.22
CA ASN D 230 -6.52 -15.12 -8.44
C ASN D 230 -5.02 -14.99 -8.20
N TRP D 231 -4.64 -14.43 -7.07
CA TRP D 231 -3.23 -14.21 -6.75
C TRP D 231 -2.94 -14.69 -5.33
N LYS D 232 -2.04 -15.66 -5.20
CA LYS D 232 -1.63 -16.16 -3.88
C LYS D 232 -0.12 -16.19 -3.76
N VAL D 233 0.40 -15.67 -2.65
CA VAL D 233 1.83 -15.69 -2.42
C VAL D 233 2.26 -16.52 -1.21
N PHE D 234 3.18 -17.45 -1.44
CA PHE D 234 3.72 -18.29 -0.37
C PHE D 234 5.20 -18.08 -0.21
N ILE D 235 5.61 -17.67 0.98
CA ILE D 235 7.03 -17.51 1.27
C ILE D 235 7.43 -18.35 2.48
N GLY D 236 8.38 -19.25 2.28
CA GLY D 236 8.82 -20.11 3.35
C GLY D 236 7.68 -20.96 3.87
N SER D 237 6.78 -21.32 2.95
CA SER D 237 5.60 -22.16 3.20
C SER D 237 4.47 -21.39 3.89
N LYS D 238 4.68 -20.11 4.16
CA LYS D 238 3.65 -19.28 4.78
C LYS D 238 2.85 -18.45 3.76
N GLU D 239 1.53 -18.50 3.85
CA GLU D 239 0.68 -17.73 2.94
C GLU D 239 0.67 -16.27 3.36
N ILE D 240 1.24 -15.42 2.51
CA ILE D 240 1.49 -14.01 2.84
C ILE D 240 0.23 -13.15 2.72
N SER D 241 0.06 -12.23 3.67
CA SER D 241 -1.03 -11.26 3.62
C SER D 241 -0.47 -9.86 3.35
N PRO D 242 -1.33 -8.91 2.96
CA PRO D 242 -0.83 -7.54 2.75
C PRO D 242 -0.17 -6.97 4.00
N ASP D 243 -0.64 -7.36 5.17
CA ASP D 243 -0.09 -6.86 6.42
C ASP D 243 1.26 -7.48 6.76
N ASP D 244 1.51 -8.70 6.26
CA ASP D 244 2.83 -9.33 6.42
C ASP D 244 3.93 -8.58 5.69
N LEU D 245 3.57 -7.92 4.59
CA LEU D 245 4.52 -7.18 3.77
C LEU D 245 5.16 -6.04 4.56
N GLN D 246 4.37 -5.42 5.43
CA GLN D 246 4.83 -4.30 6.22
C GLN D 246 5.61 -4.82 7.43
N ARG D 247 5.39 -6.09 7.72
CA ARG D 247 6.10 -6.78 8.79
C ARG D 247 7.48 -7.30 8.40
N GLY D 248 8.47 -6.43 8.23
CA GLY D 248 9.84 -6.86 8.01
C GLY D 248 10.21 -8.18 8.68
N LEU D 249 9.71 -9.30 8.16
CA LEU D 249 10.02 -10.60 8.76
C LEU D 249 10.98 -11.40 7.90
N LEU D 250 11.38 -10.82 6.77
CA LEU D 250 12.25 -11.49 5.80
C LEU D 250 13.47 -10.63 5.50
N PRO D 251 14.51 -11.24 4.91
CA PRO D 251 15.70 -10.45 4.57
C PRO D 251 15.39 -9.35 3.55
N MSE D 252 14.29 -9.51 2.81
CA MSE D 252 13.82 -8.48 1.89
C MSE D 252 12.67 -7.67 2.47
O MSE D 252 11.76 -8.22 3.09
CB MSE D 252 13.36 -9.10 0.58
CG MSE D 252 14.46 -9.40 -0.40
SE MSE D 252 13.70 -9.77 -2.16
CE MSE D 252 15.37 -9.83 -3.18
N GLY D 253 12.70 -6.37 2.21
CA GLY D 253 11.59 -5.49 2.58
C GLY D 253 10.36 -5.76 1.72
N GLY D 254 9.22 -5.28 2.17
CA GLY D 254 7.97 -5.43 1.43
C GLY D 254 8.04 -5.03 -0.04
N ASP D 255 8.57 -3.84 -0.30
CA ASP D 255 8.61 -3.32 -1.67
C ASP D 255 9.52 -4.11 -2.59
N ASP D 256 10.67 -4.51 -2.07
CA ASP D 256 11.63 -5.28 -2.85
C ASP D 256 11.08 -6.67 -3.13
N LEU D 257 10.31 -7.16 -2.18
CA LEU D 257 9.70 -8.47 -2.30
C LEU D 257 8.63 -8.45 -3.40
N VAL D 258 7.80 -7.40 -3.41
CA VAL D 258 6.77 -7.28 -4.42
C VAL D 258 7.41 -7.12 -5.81
N THR D 259 8.42 -6.27 -5.88
CA THR D 259 9.13 -5.97 -7.11
C THR D 259 9.83 -7.21 -7.67
N ASN D 260 10.52 -7.93 -6.80
CA ASN D 260 11.21 -9.15 -7.22
C ASN D 260 10.27 -10.29 -7.61
N ILE D 261 9.17 -10.41 -6.88
CA ILE D 261 8.16 -11.43 -7.17
C ILE D 261 7.53 -11.18 -8.55
N THR D 262 7.26 -9.91 -8.83
CA THR D 262 6.72 -9.53 -10.14
C THR D 262 7.71 -9.92 -11.23
N GLN D 263 8.98 -9.62 -11.01
CA GLN D 263 10.06 -9.93 -11.95
C GLN D 263 10.27 -11.42 -12.14
N LEU D 264 10.19 -12.16 -11.04
CA LEU D 264 10.30 -13.61 -11.10
C LEU D 264 9.12 -14.21 -11.86
N THR D 265 7.92 -13.72 -11.56
CA THR D 265 6.71 -14.21 -12.22
C THR D 265 6.76 -13.90 -13.70
N LEU D 266 7.13 -12.67 -14.03
CA LEU D 266 7.20 -12.24 -15.42
C LEU D 266 8.20 -13.10 -16.20
N SER D 267 9.37 -13.31 -15.60
CA SER D 267 10.43 -14.11 -16.19
C SER D 267 10.05 -15.57 -16.35
N ALA D 268 9.42 -16.13 -15.32
CA ALA D 268 9.01 -17.53 -15.33
C ALA D 268 7.97 -17.77 -16.42
N LEU D 269 7.04 -16.83 -16.57
CA LEU D 269 6.00 -16.97 -17.58
C LEU D 269 6.57 -16.94 -19.00
N GLN D 270 7.58 -16.10 -19.24
CA GLN D 270 8.21 -16.04 -20.56
C GLN D 270 9.06 -17.26 -20.91
N THR D 271 9.91 -17.69 -19.98
CA THR D 271 10.77 -18.85 -20.23
C THR D 271 9.92 -20.11 -20.39
N SER D 272 8.83 -20.18 -19.65
CA SER D 272 7.91 -21.30 -19.77
C SER D 272 7.01 -21.11 -20.99
N SER D 273 6.58 -22.21 -21.58
CA SER D 273 5.71 -22.14 -22.74
C SER D 273 4.25 -22.17 -22.31
N ALA D 274 4.03 -22.01 -21.00
CA ALA D 274 2.73 -22.22 -20.37
C ALA D 274 1.57 -21.40 -20.93
N LEU D 275 1.75 -20.08 -21.04
CA LEU D 275 0.65 -19.22 -21.49
C LEU D 275 0.23 -19.47 -22.94
N PRO D 276 1.19 -19.54 -23.90
CA PRO D 276 0.74 -19.84 -25.27
C PRO D 276 0.11 -21.22 -25.36
N LEU D 277 0.65 -22.18 -24.63
CA LEU D 277 0.10 -23.53 -24.62
C LEU D 277 -1.31 -23.54 -24.05
N LEU D 278 -1.52 -22.78 -22.97
CA LEU D 278 -2.80 -22.72 -22.33
C LEU D 278 -3.84 -22.05 -23.24
N LYS D 279 -3.45 -20.97 -23.91
CA LYS D 279 -4.37 -20.26 -24.79
C LYS D 279 -4.83 -21.14 -25.94
N ASN D 280 -3.90 -21.89 -26.52
CA ASN D 280 -4.22 -22.81 -27.61
C ASN D 280 -5.17 -23.91 -27.15
N LEU D 281 -4.94 -24.43 -25.95
CA LEU D 281 -5.81 -25.47 -25.40
C LEU D 281 -7.20 -24.93 -25.12
N GLN D 282 -7.26 -23.72 -24.58
CA GLN D 282 -8.53 -23.08 -24.30
C GLN D 282 -9.33 -22.82 -25.57
N GLN D 283 -8.67 -22.25 -26.57
CA GLN D 283 -9.34 -21.88 -27.80
C GLN D 283 -9.71 -23.07 -28.68
N ASN D 284 -8.76 -23.97 -28.90
CA ASN D 284 -9.00 -25.10 -29.79
C ASN D 284 -10.09 -26.03 -29.26
N LEU D 285 -10.12 -26.23 -27.95
CA LEU D 285 -11.11 -27.08 -27.32
C LEU D 285 -12.48 -26.39 -27.21
N ASP D 286 -12.49 -25.08 -27.45
CA ASP D 286 -13.73 -24.30 -27.53
C ASP D 286 -13.68 -23.45 -28.81
N PRO D 287 -13.58 -24.11 -29.98
CA PRO D 287 -13.30 -23.44 -31.27
C PRO D 287 -14.42 -22.52 -31.71
N ILE D 288 -15.65 -22.94 -31.45
CA ILE D 288 -16.84 -22.15 -31.69
C ILE D 288 -17.39 -21.94 -30.29
N ASP D 289 -17.89 -20.73 -30.02
CA ASP D 289 -18.39 -20.38 -28.70
C ASP D 289 -19.42 -21.38 -28.16
N ILE D 290 -19.73 -21.29 -26.86
CA ILE D 290 -20.74 -22.14 -26.24
C ILE D 290 -22.13 -21.88 -26.84
N SER D 291 -22.35 -20.66 -27.33
CA SER D 291 -23.64 -20.30 -27.92
C SER D 291 -23.93 -21.13 -29.16
N SER D 292 -22.94 -21.26 -30.05
CA SER D 292 -23.08 -22.07 -31.25
C SER D 292 -23.15 -23.56 -30.95
N LEU D 293 -22.47 -23.99 -29.90
CA LEU D 293 -22.52 -25.40 -29.49
C LEU D 293 -23.93 -25.78 -29.06
N ALA D 294 -24.61 -24.83 -28.42
CA ALA D 294 -25.99 -25.03 -28.01
C ALA D 294 -26.90 -25.19 -29.24
N ALA D 295 -26.58 -24.46 -30.30
CA ALA D 295 -27.36 -24.55 -31.52
C ALA D 295 -27.24 -25.93 -32.13
N LEU D 296 -26.03 -26.46 -32.18
CA LEU D 296 -25.80 -27.80 -32.72
C LEU D 296 -26.51 -28.85 -31.89
N PHE D 297 -26.51 -28.66 -30.57
CA PHE D 297 -27.14 -29.64 -29.69
C PHE D 297 -28.65 -29.79 -29.88
N GLN D 298 -29.38 -28.67 -29.84
CA GLN D 298 -30.83 -28.71 -29.94
C GLN D 298 -31.31 -28.89 -31.39
N ALA D 299 -30.50 -28.43 -32.35
CA ALA D 299 -30.83 -28.62 -33.76
C ALA D 299 -30.94 -30.12 -34.03
N GLU D 300 -29.99 -30.88 -33.48
CA GLU D 300 -30.03 -32.32 -33.61
C GLU D 300 -31.00 -32.91 -32.59
N HIS D 301 -31.27 -32.16 -31.52
CA HIS D 301 -32.17 -32.67 -30.48
C HIS D 301 -33.26 -31.68 -30.03
N PRO D 302 -34.28 -31.42 -30.87
CA PRO D 302 -35.35 -30.49 -30.50
C PRO D 302 -36.20 -31.07 -29.38
N ASN D 303 -36.21 -32.41 -29.35
CA ASN D 303 -36.70 -33.24 -28.28
C ASN D 303 -36.86 -32.57 -26.92
N SER D 304 -35.69 -32.26 -26.37
CA SER D 304 -35.51 -31.94 -24.95
C SER D 304 -34.92 -30.53 -24.76
N PRO D 305 -34.98 -29.99 -23.52
CA PRO D 305 -34.37 -28.68 -23.25
C PRO D 305 -32.85 -28.68 -23.45
N ILE D 306 -32.29 -27.50 -23.66
CA ILE D 306 -30.88 -27.36 -24.01
C ILE D 306 -29.91 -27.96 -22.98
N PHE D 307 -28.98 -28.78 -23.49
CA PHE D 307 -27.96 -29.47 -22.71
C PHE D 307 -28.53 -30.25 -21.52
N ASP D 308 -29.64 -30.94 -21.74
CA ASP D 308 -30.27 -31.78 -20.73
C ASP D 308 -29.32 -32.89 -20.34
N PRO D 309 -29.06 -33.04 -19.03
CA PRO D 309 -28.11 -34.02 -18.48
C PRO D 309 -28.44 -35.46 -18.88
N ASP D 310 -29.72 -35.78 -19.02
CA ASP D 310 -30.13 -37.13 -19.40
C ASP D 310 -29.72 -37.51 -20.82
N LEU D 311 -29.44 -36.51 -21.66
CA LEU D 311 -29.00 -36.74 -23.03
C LEU D 311 -27.48 -36.72 -23.08
N ILE D 312 -26.87 -36.32 -21.96
CA ILE D 312 -25.42 -36.22 -21.88
C ILE D 312 -24.88 -37.34 -21.00
N ALA D 313 -24.28 -38.32 -21.65
CA ALA D 313 -23.72 -39.49 -20.96
C ALA D 313 -22.38 -39.17 -20.32
N GLU D 314 -22.03 -39.92 -19.29
CA GLU D 314 -20.74 -39.76 -18.64
C GLU D 314 -19.62 -40.14 -19.59
N VAL D 315 -18.46 -39.52 -19.42
CA VAL D 315 -17.31 -39.79 -20.29
C VAL D 315 -16.40 -40.81 -19.64
N SER D 316 -16.09 -41.87 -20.38
CA SER D 316 -15.15 -42.88 -19.90
C SER D 316 -13.74 -42.48 -20.26
N ALA D 317 -12.76 -43.09 -19.61
CA ALA D 317 -11.36 -42.81 -19.89
C ALA D 317 -11.01 -43.19 -21.33
N VAL D 318 -11.58 -44.29 -21.80
CA VAL D 318 -11.35 -44.74 -23.17
C VAL D 318 -11.90 -43.73 -24.18
N GLU D 319 -13.13 -43.25 -23.94
CA GLU D 319 -13.76 -42.25 -24.80
C GLU D 319 -13.00 -40.93 -24.74
N LEU D 320 -12.60 -40.54 -23.54
CA LEU D 320 -11.84 -39.31 -23.32
C LEU D 320 -10.51 -39.40 -24.07
N ASN D 321 -9.82 -40.53 -23.93
CA ASN D 321 -8.53 -40.72 -24.59
C ASN D 321 -8.66 -40.74 -26.11
N SER D 322 -9.76 -41.30 -26.60
CA SER D 322 -10.02 -41.37 -28.04
C SER D 322 -10.13 -39.97 -28.65
N PHE D 323 -10.89 -39.09 -28.00
CA PHE D 323 -11.00 -37.73 -28.52
C PHE D 323 -9.67 -36.99 -28.43
N VAL D 324 -8.96 -37.14 -27.32
CA VAL D 324 -7.68 -36.46 -27.14
C VAL D 324 -6.71 -36.92 -28.23
N ASP D 325 -6.75 -38.20 -28.58
CA ASP D 325 -5.91 -38.70 -29.66
C ASP D 325 -6.29 -38.05 -30.98
N ILE D 326 -7.60 -37.93 -31.22
CA ILE D 326 -8.13 -37.27 -32.40
C ILE D 326 -7.71 -35.78 -32.42
N TYR D 327 -7.80 -35.14 -31.26
CA TYR D 327 -7.48 -33.72 -31.12
C TYR D 327 -6.03 -33.43 -31.52
N ILE D 328 -5.10 -34.27 -31.05
CA ILE D 328 -3.67 -34.08 -31.29
C ILE D 328 -3.31 -34.14 -32.77
N SER D 329 -4.02 -34.98 -33.54
CA SER D 329 -3.79 -35.07 -34.97
C SER D 329 -4.10 -33.77 -35.69
N ASP D 330 -5.16 -33.09 -35.27
CA ASP D 330 -5.56 -31.81 -35.85
C ASP D 330 -6.30 -30.94 -34.83
N PRO D 331 -5.54 -30.13 -34.06
CA PRO D 331 -6.09 -29.31 -32.98
C PRO D 331 -7.08 -28.25 -33.46
N GLN D 332 -6.85 -27.68 -34.64
CA GLN D 332 -7.75 -26.63 -35.15
C GLN D 332 -8.93 -27.19 -35.97
N ALA D 333 -9.09 -28.50 -35.99
CA ALA D 333 -10.16 -29.11 -36.77
C ALA D 333 -11.54 -28.67 -36.29
N GLY D 334 -11.60 -28.30 -35.01
CA GLY D 334 -12.85 -27.91 -34.38
C GLY D 334 -13.55 -26.71 -35.00
N GLN D 335 -12.79 -25.87 -35.70
CA GLN D 335 -13.37 -24.70 -36.37
C GLN D 335 -14.33 -25.11 -37.48
N ARG D 336 -14.00 -26.21 -38.16
CA ARG D 336 -14.84 -26.71 -39.23
C ARG D 336 -16.12 -27.34 -38.69
N MSE D 337 -17.18 -27.34 -39.49
CA MSE D 337 -18.45 -27.92 -39.08
C MSE D 337 -18.56 -29.39 -39.47
O MSE D 337 -19.50 -30.08 -39.07
CB MSE D 337 -19.63 -27.14 -39.68
CG MSE D 337 -19.78 -25.73 -39.12
SE MSE D 337 -20.08 -25.69 -37.19
CE MSE D 337 -20.85 -23.90 -37.03
N ASP D 338 -17.60 -29.87 -40.25
CA ASP D 338 -17.63 -31.24 -40.75
C ASP D 338 -16.55 -32.11 -40.10
N SER D 339 -16.11 -31.71 -38.91
CA SER D 339 -15.03 -32.41 -38.24
C SER D 339 -15.52 -33.19 -37.04
N TRP D 340 -15.35 -32.62 -35.84
CA TRP D 340 -15.71 -33.32 -34.62
C TRP D 340 -17.22 -33.49 -34.52
N SER D 341 -17.63 -34.59 -33.91
CA SER D 341 -19.04 -34.85 -33.70
C SER D 341 -19.54 -33.98 -32.55
N LEU D 342 -20.86 -33.95 -32.38
CA LEU D 342 -21.46 -33.15 -31.33
C LEU D 342 -20.98 -33.66 -29.97
N ARG D 343 -20.97 -34.98 -29.82
CA ARG D 343 -20.53 -35.63 -28.59
C ARG D 343 -19.08 -35.28 -28.28
N GLU D 344 -18.26 -35.28 -29.33
CA GLU D 344 -16.85 -34.92 -29.18
C GLU D 344 -16.70 -33.46 -28.76
N ARG D 345 -17.59 -32.60 -29.25
CA ARG D 345 -17.54 -31.19 -28.93
C ARG D 345 -17.90 -30.95 -27.48
N ILE D 346 -18.86 -31.71 -26.98
CA ILE D 346 -19.25 -31.61 -25.58
C ILE D 346 -18.11 -32.08 -24.67
N ILE D 347 -17.41 -33.14 -25.08
CA ILE D 347 -16.25 -33.60 -24.33
C ILE D 347 -15.16 -32.54 -24.38
N ALA D 348 -14.94 -32.00 -25.58
CA ALA D 348 -13.93 -30.98 -25.80
C ALA D 348 -14.18 -29.74 -24.96
N TYR D 349 -15.44 -29.34 -24.88
CA TYR D 349 -15.82 -28.16 -24.12
C TYR D 349 -15.54 -28.38 -22.64
N ALA D 350 -15.73 -29.60 -22.17
CA ALA D 350 -15.43 -29.93 -20.77
C ALA D 350 -13.94 -29.79 -20.49
N LEU D 351 -13.10 -30.22 -21.43
CA LEU D 351 -11.66 -30.09 -21.30
C LEU D 351 -11.28 -28.62 -21.29
N SER D 352 -11.97 -27.85 -22.14
CA SER D 352 -11.72 -26.42 -22.26
C SER D 352 -11.97 -25.74 -20.93
N ALA D 353 -12.99 -26.22 -20.23
CA ALA D 353 -13.36 -25.66 -18.93
C ALA D 353 -12.25 -25.84 -17.90
N ILE D 354 -11.53 -26.96 -18.00
CA ILE D 354 -10.42 -27.24 -17.08
C ILE D 354 -9.29 -26.22 -17.25
N PHE D 355 -8.85 -26.02 -18.49
CA PHE D 355 -7.76 -25.10 -18.80
C PHE D 355 -8.15 -23.62 -18.66
N LYS D 356 -9.45 -23.31 -18.78
CA LYS D 356 -9.94 -21.97 -18.54
C LYS D 356 -9.89 -21.59 -17.06
N ASP D 357 -10.15 -22.57 -16.19
CA ASP D 357 -10.21 -22.33 -14.74
C ASP D 357 -8.97 -22.83 -13.98
N CYS D 358 -7.94 -23.23 -14.71
CA CYS D 358 -6.74 -23.80 -14.08
C CYS D 358 -5.84 -22.72 -13.47
N SER D 359 -4.78 -23.16 -12.82
CA SER D 359 -3.86 -22.23 -12.19
C SER D 359 -2.44 -22.43 -12.67
N LEU D 360 -1.64 -21.38 -12.55
CA LEU D 360 -0.23 -21.47 -12.90
C LEU D 360 0.56 -21.35 -11.61
N PHE D 361 1.58 -22.19 -11.49
CA PHE D 361 2.44 -22.25 -10.31
C PHE D 361 3.85 -21.85 -10.68
N VAL D 362 4.34 -20.82 -10.00
CA VAL D 362 5.68 -20.31 -10.21
C VAL D 362 6.53 -20.41 -8.95
N ARG D 363 7.67 -21.09 -9.06
CA ARG D 363 8.52 -21.32 -7.91
C ARG D 363 9.81 -20.53 -8.00
N GLY D 364 10.19 -19.93 -6.88
CA GLY D 364 11.43 -19.18 -6.80
C GLY D 364 12.14 -19.48 -5.50
N VAL D 365 13.38 -19.01 -5.40
CA VAL D 365 14.17 -19.17 -4.19
C VAL D 365 14.81 -17.84 -3.83
N LEU D 366 14.58 -17.40 -2.60
CA LEU D 366 15.21 -16.19 -2.10
C LEU D 366 16.54 -16.60 -1.46
N LYS D 367 17.65 -16.18 -2.07
CA LYS D 367 18.95 -16.70 -1.69
C LYS D 367 19.95 -15.64 -1.23
N HIS D 368 20.86 -16.08 -0.37
CA HIS D 368 21.91 -15.25 0.17
C HIS D 368 23.24 -15.81 -0.32
N ALA D 369 24.02 -15.00 -1.01
CA ALA D 369 25.25 -15.54 -1.61
C ALA D 369 26.27 -14.45 -1.96
N GLU D 370 27.53 -14.88 -1.99
CA GLU D 370 28.67 -14.02 -2.30
C GLU D 370 28.69 -12.66 -1.59
N ASP D 371 28.06 -11.66 -2.21
CA ASP D 371 28.13 -10.28 -1.72
C ASP D 371 27.42 -10.06 -0.39
N GLY D 372 26.52 -10.97 -0.03
CA GLY D 372 25.78 -10.79 1.21
C GLY D 372 24.44 -10.12 0.92
N ALA D 373 24.11 -10.03 -0.36
CA ALA D 373 22.85 -9.45 -0.78
C ALA D 373 21.87 -10.58 -1.05
N TRP D 374 20.59 -10.33 -0.79
CA TRP D 374 19.59 -11.35 -1.01
C TRP D 374 18.94 -11.15 -2.36
N ARG D 375 18.85 -12.24 -3.11
CA ARG D 375 18.32 -12.20 -4.45
C ARG D 375 17.26 -13.28 -4.66
N LEU D 376 16.29 -12.96 -5.51
CA LEU D 376 15.26 -13.91 -5.88
C LEU D 376 15.63 -14.57 -7.19
N VAL D 377 15.81 -15.88 -7.15
CA VAL D 377 16.39 -16.63 -8.24
C VAL D 377 15.44 -17.76 -8.67
N SER D 378 15.43 -18.07 -9.97
CA SER D 378 14.64 -19.19 -10.48
C SER D 378 15.47 -20.06 -11.40
N GLY D 379 15.34 -21.37 -11.26
CA GLY D 379 16.12 -22.31 -12.05
C GLY D 379 15.30 -23.44 -12.65
N GLY D 380 15.66 -23.86 -13.86
CA GLY D 380 15.05 -25.01 -14.50
C GLY D 380 13.54 -25.04 -14.65
N GLU D 381 12.92 -26.15 -14.26
CA GLU D 381 11.47 -26.28 -14.38
C GLU D 381 10.75 -25.74 -13.14
N SER D 382 10.69 -24.41 -13.07
CA SER D 382 10.05 -23.64 -11.99
C SER D 382 8.55 -23.41 -12.14
N VAL D 383 8.02 -23.66 -13.33
CA VAL D 383 6.62 -23.40 -13.64
C VAL D 383 5.79 -24.66 -13.82
N LYS D 384 4.62 -24.69 -13.19
CA LYS D 384 3.75 -25.85 -13.30
C LYS D 384 2.34 -25.41 -13.64
N VAL D 385 1.60 -26.26 -14.33
CA VAL D 385 0.19 -26.03 -14.57
C VAL D 385 -0.54 -26.95 -13.60
N ILE D 386 -1.31 -26.35 -12.68
CA ILE D 386 -1.99 -27.13 -11.66
C ILE D 386 -3.52 -26.95 -11.73
N ASP D 387 -4.22 -27.65 -10.82
CA ASP D 387 -5.68 -27.65 -10.75
C ASP D 387 -6.31 -28.14 -12.06
N LEU D 388 -5.90 -29.32 -12.48
CA LEU D 388 -6.32 -29.90 -13.76
C LEU D 388 -7.23 -31.11 -13.53
N ASP D 389 -8.02 -31.07 -12.47
CA ASP D 389 -8.94 -32.17 -12.20
C ASP D 389 -10.00 -32.18 -13.30
N LEU D 390 -10.58 -33.35 -13.54
CA LEU D 390 -11.61 -33.46 -14.57
C LEU D 390 -12.87 -32.72 -14.16
N LYS D 391 -13.57 -32.18 -15.14
CA LYS D 391 -14.82 -31.49 -14.89
C LYS D 391 -16.00 -32.30 -15.43
N PRO D 392 -17.11 -32.35 -14.67
CA PRO D 392 -18.29 -33.13 -15.03
C PRO D 392 -18.87 -32.67 -16.35
N VAL D 393 -19.04 -33.60 -17.29
CA VAL D 393 -19.54 -33.28 -18.62
C VAL D 393 -21.00 -32.81 -18.56
N LYS D 394 -21.72 -33.26 -17.54
CA LYS D 394 -23.13 -32.90 -17.36
C LYS D 394 -23.32 -31.44 -16.96
N ASN D 395 -22.23 -30.79 -16.58
CA ASN D 395 -22.32 -29.41 -16.07
C ASN D 395 -22.35 -28.37 -17.18
N ILE D 396 -22.28 -28.81 -18.42
CA ILE D 396 -22.26 -27.91 -19.57
C ILE D 396 -23.55 -27.10 -19.62
N GLN D 397 -24.63 -27.65 -19.09
CA GLN D 397 -25.89 -26.92 -19.02
C GLN D 397 -25.75 -25.66 -18.18
N LYS D 398 -25.12 -25.82 -17.02
CA LYS D 398 -24.88 -24.70 -16.10
C LYS D 398 -23.92 -23.68 -16.71
N TRP D 399 -22.90 -24.17 -17.42
CA TRP D 399 -21.92 -23.29 -18.04
C TRP D 399 -22.58 -22.45 -19.13
N ALA D 400 -23.42 -23.08 -19.94
CA ALA D 400 -24.15 -22.38 -21.00
C ALA D 400 -25.10 -21.35 -20.41
N GLU D 401 -25.74 -21.69 -19.30
CA GLU D 401 -26.64 -20.75 -18.63
C GLU D 401 -25.88 -19.59 -17.99
N THR D 402 -24.71 -19.86 -17.41
CA THR D 402 -23.89 -18.82 -16.80
C THR D 402 -23.46 -17.82 -17.86
N ASP D 403 -23.11 -18.34 -19.03
CA ASP D 403 -22.66 -17.50 -20.15
C ASP D 403 -23.76 -16.55 -20.61
N GLU D 404 -24.98 -17.06 -20.74
CA GLU D 404 -26.12 -16.26 -21.16
C GLU D 404 -26.42 -15.12 -20.19
N LYS D 405 -26.45 -15.47 -18.91
CA LYS D 405 -26.77 -14.54 -17.84
C LYS D 405 -25.78 -13.39 -17.85
N VAL D 406 -24.52 -13.74 -18.07
CA VAL D 406 -23.43 -12.81 -17.97
C VAL D 406 -23.35 -11.77 -19.10
N TRP D 407 -23.62 -12.17 -20.34
CA TRP D 407 -23.64 -11.18 -21.43
C TRP D 407 -24.94 -10.35 -21.43
N LYS D 408 -26.05 -10.99 -21.09
CA LYS D 408 -27.34 -10.30 -21.02
C LYS D 408 -27.33 -9.21 -19.96
N HIS D 409 -26.72 -9.52 -18.82
CA HIS D 409 -26.63 -8.56 -17.73
C HIS D 409 -25.77 -7.36 -18.14
N TRP D 410 -24.74 -7.62 -18.94
CA TRP D 410 -23.87 -6.56 -19.45
C TRP D 410 -24.65 -5.66 -20.41
N LEU D 411 -25.45 -6.26 -21.30
CA LEU D 411 -26.24 -5.47 -22.24
C LEU D 411 -27.25 -4.61 -21.49
N LYS D 412 -27.88 -5.21 -20.48
CA LYS D 412 -28.90 -4.56 -19.68
C LYS D 412 -28.40 -3.39 -18.85
N THR D 413 -27.18 -3.49 -18.32
CA THR D 413 -26.70 -2.49 -17.37
C THR D 413 -25.56 -1.61 -17.89
N LYS D 414 -24.72 -2.14 -18.78
CA LYS D 414 -23.54 -1.41 -19.19
C LYS D 414 -23.53 -1.00 -20.67
N GLY D 415 -24.15 -1.80 -21.52
CA GLY D 415 -24.20 -1.47 -22.93
C GLY D 415 -23.73 -2.57 -23.87
N THR D 416 -23.14 -2.17 -24.99
CA THR D 416 -22.78 -3.12 -26.04
C THR D 416 -21.28 -3.41 -26.13
N ARG D 417 -20.49 -2.80 -25.26
CA ARG D 417 -19.05 -3.02 -25.28
C ARG D 417 -18.38 -2.66 -23.96
S SO4 E . 21.17 15.15 -17.36
O1 SO4 E . 21.25 15.64 -18.73
O2 SO4 E . 19.85 15.44 -16.82
O3 SO4 E . 21.39 13.71 -17.35
O4 SO4 E . 22.19 15.80 -16.55
S SO4 F . 31.57 30.98 2.58
O1 SO4 F . 31.57 32.18 1.74
O2 SO4 F . 30.20 30.60 2.91
O3 SO4 F . 32.21 29.88 1.85
O4 SO4 F . 32.31 31.23 3.81
S SO4 G . -43.39 36.41 -21.77
O1 SO4 G . -44.03 37.62 -22.26
O2 SO4 G . -44.11 35.23 -22.26
O3 SO4 G . -42.01 36.37 -22.26
O4 SO4 G . -43.41 36.41 -20.30
S SO4 H . -29.28 41.54 -22.11
O1 SO4 H . -30.30 42.50 -21.66
O2 SO4 H . -29.76 40.85 -23.32
O3 SO4 H . -28.06 42.25 -22.44
O4 SO4 H . -29.02 40.58 -21.05
S SO4 I . 14.27 -18.64 33.99
O1 SO4 I . 13.17 -18.36 33.07
O2 SO4 I . 13.77 -19.44 35.12
O3 SO4 I . 14.81 -17.38 34.51
O4 SO4 I . 15.32 -19.38 33.29
S SO4 J . 22.90 -27.60 42.96
O1 SO4 J . 22.26 -26.39 42.48
O2 SO4 J . 22.34 -28.76 42.26
O3 SO4 J . 24.34 -27.54 42.71
O4 SO4 J . 22.67 -27.75 44.40
S SO4 K . 18.32 -20.85 26.17
O1 SO4 K . 17.36 -20.50 25.12
O2 SO4 K . 18.36 -19.79 27.17
O3 SO4 K . 19.65 -21.02 25.58
O4 SO4 K . 17.92 -22.10 26.80
S SO4 L . -17.70 -26.72 -12.47
O1 SO4 L . -17.53 -25.32 -12.10
O2 SO4 L . -18.79 -26.85 -13.44
O3 SO4 L . -16.47 -27.22 -13.07
O4 SO4 L . -18.00 -27.50 -11.28
S SO4 M . -3.44 -30.60 -9.16
O1 SO4 M . -3.17 -29.19 -8.85
O2 SO4 M . -4.86 -30.78 -9.47
O3 SO4 M . -2.64 -31.03 -10.30
O4 SO4 M . -3.10 -31.41 -7.99
#